data_1Y0K
# 
_entry.id   1Y0K 
# 
_audit_conform.dict_name       mmcif_pdbx.dic 
_audit_conform.dict_version    5.398 
_audit_conform.dict_location   http://mmcif.pdb.org/dictionaries/ascii/mmcif_pdbx.dic 
# 
loop_
_database_2.database_id 
_database_2.database_code 
_database_2.pdbx_database_accession 
_database_2.pdbx_DOI 
PDB   1Y0K         pdb_00001y0k 10.2210/pdb1y0k/pdb 
RCSB  RCSB030963   ?            ?                   
WWPDB D_1000030963 ?            ?                   
# 
loop_
_pdbx_audit_revision_history.ordinal 
_pdbx_audit_revision_history.data_content_type 
_pdbx_audit_revision_history.major_revision 
_pdbx_audit_revision_history.minor_revision 
_pdbx_audit_revision_history.revision_date 
1 'Structure model' 1 0 2005-01-18 
2 'Structure model' 1 1 2008-04-30 
3 'Structure model' 1 2 2011-07-13 
4 'Structure model' 1 3 2014-11-26 
5 'Structure model' 1 4 2024-10-30 
# 
_pdbx_audit_revision_details.ordinal             1 
_pdbx_audit_revision_details.revision_ordinal    1 
_pdbx_audit_revision_details.data_content_type   'Structure model' 
_pdbx_audit_revision_details.provider            repository 
_pdbx_audit_revision_details.type                'Initial release' 
_pdbx_audit_revision_details.description         ? 
_pdbx_audit_revision_details.details             ? 
# 
loop_
_pdbx_audit_revision_group.ordinal 
_pdbx_audit_revision_group.revision_ordinal 
_pdbx_audit_revision_group.data_content_type 
_pdbx_audit_revision_group.group 
1 2 'Structure model' 'Version format compliance' 
2 3 'Structure model' 'Source and taxonomy'       
3 3 'Structure model' 'Version format compliance' 
4 4 'Structure model' Other                       
5 5 'Structure model' 'Data collection'           
6 5 'Structure model' 'Database references'       
7 5 'Structure model' 'Derived calculations'      
8 5 'Structure model' 'Structure summary'         
# 
loop_
_pdbx_audit_revision_category.ordinal 
_pdbx_audit_revision_category.revision_ordinal 
_pdbx_audit_revision_category.data_content_type 
_pdbx_audit_revision_category.category 
1 5 'Structure model' chem_comp_atom            
2 5 'Structure model' chem_comp_bond            
3 5 'Structure model' database_2                
4 5 'Structure model' pdbx_entry_details        
5 5 'Structure model' pdbx_modification_feature 
6 5 'Structure model' struct_conn               
7 5 'Structure model' struct_ref_seq_dif        
# 
loop_
_pdbx_audit_revision_item.ordinal 
_pdbx_audit_revision_item.revision_ordinal 
_pdbx_audit_revision_item.data_content_type 
_pdbx_audit_revision_item.item 
1 5 'Structure model' '_database_2.pdbx_DOI'                
2 5 'Structure model' '_database_2.pdbx_database_accession' 
3 5 'Structure model' '_struct_conn.pdbx_leaving_atom_flag' 
4 5 'Structure model' '_struct_ref_seq_dif.details'         
# 
_pdbx_database_status.status_code                     REL 
_pdbx_database_status.entry_id                        1Y0K 
_pdbx_database_status.recvd_initial_deposition_date   2004-11-15 
_pdbx_database_status.deposit_site                    RCSB 
_pdbx_database_status.process_site                    RCSB 
_pdbx_database_status.status_code_sf                  REL 
_pdbx_database_status.status_code_mr                  ? 
_pdbx_database_status.SG_entry                        Y 
_pdbx_database_status.status_code_cs                  ? 
_pdbx_database_status.methods_development_category    ? 
_pdbx_database_status.pdb_format_compatible           Y 
_pdbx_database_status.status_code_nmr_data            ? 
# 
_pdbx_database_related.db_name        TargetDB 
_pdbx_database_related.db_id          APC5555 
_pdbx_database_related.details        . 
_pdbx_database_related.content_type   unspecified 
# 
loop_
_audit_author.name 
_audit_author.pdbx_ordinal 
'Nocek, B.P.'                                   1 
'Evdokimova, E.'                                2 
'Savchenko, A.'                                 3 
'Edwards, A.'                                   4 
'Joachimiak, A.'                                5 
'Midwest Center for Structural Genomics (MCSG)' 6 
# 
_citation.id                        primary 
_citation.title                     '1.75 A Crystal Structure of the Hypothetical Protein Pa4535 from Pseudomonas Aeruginosa' 
_citation.journal_abbrev            'To be Published' 
_citation.journal_volume            ? 
_citation.page_first                ? 
_citation.page_last                 ? 
_citation.year                      ? 
_citation.journal_id_ASTM           ? 
_citation.country                   ? 
_citation.journal_id_ISSN           ? 
_citation.journal_id_CSD            0353 
_citation.book_publisher            ? 
_citation.pdbx_database_id_PubMed   ? 
_citation.pdbx_database_id_DOI      ? 
# 
loop_
_citation_author.citation_id 
_citation_author.name 
_citation_author.ordinal 
_citation_author.identifier_ORCID 
primary 'Nocek, B.P.'                                   1 ? 
primary 'Evdokimova, E.'                                2 ? 
primary 'Savchenko, A.'                                 3 ? 
primary 'Edwards, A.'                                   4 ? 
primary 'Joachimiak, A.'                                5 ? 
primary 'Midwest Center for Structural Genomics (MCSG)' 6 ? 
# 
loop_
_entity.id 
_entity.type 
_entity.src_method 
_entity.pdbx_description 
_entity.formula_weight 
_entity.pdbx_number_of_molecules 
_entity.pdbx_ec 
_entity.pdbx_mutation 
_entity.pdbx_fragment 
_entity.details 
1 polymer man 'hypothetical protein PA4535' 24364.324 1   ? ? ? ? 
2 water   nat water                         18.015    191 ? ? ? ? 
# 
_entity_poly.entity_id                      1 
_entity_poly.type                           'polypeptide(L)' 
_entity_poly.nstd_linkage                   no 
_entity_poly.nstd_monomer                   yes 
_entity_poly.pdbx_seq_one_letter_code       
;(MSE)NEADYLRLLTRQAEQANDFLSNARKWDRERWVCQRFLEALNVPYRQEDFAAPGEQPPDVLFKGAGFEVFFVLDEG
RRLNEEWREELTRRRQAVSLRQLIRREERPQRIAAAELQARLAPTLRKKAHNYSERGIDHGELDLLAFVNLKRAVPDFNT
PFPPPTEYLRQGWRSLS(MSE)VGPTFARVLFAHSGAPEFLRANLGRSILFDAGVGL
;
_entity_poly.pdbx_seq_one_letter_code_can   
;MNEADYLRLLTRQAEQANDFLSNARKWDRERWVCQRFLEALNVPYRQEDFAAPGEQPPDVLFKGAGFEVFFVLDEGRRLN
EEWREELTRRRQAVSLRQLIRREERPQRIAAAELQARLAPTLRKKAHNYSERGIDHGELDLLAFVNLKRAVPDFNTPFPP
PTEYLRQGWRSLSMVGPTFARVLFAHSGAPEFLRANLGRSILFDAGVGL
;
_entity_poly.pdbx_strand_id                 A 
_entity_poly.pdbx_target_identifier         APC5555 
# 
_pdbx_entity_nonpoly.entity_id   2 
_pdbx_entity_nonpoly.name        water 
_pdbx_entity_nonpoly.comp_id     HOH 
# 
loop_
_entity_poly_seq.entity_id 
_entity_poly_seq.num 
_entity_poly_seq.mon_id 
_entity_poly_seq.hetero 
1 1   MSE n 
1 2   ASN n 
1 3   GLU n 
1 4   ALA n 
1 5   ASP n 
1 6   TYR n 
1 7   LEU n 
1 8   ARG n 
1 9   LEU n 
1 10  LEU n 
1 11  THR n 
1 12  ARG n 
1 13  GLN n 
1 14  ALA n 
1 15  GLU n 
1 16  GLN n 
1 17  ALA n 
1 18  ASN n 
1 19  ASP n 
1 20  PHE n 
1 21  LEU n 
1 22  SER n 
1 23  ASN n 
1 24  ALA n 
1 25  ARG n 
1 26  LYS n 
1 27  TRP n 
1 28  ASP n 
1 29  ARG n 
1 30  GLU n 
1 31  ARG n 
1 32  TRP n 
1 33  VAL n 
1 34  CYS n 
1 35  GLN n 
1 36  ARG n 
1 37  PHE n 
1 38  LEU n 
1 39  GLU n 
1 40  ALA n 
1 41  LEU n 
1 42  ASN n 
1 43  VAL n 
1 44  PRO n 
1 45  TYR n 
1 46  ARG n 
1 47  GLN n 
1 48  GLU n 
1 49  ASP n 
1 50  PHE n 
1 51  ALA n 
1 52  ALA n 
1 53  PRO n 
1 54  GLY n 
1 55  GLU n 
1 56  GLN n 
1 57  PRO n 
1 58  PRO n 
1 59  ASP n 
1 60  VAL n 
1 61  LEU n 
1 62  PHE n 
1 63  LYS n 
1 64  GLY n 
1 65  ALA n 
1 66  GLY n 
1 67  PHE n 
1 68  GLU n 
1 69  VAL n 
1 70  PHE n 
1 71  PHE n 
1 72  VAL n 
1 73  LEU n 
1 74  ASP n 
1 75  GLU n 
1 76  GLY n 
1 77  ARG n 
1 78  ARG n 
1 79  LEU n 
1 80  ASN n 
1 81  GLU n 
1 82  GLU n 
1 83  TRP n 
1 84  ARG n 
1 85  GLU n 
1 86  GLU n 
1 87  LEU n 
1 88  THR n 
1 89  ARG n 
1 90  ARG n 
1 91  ARG n 
1 92  GLN n 
1 93  ALA n 
1 94  VAL n 
1 95  SER n 
1 96  LEU n 
1 97  ARG n 
1 98  GLN n 
1 99  LEU n 
1 100 ILE n 
1 101 ARG n 
1 102 ARG n 
1 103 GLU n 
1 104 GLU n 
1 105 ARG n 
1 106 PRO n 
1 107 GLN n 
1 108 ARG n 
1 109 ILE n 
1 110 ALA n 
1 111 ALA n 
1 112 ALA n 
1 113 GLU n 
1 114 LEU n 
1 115 GLN n 
1 116 ALA n 
1 117 ARG n 
1 118 LEU n 
1 119 ALA n 
1 120 PRO n 
1 121 THR n 
1 122 LEU n 
1 123 ARG n 
1 124 LYS n 
1 125 LYS n 
1 126 ALA n 
1 127 HIS n 
1 128 ASN n 
1 129 TYR n 
1 130 SER n 
1 131 GLU n 
1 132 ARG n 
1 133 GLY n 
1 134 ILE n 
1 135 ASP n 
1 136 HIS n 
1 137 GLY n 
1 138 GLU n 
1 139 LEU n 
1 140 ASP n 
1 141 LEU n 
1 142 LEU n 
1 143 ALA n 
1 144 PHE n 
1 145 VAL n 
1 146 ASN n 
1 147 LEU n 
1 148 LYS n 
1 149 ARG n 
1 150 ALA n 
1 151 VAL n 
1 152 PRO n 
1 153 ASP n 
1 154 PHE n 
1 155 ASN n 
1 156 THR n 
1 157 PRO n 
1 158 PHE n 
1 159 PRO n 
1 160 PRO n 
1 161 PRO n 
1 162 THR n 
1 163 GLU n 
1 164 TYR n 
1 165 LEU n 
1 166 ARG n 
1 167 GLN n 
1 168 GLY n 
1 169 TRP n 
1 170 ARG n 
1 171 SER n 
1 172 LEU n 
1 173 SER n 
1 174 MSE n 
1 175 VAL n 
1 176 GLY n 
1 177 PRO n 
1 178 THR n 
1 179 PHE n 
1 180 ALA n 
1 181 ARG n 
1 182 VAL n 
1 183 LEU n 
1 184 PHE n 
1 185 ALA n 
1 186 HIS n 
1 187 SER n 
1 188 GLY n 
1 189 ALA n 
1 190 PRO n 
1 191 GLU n 
1 192 PHE n 
1 193 LEU n 
1 194 ARG n 
1 195 ALA n 
1 196 ASN n 
1 197 LEU n 
1 198 GLY n 
1 199 ARG n 
1 200 SER n 
1 201 ILE n 
1 202 LEU n 
1 203 PHE n 
1 204 ASP n 
1 205 ALA n 
1 206 GLY n 
1 207 VAL n 
1 208 GLY n 
1 209 LEU n 
# 
_entity_src_gen.entity_id                          1 
_entity_src_gen.pdbx_src_id                        1 
_entity_src_gen.pdbx_alt_source_flag               sample 
_entity_src_gen.pdbx_seq_type                      ? 
_entity_src_gen.pdbx_beg_seq_num                   ? 
_entity_src_gen.pdbx_end_seq_num                   ? 
_entity_src_gen.gene_src_common_name               ? 
_entity_src_gen.gene_src_genus                     Pseudomonas 
_entity_src_gen.pdbx_gene_src_gene                 PA4535 
_entity_src_gen.gene_src_species                   'Pseudomonas aeruginosa' 
_entity_src_gen.gene_src_strain                    PAO1 
_entity_src_gen.gene_src_tissue                    ? 
_entity_src_gen.gene_src_tissue_fraction           ? 
_entity_src_gen.gene_src_details                   ? 
_entity_src_gen.pdbx_gene_src_fragment             ? 
_entity_src_gen.pdbx_gene_src_scientific_name      'Pseudomonas aeruginosa' 
_entity_src_gen.pdbx_gene_src_ncbi_taxonomy_id     208964 
_entity_src_gen.pdbx_gene_src_variant              ? 
_entity_src_gen.pdbx_gene_src_cell_line            ? 
_entity_src_gen.pdbx_gene_src_atcc                 ? 
_entity_src_gen.pdbx_gene_src_organ                ? 
_entity_src_gen.pdbx_gene_src_organelle            ? 
_entity_src_gen.pdbx_gene_src_cell                 ? 
_entity_src_gen.pdbx_gene_src_cellular_location    ? 
_entity_src_gen.host_org_common_name               ? 
_entity_src_gen.pdbx_host_org_scientific_name      'Escherichia coli BL21(DE3)' 
_entity_src_gen.pdbx_host_org_ncbi_taxonomy_id     469008 
_entity_src_gen.host_org_genus                     Escherichia 
_entity_src_gen.pdbx_host_org_gene                 ? 
_entity_src_gen.pdbx_host_org_organ                ? 
_entity_src_gen.host_org_species                   'Escherichia coli' 
_entity_src_gen.pdbx_host_org_tissue               ? 
_entity_src_gen.pdbx_host_org_tissue_fraction      ? 
_entity_src_gen.pdbx_host_org_strain               'BL21(DE3)' 
_entity_src_gen.pdbx_host_org_variant              ? 
_entity_src_gen.pdbx_host_org_cell_line            ? 
_entity_src_gen.pdbx_host_org_atcc                 ? 
_entity_src_gen.pdbx_host_org_culture_collection   ? 
_entity_src_gen.pdbx_host_org_cell                 ? 
_entity_src_gen.pdbx_host_org_organelle            ? 
_entity_src_gen.pdbx_host_org_cellular_location    ? 
_entity_src_gen.pdbx_host_org_vector_type          plasmid 
_entity_src_gen.pdbx_host_org_vector               ? 
_entity_src_gen.host_org_details                   ? 
_entity_src_gen.expression_system_id               ? 
_entity_src_gen.plasmid_name                       pET15b 
_entity_src_gen.plasmid_details                    ? 
_entity_src_gen.pdbx_description                   ? 
# 
loop_
_chem_comp.id 
_chem_comp.type 
_chem_comp.mon_nstd_flag 
_chem_comp.name 
_chem_comp.pdbx_synonyms 
_chem_comp.formula 
_chem_comp.formula_weight 
ALA 'L-peptide linking' y ALANINE          ? 'C3 H7 N O2'     89.093  
ARG 'L-peptide linking' y ARGININE         ? 'C6 H15 N4 O2 1' 175.209 
ASN 'L-peptide linking' y ASPARAGINE       ? 'C4 H8 N2 O3'    132.118 
ASP 'L-peptide linking' y 'ASPARTIC ACID'  ? 'C4 H7 N O4'     133.103 
CYS 'L-peptide linking' y CYSTEINE         ? 'C3 H7 N O2 S'   121.158 
GLN 'L-peptide linking' y GLUTAMINE        ? 'C5 H10 N2 O3'   146.144 
GLU 'L-peptide linking' y 'GLUTAMIC ACID'  ? 'C5 H9 N O4'     147.129 
GLY 'peptide linking'   y GLYCINE          ? 'C2 H5 N O2'     75.067  
HIS 'L-peptide linking' y HISTIDINE        ? 'C6 H10 N3 O2 1' 156.162 
HOH non-polymer         . WATER            ? 'H2 O'           18.015  
ILE 'L-peptide linking' y ISOLEUCINE       ? 'C6 H13 N O2'    131.173 
LEU 'L-peptide linking' y LEUCINE          ? 'C6 H13 N O2'    131.173 
LYS 'L-peptide linking' y LYSINE           ? 'C6 H15 N2 O2 1' 147.195 
MET 'L-peptide linking' y METHIONINE       ? 'C5 H11 N O2 S'  149.211 
MSE 'L-peptide linking' n SELENOMETHIONINE ? 'C5 H11 N O2 Se' 196.106 
PHE 'L-peptide linking' y PHENYLALANINE    ? 'C9 H11 N O2'    165.189 
PRO 'L-peptide linking' y PROLINE          ? 'C5 H9 N O2'     115.130 
SER 'L-peptide linking' y SERINE           ? 'C3 H7 N O3'     105.093 
THR 'L-peptide linking' y THREONINE        ? 'C4 H9 N O3'     119.119 
TRP 'L-peptide linking' y TRYPTOPHAN       ? 'C11 H12 N2 O2'  204.225 
TYR 'L-peptide linking' y TYROSINE         ? 'C9 H11 N O3'    181.189 
VAL 'L-peptide linking' y VALINE           ? 'C5 H11 N O2'    117.146 
# 
loop_
_pdbx_poly_seq_scheme.asym_id 
_pdbx_poly_seq_scheme.entity_id 
_pdbx_poly_seq_scheme.seq_id 
_pdbx_poly_seq_scheme.mon_id 
_pdbx_poly_seq_scheme.ndb_seq_num 
_pdbx_poly_seq_scheme.pdb_seq_num 
_pdbx_poly_seq_scheme.auth_seq_num 
_pdbx_poly_seq_scheme.pdb_mon_id 
_pdbx_poly_seq_scheme.auth_mon_id 
_pdbx_poly_seq_scheme.pdb_strand_id 
_pdbx_poly_seq_scheme.pdb_ins_code 
_pdbx_poly_seq_scheme.hetero 
A 1 1   MSE 1   1   1   MSE MSE A . n 
A 1 2   ASN 2   2   2   ASN ASN A . n 
A 1 3   GLU 3   3   3   GLU GLU A . n 
A 1 4   ALA 4   4   4   ALA ALA A . n 
A 1 5   ASP 5   5   5   ASP ASP A . n 
A 1 6   TYR 6   6   6   TYR TYR A . n 
A 1 7   LEU 7   7   7   LEU LEU A . n 
A 1 8   ARG 8   8   8   ARG ARG A . n 
A 1 9   LEU 9   9   9   LEU LEU A . n 
A 1 10  LEU 10  10  10  LEU LEU A . n 
A 1 11  THR 11  11  11  THR THR A . n 
A 1 12  ARG 12  12  12  ARG ARG A . n 
A 1 13  GLN 13  13  13  GLN GLN A . n 
A 1 14  ALA 14  14  14  ALA ALA A . n 
A 1 15  GLU 15  15  15  GLU GLU A . n 
A 1 16  GLN 16  16  16  GLN GLN A . n 
A 1 17  ALA 17  17  17  ALA ALA A . n 
A 1 18  ASN 18  18  18  ASN ASN A . n 
A 1 19  ASP 19  19  19  ASP ASP A . n 
A 1 20  PHE 20  20  20  PHE PHE A . n 
A 1 21  LEU 21  21  21  LEU LEU A . n 
A 1 22  SER 22  22  22  SER SER A . n 
A 1 23  ASN 23  23  23  ASN ASN A . n 
A 1 24  ALA 24  24  24  ALA ALA A . n 
A 1 25  ARG 25  25  25  ARG ARG A . n 
A 1 26  LYS 26  26  26  LYS LYS A . n 
A 1 27  TRP 27  27  27  TRP TRP A . n 
A 1 28  ASP 28  28  28  ASP ASP A . n 
A 1 29  ARG 29  29  29  ARG ARG A . n 
A 1 30  GLU 30  30  30  GLU GLU A . n 
A 1 31  ARG 31  31  31  ARG ARG A . n 
A 1 32  TRP 32  32  32  TRP TRP A . n 
A 1 33  VAL 33  33  33  VAL VAL A . n 
A 1 34  CYS 34  34  34  CYS CYS A . n 
A 1 35  GLN 35  35  35  GLN GLN A . n 
A 1 36  ARG 36  36  36  ARG ARG A . n 
A 1 37  PHE 37  37  37  PHE PHE A . n 
A 1 38  LEU 38  38  38  LEU LEU A . n 
A 1 39  GLU 39  39  39  GLU GLU A . n 
A 1 40  ALA 40  40  40  ALA ALA A . n 
A 1 41  LEU 41  41  41  LEU LEU A . n 
A 1 42  ASN 42  42  42  ASN ASN A . n 
A 1 43  VAL 43  43  43  VAL VAL A . n 
A 1 44  PRO 44  44  44  PRO PRO A . n 
A 1 45  TYR 45  45  45  TYR TYR A . n 
A 1 46  ARG 46  46  46  ARG ARG A . n 
A 1 47  GLN 47  47  47  GLN GLN A . n 
A 1 48  GLU 48  48  48  GLU GLU A . n 
A 1 49  ASP 49  49  49  ASP ASP A . n 
A 1 50  PHE 50  50  50  PHE PHE A . n 
A 1 51  ALA 51  51  51  ALA ALA A . n 
A 1 52  ALA 52  52  52  ALA ALA A . n 
A 1 53  PRO 53  53  53  PRO PRO A . n 
A 1 54  GLY 54  54  54  GLY GLY A . n 
A 1 55  GLU 55  55  55  GLU GLU A . n 
A 1 56  GLN 56  56  56  GLN GLN A . n 
A 1 57  PRO 57  57  57  PRO PRO A . n 
A 1 58  PRO 58  58  58  PRO PRO A . n 
A 1 59  ASP 59  59  59  ASP ASP A . n 
A 1 60  VAL 60  60  60  VAL VAL A . n 
A 1 61  LEU 61  61  61  LEU LEU A . n 
A 1 62  PHE 62  62  62  PHE PHE A . n 
A 1 63  LYS 63  63  63  LYS LYS A . n 
A 1 64  GLY 64  64  64  GLY GLY A . n 
A 1 65  ALA 65  65  65  ALA ALA A . n 
A 1 66  GLY 66  66  66  GLY GLY A . n 
A 1 67  PHE 67  67  67  PHE PHE A . n 
A 1 68  GLU 68  68  68  GLU GLU A . n 
A 1 69  VAL 69  69  69  VAL VAL A . n 
A 1 70  PHE 70  70  70  PHE PHE A . n 
A 1 71  PHE 71  71  71  PHE PHE A . n 
A 1 72  VAL 72  72  72  VAL VAL A . n 
A 1 73  LEU 73  73  73  LEU LEU A . n 
A 1 74  ASP 74  74  74  ASP ASP A . n 
A 1 75  GLU 75  75  75  GLU GLU A . n 
A 1 76  GLY 76  76  ?   ?   ?   A . n 
A 1 77  ARG 77  77  ?   ?   ?   A . n 
A 1 78  ARG 78  78  ?   ?   ?   A . n 
A 1 79  LEU 79  79  ?   ?   ?   A . n 
A 1 80  ASN 80  80  ?   ?   ?   A . n 
A 1 81  GLU 81  81  ?   ?   ?   A . n 
A 1 82  GLU 82  82  ?   ?   ?   A . n 
A 1 83  TRP 83  83  ?   ?   ?   A . n 
A 1 84  ARG 84  84  ?   ?   ?   A . n 
A 1 85  GLU 85  85  ?   ?   ?   A . n 
A 1 86  GLU 86  86  ?   ?   ?   A . n 
A 1 87  LEU 87  87  ?   ?   ?   A . n 
A 1 88  THR 88  88  ?   ?   ?   A . n 
A 1 89  ARG 89  89  ?   ?   ?   A . n 
A 1 90  ARG 90  90  ?   ?   ?   A . n 
A 1 91  ARG 91  91  ?   ?   ?   A . n 
A 1 92  GLN 92  92  ?   ?   ?   A . n 
A 1 93  ALA 93  93  ?   ?   ?   A . n 
A 1 94  VAL 94  94  ?   ?   ?   A . n 
A 1 95  SER 95  95  ?   ?   ?   A . n 
A 1 96  LEU 96  96  ?   ?   ?   A . n 
A 1 97  ARG 97  97  ?   ?   ?   A . n 
A 1 98  GLN 98  98  ?   ?   ?   A . n 
A 1 99  LEU 99  99  ?   ?   ?   A . n 
A 1 100 ILE 100 100 ?   ?   ?   A . n 
A 1 101 ARG 101 101 ?   ?   ?   A . n 
A 1 102 ARG 102 102 ?   ?   ?   A . n 
A 1 103 GLU 103 103 ?   ?   ?   A . n 
A 1 104 GLU 104 104 ?   ?   ?   A . n 
A 1 105 ARG 105 105 105 ARG ARG A . n 
A 1 106 PRO 106 106 106 PRO PRO A . n 
A 1 107 GLN 107 107 107 GLN GLN A . n 
A 1 108 ARG 108 108 108 ARG ARG A . n 
A 1 109 ILE 109 109 109 ILE ILE A . n 
A 1 110 ALA 110 110 110 ALA ALA A . n 
A 1 111 ALA 111 111 111 ALA ALA A . n 
A 1 112 ALA 112 112 112 ALA ALA A . n 
A 1 113 GLU 113 113 113 GLU GLU A . n 
A 1 114 LEU 114 114 114 LEU LEU A . n 
A 1 115 GLN 115 115 115 GLN GLN A . n 
A 1 116 ALA 116 116 116 ALA ALA A . n 
A 1 117 ARG 117 117 117 ARG ARG A . n 
A 1 118 LEU 118 118 118 LEU LEU A . n 
A 1 119 ALA 119 119 119 ALA ALA A . n 
A 1 120 PRO 120 120 120 PRO PRO A . n 
A 1 121 THR 121 121 121 THR THR A . n 
A 1 122 LEU 122 122 122 LEU LEU A . n 
A 1 123 ARG 123 123 123 ARG ARG A . n 
A 1 124 LYS 124 124 124 LYS LYS A . n 
A 1 125 LYS 125 125 125 LYS LYS A . n 
A 1 126 ALA 126 126 126 ALA ALA A . n 
A 1 127 HIS 127 127 127 HIS HIS A . n 
A 1 128 ASN 128 128 128 ASN ASN A . n 
A 1 129 TYR 129 129 129 TYR TYR A . n 
A 1 130 SER 130 130 130 SER SER A . n 
A 1 131 GLU 131 131 131 GLU GLU A . n 
A 1 132 ARG 132 132 132 ARG ARG A . n 
A 1 133 GLY 133 133 133 GLY GLY A . n 
A 1 134 ILE 134 134 134 ILE ILE A . n 
A 1 135 ASP 135 135 135 ASP ASP A . n 
A 1 136 HIS 136 136 136 HIS HIS A . n 
A 1 137 GLY 137 137 137 GLY GLY A . n 
A 1 138 GLU 138 138 138 GLU GLU A . n 
A 1 139 LEU 139 139 139 LEU LEU A . n 
A 1 140 ASP 140 140 140 ASP ASP A . n 
A 1 141 LEU 141 141 141 LEU LEU A . n 
A 1 142 LEU 142 142 142 LEU LEU A . n 
A 1 143 ALA 143 143 143 ALA ALA A . n 
A 1 144 PHE 144 144 144 PHE PHE A . n 
A 1 145 VAL 145 145 145 VAL VAL A . n 
A 1 146 ASN 146 146 146 ASN ASN A . n 
A 1 147 LEU 147 147 147 LEU LEU A . n 
A 1 148 LYS 148 148 148 LYS LYS A . n 
A 1 149 ARG 149 149 149 ARG ARG A . n 
A 1 150 ALA 150 150 150 ALA ALA A . n 
A 1 151 VAL 151 151 151 VAL VAL A . n 
A 1 152 PRO 152 152 152 PRO PRO A . n 
A 1 153 ASP 153 153 153 ASP ASP A . n 
A 1 154 PHE 154 154 154 PHE PHE A . n 
A 1 155 ASN 155 155 155 ASN ASN A . n 
A 1 156 THR 156 156 156 THR THR A . n 
A 1 157 PRO 157 157 157 PRO PRO A . n 
A 1 158 PHE 158 158 158 PHE PHE A . n 
A 1 159 PRO 159 159 159 PRO PRO A . n 
A 1 160 PRO 160 160 160 PRO PRO A . n 
A 1 161 PRO 161 161 161 PRO PRO A . n 
A 1 162 THR 162 162 162 THR THR A . n 
A 1 163 GLU 163 163 163 GLU GLU A . n 
A 1 164 TYR 164 164 164 TYR TYR A . n 
A 1 165 LEU 165 165 165 LEU LEU A . n 
A 1 166 ARG 166 166 166 ARG ARG A . n 
A 1 167 GLN 167 167 167 GLN GLN A . n 
A 1 168 GLY 168 168 168 GLY GLY A . n 
A 1 169 TRP 169 169 169 TRP TRP A . n 
A 1 170 ARG 170 170 170 ARG ARG A . n 
A 1 171 SER 171 171 171 SER SER A . n 
A 1 172 LEU 172 172 172 LEU LEU A . n 
A 1 173 SER 173 173 173 SER SER A . n 
A 1 174 MSE 174 174 174 MSE MSE A . n 
A 1 175 VAL 175 175 175 VAL VAL A . n 
A 1 176 GLY 176 176 176 GLY GLY A . n 
A 1 177 PRO 177 177 177 PRO PRO A . n 
A 1 178 THR 178 178 178 THR THR A . n 
A 1 179 PHE 179 179 179 PHE PHE A . n 
A 1 180 ALA 180 180 180 ALA ALA A . n 
A 1 181 ARG 181 181 181 ARG ARG A . n 
A 1 182 VAL 182 182 182 VAL VAL A . n 
A 1 183 LEU 183 183 183 LEU LEU A . n 
A 1 184 PHE 184 184 184 PHE PHE A . n 
A 1 185 ALA 185 185 185 ALA ALA A . n 
A 1 186 HIS 186 186 186 HIS HIS A . n 
A 1 187 SER 187 187 187 SER SER A . n 
A 1 188 GLY 188 188 188 GLY GLY A . n 
A 1 189 ALA 189 189 189 ALA ALA A . n 
A 1 190 PRO 190 190 190 PRO PRO A . n 
A 1 191 GLU 191 191 191 GLU GLU A . n 
A 1 192 PHE 192 192 192 PHE PHE A . n 
A 1 193 LEU 193 193 193 LEU LEU A . n 
A 1 194 ARG 194 194 194 ARG ARG A . n 
A 1 195 ALA 195 195 195 ALA ALA A . n 
A 1 196 ASN 196 196 196 ASN ASN A . n 
A 1 197 LEU 197 197 197 LEU LEU A . n 
A 1 198 GLY 198 198 198 GLY GLY A . n 
A 1 199 ARG 199 199 199 ARG ARG A . n 
A 1 200 SER 200 200 200 SER SER A . n 
A 1 201 ILE 201 201 201 ILE ILE A . n 
A 1 202 LEU 202 202 202 LEU LEU A . n 
A 1 203 PHE 203 203 203 PHE PHE A . n 
A 1 204 ASP 204 204 204 ASP ASP A . n 
A 1 205 ALA 205 205 205 ALA ALA A . n 
A 1 206 GLY 206 206 206 GLY GLY A . n 
A 1 207 VAL 207 207 207 VAL VAL A . n 
A 1 208 GLY 208 208 208 GLY GLY A . n 
A 1 209 LEU 209 209 209 LEU LEU A . n 
# 
loop_
_pdbx_nonpoly_scheme.asym_id 
_pdbx_nonpoly_scheme.entity_id 
_pdbx_nonpoly_scheme.mon_id 
_pdbx_nonpoly_scheme.ndb_seq_num 
_pdbx_nonpoly_scheme.pdb_seq_num 
_pdbx_nonpoly_scheme.auth_seq_num 
_pdbx_nonpoly_scheme.pdb_mon_id 
_pdbx_nonpoly_scheme.auth_mon_id 
_pdbx_nonpoly_scheme.pdb_strand_id 
_pdbx_nonpoly_scheme.pdb_ins_code 
B 2 HOH 1   210 1   HOH HOH A . 
B 2 HOH 2   211 2   HOH HOH A . 
B 2 HOH 3   212 3   HOH HOH A . 
B 2 HOH 4   213 4   HOH HOH A . 
B 2 HOH 5   214 5   HOH HOH A . 
B 2 HOH 6   215 6   HOH HOH A . 
B 2 HOH 7   216 7   HOH HOH A . 
B 2 HOH 8   217 8   HOH HOH A . 
B 2 HOH 9   218 9   HOH HOH A . 
B 2 HOH 10  219 10  HOH HOH A . 
B 2 HOH 11  220 11  HOH HOH A . 
B 2 HOH 12  221 12  HOH HOH A . 
B 2 HOH 13  222 13  HOH HOH A . 
B 2 HOH 14  223 14  HOH HOH A . 
B 2 HOH 15  224 15  HOH HOH A . 
B 2 HOH 16  225 16  HOH HOH A . 
B 2 HOH 17  226 17  HOH HOH A . 
B 2 HOH 18  227 18  HOH HOH A . 
B 2 HOH 19  228 19  HOH HOH A . 
B 2 HOH 20  229 20  HOH HOH A . 
B 2 HOH 21  230 21  HOH HOH A . 
B 2 HOH 22  231 22  HOH HOH A . 
B 2 HOH 23  232 23  HOH HOH A . 
B 2 HOH 24  233 24  HOH HOH A . 
B 2 HOH 25  234 25  HOH HOH A . 
B 2 HOH 26  235 26  HOH HOH A . 
B 2 HOH 27  236 27  HOH HOH A . 
B 2 HOH 28  237 28  HOH HOH A . 
B 2 HOH 29  238 29  HOH HOH A . 
B 2 HOH 30  239 30  HOH HOH A . 
B 2 HOH 31  240 31  HOH HOH A . 
B 2 HOH 32  241 32  HOH HOH A . 
B 2 HOH 33  242 33  HOH HOH A . 
B 2 HOH 34  243 34  HOH HOH A . 
B 2 HOH 35  244 35  HOH HOH A . 
B 2 HOH 36  245 36  HOH HOH A . 
B 2 HOH 37  246 37  HOH HOH A . 
B 2 HOH 38  247 38  HOH HOH A . 
B 2 HOH 39  248 39  HOH HOH A . 
B 2 HOH 40  249 40  HOH HOH A . 
B 2 HOH 41  250 41  HOH HOH A . 
B 2 HOH 42  251 42  HOH HOH A . 
B 2 HOH 43  252 43  HOH HOH A . 
B 2 HOH 44  253 44  HOH HOH A . 
B 2 HOH 45  254 45  HOH HOH A . 
B 2 HOH 46  255 46  HOH HOH A . 
B 2 HOH 47  256 47  HOH HOH A . 
B 2 HOH 48  257 48  HOH HOH A . 
B 2 HOH 49  258 49  HOH HOH A . 
B 2 HOH 50  259 50  HOH HOH A . 
B 2 HOH 51  260 51  HOH HOH A . 
B 2 HOH 52  261 52  HOH HOH A . 
B 2 HOH 53  262 53  HOH HOH A . 
B 2 HOH 54  263 54  HOH HOH A . 
B 2 HOH 55  264 55  HOH HOH A . 
B 2 HOH 56  265 56  HOH HOH A . 
B 2 HOH 57  266 57  HOH HOH A . 
B 2 HOH 58  267 58  HOH HOH A . 
B 2 HOH 59  268 59  HOH HOH A . 
B 2 HOH 60  269 60  HOH HOH A . 
B 2 HOH 61  270 61  HOH HOH A . 
B 2 HOH 62  271 62  HOH HOH A . 
B 2 HOH 63  272 63  HOH HOH A . 
B 2 HOH 64  273 64  HOH HOH A . 
B 2 HOH 65  274 65  HOH HOH A . 
B 2 HOH 66  275 66  HOH HOH A . 
B 2 HOH 67  276 67  HOH HOH A . 
B 2 HOH 68  277 68  HOH HOH A . 
B 2 HOH 69  278 69  HOH HOH A . 
B 2 HOH 70  279 70  HOH HOH A . 
B 2 HOH 71  280 71  HOH HOH A . 
B 2 HOH 72  281 72  HOH HOH A . 
B 2 HOH 73  282 73  HOH HOH A . 
B 2 HOH 74  283 74  HOH HOH A . 
B 2 HOH 75  284 75  HOH HOH A . 
B 2 HOH 76  285 76  HOH HOH A . 
B 2 HOH 77  286 77  HOH HOH A . 
B 2 HOH 78  287 78  HOH HOH A . 
B 2 HOH 79  288 79  HOH HOH A . 
B 2 HOH 80  289 80  HOH HOH A . 
B 2 HOH 81  290 81  HOH HOH A . 
B 2 HOH 82  291 82  HOH HOH A . 
B 2 HOH 83  292 83  HOH HOH A . 
B 2 HOH 84  293 84  HOH HOH A . 
B 2 HOH 85  294 85  HOH HOH A . 
B 2 HOH 86  295 86  HOH HOH A . 
B 2 HOH 87  296 87  HOH HOH A . 
B 2 HOH 88  297 88  HOH HOH A . 
B 2 HOH 89  298 89  HOH HOH A . 
B 2 HOH 90  299 90  HOH HOH A . 
B 2 HOH 91  300 91  HOH HOH A . 
B 2 HOH 92  301 92  HOH HOH A . 
B 2 HOH 93  302 93  HOH HOH A . 
B 2 HOH 94  303 94  HOH HOH A . 
B 2 HOH 95  304 95  HOH HOH A . 
B 2 HOH 96  305 96  HOH HOH A . 
B 2 HOH 97  306 97  HOH HOH A . 
B 2 HOH 98  307 98  HOH HOH A . 
B 2 HOH 99  308 99  HOH HOH A . 
B 2 HOH 100 309 100 HOH HOH A . 
B 2 HOH 101 310 101 HOH HOH A . 
B 2 HOH 102 311 102 HOH HOH A . 
B 2 HOH 103 312 103 HOH HOH A . 
B 2 HOH 104 313 104 HOH HOH A . 
B 2 HOH 105 314 105 HOH HOH A . 
B 2 HOH 106 315 106 HOH HOH A . 
B 2 HOH 107 316 107 HOH HOH A . 
B 2 HOH 108 317 108 HOH HOH A . 
B 2 HOH 109 318 109 HOH HOH A . 
B 2 HOH 110 319 110 HOH HOH A . 
B 2 HOH 111 320 111 HOH HOH A . 
B 2 HOH 112 321 112 HOH HOH A . 
B 2 HOH 113 322 113 HOH HOH A . 
B 2 HOH 114 323 114 HOH HOH A . 
B 2 HOH 115 324 115 HOH HOH A . 
B 2 HOH 116 325 116 HOH HOH A . 
B 2 HOH 117 326 117 HOH HOH A . 
B 2 HOH 118 327 118 HOH HOH A . 
B 2 HOH 119 328 119 HOH HOH A . 
B 2 HOH 120 329 120 HOH HOH A . 
B 2 HOH 121 330 121 HOH HOH A . 
B 2 HOH 122 331 122 HOH HOH A . 
B 2 HOH 123 332 123 HOH HOH A . 
B 2 HOH 124 333 124 HOH HOH A . 
B 2 HOH 125 334 125 HOH HOH A . 
B 2 HOH 126 335 126 HOH HOH A . 
B 2 HOH 127 336 127 HOH HOH A . 
B 2 HOH 128 337 128 HOH HOH A . 
B 2 HOH 129 338 129 HOH HOH A . 
B 2 HOH 130 339 130 HOH HOH A . 
B 2 HOH 131 340 131 HOH HOH A . 
B 2 HOH 132 341 132 HOH HOH A . 
B 2 HOH 133 342 133 HOH HOH A . 
B 2 HOH 134 343 134 HOH HOH A . 
B 2 HOH 135 344 135 HOH HOH A . 
B 2 HOH 136 345 136 HOH HOH A . 
B 2 HOH 137 346 137 HOH HOH A . 
B 2 HOH 138 347 138 HOH HOH A . 
B 2 HOH 139 348 139 HOH HOH A . 
B 2 HOH 140 349 140 HOH HOH A . 
B 2 HOH 141 350 141 HOH HOH A . 
B 2 HOH 142 351 142 HOH HOH A . 
B 2 HOH 143 352 143 HOH HOH A . 
B 2 HOH 144 353 144 HOH HOH A . 
B 2 HOH 145 354 145 HOH HOH A . 
B 2 HOH 146 355 146 HOH HOH A . 
B 2 HOH 147 356 147 HOH HOH A . 
B 2 HOH 148 357 148 HOH HOH A . 
B 2 HOH 149 358 149 HOH HOH A . 
B 2 HOH 150 359 150 HOH HOH A . 
B 2 HOH 151 360 151 HOH HOH A . 
B 2 HOH 152 361 152 HOH HOH A . 
B 2 HOH 153 362 153 HOH HOH A . 
B 2 HOH 154 363 154 HOH HOH A . 
B 2 HOH 155 364 155 HOH HOH A . 
B 2 HOH 156 365 156 HOH HOH A . 
B 2 HOH 157 366 157 HOH HOH A . 
B 2 HOH 158 367 158 HOH HOH A . 
B 2 HOH 159 368 159 HOH HOH A . 
B 2 HOH 160 369 160 HOH HOH A . 
B 2 HOH 161 370 161 HOH HOH A . 
B 2 HOH 162 371 162 HOH HOH A . 
B 2 HOH 163 372 163 HOH HOH A . 
B 2 HOH 164 373 164 HOH HOH A . 
B 2 HOH 165 374 165 HOH HOH A . 
B 2 HOH 166 375 166 HOH HOH A . 
B 2 HOH 167 376 167 HOH HOH A . 
B 2 HOH 168 377 168 HOH HOH A . 
B 2 HOH 169 378 169 HOH HOH A . 
B 2 HOH 170 379 170 HOH HOH A . 
B 2 HOH 171 380 171 HOH HOH A . 
B 2 HOH 172 381 172 HOH HOH A . 
B 2 HOH 173 382 173 HOH HOH A . 
B 2 HOH 174 383 174 HOH HOH A . 
B 2 HOH 175 384 175 HOH HOH A . 
B 2 HOH 176 385 176 HOH HOH A . 
B 2 HOH 177 386 177 HOH HOH A . 
B 2 HOH 178 387 178 HOH HOH A . 
B 2 HOH 179 388 179 HOH HOH A . 
B 2 HOH 180 389 180 HOH HOH A . 
B 2 HOH 181 390 181 HOH HOH A . 
B 2 HOH 182 391 182 HOH HOH A . 
B 2 HOH 183 392 183 HOH HOH A . 
B 2 HOH 184 393 184 HOH HOH A . 
B 2 HOH 185 394 185 HOH HOH A . 
B 2 HOH 186 395 186 HOH HOH A . 
B 2 HOH 187 396 187 HOH HOH A . 
B 2 HOH 188 397 188 HOH HOH A . 
B 2 HOH 189 398 189 HOH HOH A . 
B 2 HOH 190 399 190 HOH HOH A . 
B 2 HOH 191 400 191 HOH HOH A . 
# 
loop_
_software.name 
_software.classification 
_software.version 
_software.citation_id 
_software.pdbx_ordinal 
REFMAC   refinement       5.2.0005 ? 1 
HKL-2000 'data reduction' .        ? 2 
HKL-2000 'data scaling'   .        ? 3 
# 
_cell.entry_id           1Y0K 
_cell.length_a           70.422 
_cell.length_b           53.918 
_cell.length_c           55.583 
_cell.angle_alpha        90.00 
_cell.angle_beta         119.41 
_cell.angle_gamma        90.00 
_cell.Z_PDB              4 
_cell.pdbx_unique_axis   ? 
_cell.length_a_esd       ? 
_cell.length_b_esd       ? 
_cell.length_c_esd       ? 
_cell.angle_alpha_esd    ? 
_cell.angle_beta_esd     ? 
_cell.angle_gamma_esd    ? 
# 
_symmetry.entry_id                         1Y0K 
_symmetry.space_group_name_H-M             'C 1 2 1' 
_symmetry.pdbx_full_space_group_name_H-M   ? 
_symmetry.cell_setting                     ? 
_symmetry.Int_Tables_number                5 
_symmetry.space_group_name_Hall            ? 
# 
_exptl.entry_id          1Y0K 
_exptl.method            'X-RAY DIFFRACTION' 
_exptl.crystals_number   1 
# 
_exptl_crystal.id                    1 
_exptl_crystal.density_meas          ? 
_exptl_crystal.density_Matthews      1.89 
_exptl_crystal.density_percent_sol   34.8 
_exptl_crystal.description           ? 
_exptl_crystal.F_000                 ? 
_exptl_crystal.preparation           ? 
# 
_exptl_crystal_grow.crystal_id      1 
_exptl_crystal_grow.method          ? 
_exptl_crystal_grow.temp            298 
_exptl_crystal_grow.temp_details    ? 
_exptl_crystal_grow.pH              6.50 
_exptl_crystal_grow.pdbx_details    '1.5M Na Acetate, 0.1M Na Cacodylate, ph 6.5, VAPOR DIFFUSION, temperature 298K, pH 6.50' 
_exptl_crystal_grow.pdbx_pH_range   . 
# 
_diffrn.id                     1 
_diffrn.ambient_temp           150.0 
_diffrn.ambient_temp_details   ? 
_diffrn.crystal_id             1 
# 
_diffrn_detector.diffrn_id              1 
_diffrn_detector.detector               CCD 
_diffrn_detector.type                   SBC-2 
_diffrn_detector.pdbx_collection_date   2004-09-30 
_diffrn_detector.details                ? 
# 
_diffrn_radiation.diffrn_id                        1 
_diffrn_radiation.wavelength_id                    1 
_diffrn_radiation.pdbx_monochromatic_or_laue_m_l   M 
_diffrn_radiation.monochromator                    'DOUBLE CRYSTAL' 
_diffrn_radiation.pdbx_diffrn_protocol             SAD 
_diffrn_radiation.pdbx_scattering_type             x-ray 
# 
_diffrn_radiation_wavelength.id           1 
_diffrn_radiation_wavelength.wavelength   0.97945 
_diffrn_radiation_wavelength.wt           1.0 
# 
_diffrn_source.diffrn_id                   1 
_diffrn_source.source                      SYNCHROTRON 
_diffrn_source.type                        'APS BEAMLINE 19-ID' 
_diffrn_source.pdbx_synchrotron_site       APS 
_diffrn_source.pdbx_synchrotron_beamline   19-ID 
_diffrn_source.pdbx_wavelength             0.97945 
_diffrn_source.pdbx_wavelength_list        ? 
# 
_reflns.entry_id                     1Y0K 
_reflns.observed_criterion_sigma_I   2.000 
_reflns.observed_criterion_sigma_F   ? 
_reflns.d_resolution_low             50.000 
_reflns.d_resolution_high            1.750 
_reflns.number_obs                   18416 
_reflns.number_all                   ? 
_reflns.percent_possible_obs         98.2 
_reflns.pdbx_Rmerge_I_obs            0.05 
_reflns.pdbx_Rsym_value              ? 
_reflns.pdbx_netI_over_sigmaI        ? 
_reflns.B_iso_Wilson_estimate        ? 
_reflns.pdbx_redundancy              8.100 
_reflns.R_free_details               ? 
_reflns.limit_h_max                  ? 
_reflns.limit_h_min                  ? 
_reflns.limit_k_max                  ? 
_reflns.limit_k_min                  ? 
_reflns.limit_l_max                  ? 
_reflns.limit_l_min                  ? 
_reflns.observed_criterion_F_max     ? 
_reflns.observed_criterion_F_min     ? 
_reflns.pdbx_chi_squared             ? 
_reflns.pdbx_scaling_rejects         ? 
_reflns.pdbx_ordinal                 1 
_reflns.pdbx_diffrn_id               1 
# 
_reflns_shell.d_res_high             1.74 
_reflns_shell.d_res_low              1.80 
_reflns_shell.percent_possible_all   86.5 
_reflns_shell.Rmerge_I_obs           ? 
_reflns_shell.pdbx_Rsym_value        ? 
_reflns_shell.meanI_over_sigI_obs    ? 
_reflns_shell.pdbx_redundancy        ? 
_reflns_shell.percent_possible_obs   ? 
_reflns_shell.number_unique_all      ? 
_reflns_shell.number_measured_all    ? 
_reflns_shell.number_measured_obs    ? 
_reflns_shell.number_unique_obs      ? 
_reflns_shell.pdbx_chi_squared       ? 
_reflns_shell.pdbx_ordinal           1 
_reflns_shell.pdbx_diffrn_id         1 
# 
_refine.entry_id                                 1Y0K 
_refine.ls_number_reflns_obs                     17351 
_refine.ls_number_reflns_all                     18280 
_refine.pdbx_ls_sigma_I                          ? 
_refine.pdbx_ls_sigma_F                          0.000 
_refine.pdbx_data_cutoff_high_absF               ? 
_refine.pdbx_data_cutoff_low_absF                ? 
_refine.pdbx_data_cutoff_high_rms_absF           ? 
_refine.ls_d_res_low                             48.39 
_refine.ls_d_res_high                            1.75 
_refine.ls_percent_reflns_obs                    99.3 
_refine.ls_R_factor_obs                          0.188 
_refine.ls_R_factor_all                          ? 
_refine.ls_R_factor_R_work                       0.186 
_refine.ls_R_factor_R_free                       0.222 
_refine.ls_R_factor_R_free_error                 ? 
_refine.ls_R_factor_R_free_error_details         ? 
_refine.ls_percent_reflns_R_free                 5.100 
_refine.ls_number_reflns_R_free                  929 
_refine.ls_number_parameters                     ? 
_refine.ls_number_restraints                     ? 
_refine.occupancy_min                            ? 
_refine.occupancy_max                            ? 
_refine.correlation_coeff_Fo_to_Fc               0.954 
_refine.correlation_coeff_Fo_to_Fc_free          0.937 
_refine.B_iso_mean                               22.31 
_refine.aniso_B[1][1]                            1.29000 
_refine.aniso_B[2][2]                            -0.68000 
_refine.aniso_B[3][3]                            -1.33000 
_refine.aniso_B[1][2]                            0.00000 
_refine.aniso_B[1][3]                            -0.73000 
_refine.aniso_B[2][3]                            0.00000 
_refine.solvent_model_details                    ? 
_refine.solvent_model_param_ksol                 ? 
_refine.solvent_model_param_bsol                 ? 
_refine.pdbx_solvent_vdw_probe_radii             1.20 
_refine.pdbx_solvent_ion_probe_radii             0.80 
_refine.pdbx_solvent_shrinkage_radii             0.80 
_refine.pdbx_ls_cross_valid_method               ? 
_refine.details                                  'HYDROGENS HAVE BEEN ADDED IN THE RIDING POSITIONS' 
_refine.pdbx_starting_model                      ? 
_refine.pdbx_method_to_determine_struct          SAD 
_refine.pdbx_isotropic_thermal_model             ? 
_refine.pdbx_stereochemistry_target_values       'MAXIMUM LIKELIHOOD' 
_refine.pdbx_stereochem_target_val_spec_case     ? 
_refine.pdbx_R_Free_selection_details            RANDOM 
_refine.pdbx_overall_ESU_R                       0.131 
_refine.pdbx_overall_ESU_R_Free                  0.123 
_refine.overall_SU_ML                            0.076 
_refine.overall_SU_B                             2.301 
_refine.ls_redundancy_reflns_obs                 ? 
_refine.B_iso_min                                ? 
_refine.B_iso_max                                ? 
_refine.overall_SU_R_Cruickshank_DPI             ? 
_refine.overall_SU_R_free                        ? 
_refine.ls_wR_factor_R_free                      ? 
_refine.ls_wR_factor_R_work                      ? 
_refine.overall_FOM_free_R_set                   ? 
_refine.overall_FOM_work_R_set                   ? 
_refine.pdbx_refine_id                           'X-RAY DIFFRACTION' 
_refine.pdbx_diffrn_id                           1 
_refine.pdbx_overall_phase_error                 ? 
_refine.pdbx_TLS_residual_ADP_flag               ? 
_refine.pdbx_overall_SU_R_free_Cruickshank_DPI   ? 
_refine.pdbx_overall_SU_R_Blow_DPI               ? 
_refine.pdbx_overall_SU_R_free_Blow_DPI          ? 
# 
_refine_hist.pdbx_refine_id                   'X-RAY DIFFRACTION' 
_refine_hist.cycle_id                         LAST 
_refine_hist.pdbx_number_atoms_protein        1453 
_refine_hist.pdbx_number_atoms_nucleic_acid   0 
_refine_hist.pdbx_number_atoms_ligand         0 
_refine_hist.number_atoms_solvent             191 
_refine_hist.number_atoms_total               1644 
_refine_hist.d_res_high                       1.75 
_refine_hist.d_res_low                        48.39 
# 
loop_
_refine_ls_restr.type 
_refine_ls_restr.dev_ideal 
_refine_ls_restr.dev_ideal_target 
_refine_ls_restr.weight 
_refine_ls_restr.number 
_refine_ls_restr.pdbx_refine_id 
_refine_ls_restr.pdbx_restraint_function 
r_bond_refined_d             0.009  0.022  ? 1506 'X-RAY DIFFRACTION' ? 
r_bond_other_d               ?      ?      ? ?    'X-RAY DIFFRACTION' ? 
r_angle_refined_deg          1.167  1.955  ? 2044 'X-RAY DIFFRACTION' ? 
r_angle_other_deg            ?      ?      ? ?    'X-RAY DIFFRACTION' ? 
r_dihedral_angle_1_deg       5.404  5.000  ? 182  'X-RAY DIFFRACTION' ? 
r_dihedral_angle_2_deg       32.948 22.771 ? 83   'X-RAY DIFFRACTION' ? 
r_dihedral_angle_3_deg       12.310 15.000 ? 238  'X-RAY DIFFRACTION' ? 
r_dihedral_angle_4_deg       16.535 15.000 ? 18   'X-RAY DIFFRACTION' ? 
r_chiral_restr               0.073  0.200  ? 211  'X-RAY DIFFRACTION' ? 
r_gen_planes_refined         0.004  0.020  ? 1208 'X-RAY DIFFRACTION' ? 
r_gen_planes_other           ?      ?      ? ?    'X-RAY DIFFRACTION' ? 
r_nbd_refined                0.196  0.200  ? 682  'X-RAY DIFFRACTION' ? 
r_nbd_other                  ?      ?      ? ?    'X-RAY DIFFRACTION' ? 
r_nbtor_refined              0.309  0.200  ? 1026 'X-RAY DIFFRACTION' ? 
r_nbtor_other                ?      ?      ? ?    'X-RAY DIFFRACTION' ? 
r_xyhbond_nbd_refined        0.152  0.200  ? 165  'X-RAY DIFFRACTION' ? 
r_xyhbond_nbd_other          ?      ?      ? ?    'X-RAY DIFFRACTION' ? 
r_metal_ion_refined          ?      ?      ? ?    'X-RAY DIFFRACTION' ? 
r_metal_ion_other            ?      ?      ? ?    'X-RAY DIFFRACTION' ? 
r_symmetry_vdw_refined       ?      ?      ? ?    'X-RAY DIFFRACTION' ? 
r_symmetry_vdw_other         ?      ?      ? ?    'X-RAY DIFFRACTION' ? 
r_symmetry_hbond_refined     ?      ?      ? ?    'X-RAY DIFFRACTION' ? 
r_symmetry_hbond_other       ?      ?      ? ?    'X-RAY DIFFRACTION' ? 
r_symmetry_metal_ion_refined ?      ?      ? ?    'X-RAY DIFFRACTION' ? 
r_symmetry_metal_ion_other   ?      ?      ? ?    'X-RAY DIFFRACTION' ? 
r_mcbond_it                  0.710  1.500  ? 930  'X-RAY DIFFRACTION' ? 
r_mcbond_other               ?      ?      ? ?    'X-RAY DIFFRACTION' ? 
r_mcangle_it                 1.217  2.000  ? 1454 'X-RAY DIFFRACTION' ? 
r_scbond_it                  1.848  3.000  ? 644  'X-RAY DIFFRACTION' ? 
r_scangle_it                 3.068  4.500  ? 589  'X-RAY DIFFRACTION' ? 
r_rigid_bond_restr           ?      ?      ? ?    'X-RAY DIFFRACTION' ? 
r_sphericity_free            ?      ?      ? ?    'X-RAY DIFFRACTION' ? 
r_sphericity_bonded          ?      ?      ? ?    'X-RAY DIFFRACTION' ? 
# 
_refine_ls_shell.pdbx_total_number_of_bins_used   20 
_refine_ls_shell.d_res_high                       1.75 
_refine_ls_shell.d_res_low                        1.79 
_refine_ls_shell.number_reflns_R_work             1264 
_refine_ls_shell.R_factor_R_work                  0.21 
_refine_ls_shell.percent_reflns_obs               96.21 
_refine_ls_shell.R_factor_R_free                  0.312 
_refine_ls_shell.R_factor_R_free_error            ? 
_refine_ls_shell.percent_reflns_R_free            ? 
_refine_ls_shell.number_reflns_R_free             56 
_refine_ls_shell.redundancy_reflns_obs            ? 
_refine_ls_shell.number_reflns_all                ? 
_refine_ls_shell.number_reflns_obs                ? 
_refine_ls_shell.pdbx_refine_id                   'X-RAY DIFFRACTION' 
_refine_ls_shell.R_factor_all                     ? 
# 
_struct.entry_id                  1Y0K 
_struct.title                     
'Structure of Protein of Unknown Function PA4535 from Pseudomonas aeruginosa strain PAO1, Monooxygenase Superfamily' 
_struct.pdbx_model_details        ? 
_struct.pdbx_CASP_flag            ? 
_struct.pdbx_model_type_details   ? 
# 
_struct_keywords.entry_id        1Y0K 
_struct_keywords.pdbx_keywords   'STRUCTURAL GENOMICS, UNKNOWN FUNCTION' 
_struct_keywords.text            
;structural genomics, Midwest Center for Structural Genomics, MCSG, Pseudomonas aeuruginosa PAo1, Protein Structure Initiative, PSI, hypothetical protein, UNKNOWN FUNCTION
;
# 
loop_
_struct_asym.id 
_struct_asym.pdbx_blank_PDB_chainid_flag 
_struct_asym.pdbx_modified 
_struct_asym.entity_id 
_struct_asym.details 
A N N 1 ? 
B N N 2 ? 
# 
_struct_ref.id                         1 
_struct_ref.db_name                    UNP 
_struct_ref.db_code                    Q9HVP2_PSEAE 
_struct_ref.pdbx_db_accession          Q9HVP2 
_struct_ref.entity_id                  1 
_struct_ref.pdbx_seq_one_letter_code   
;MNEADYLRLLTRQAEQANDFLSNARKWDRERWVCQRFLEALNVPYRQEDFAAPGEQPPDVLFKGAGFEVFFVLDEGRRLN
EEWREELTRRRQAVSLRQLIRREERPQRIAAAELQARLAPTLRKKAHNYSERGIDHGELDLLAFVNLKRAVPDFNTPFPP
PTEYLRQGWRSLSMVGPTFARVLFAHSGAPEFLRANLGRSILFDAGVGL
;
_struct_ref.pdbx_align_begin           1 
_struct_ref.pdbx_db_isoform            ? 
# 
_struct_ref_seq.align_id                      1 
_struct_ref_seq.ref_id                        1 
_struct_ref_seq.pdbx_PDB_id_code              1Y0K 
_struct_ref_seq.pdbx_strand_id                A 
_struct_ref_seq.seq_align_beg                 1 
_struct_ref_seq.pdbx_seq_align_beg_ins_code   ? 
_struct_ref_seq.seq_align_end                 209 
_struct_ref_seq.pdbx_seq_align_end_ins_code   ? 
_struct_ref_seq.pdbx_db_accession             Q9HVP2 
_struct_ref_seq.db_align_beg                  1 
_struct_ref_seq.pdbx_db_align_beg_ins_code    ? 
_struct_ref_seq.db_align_end                  209 
_struct_ref_seq.pdbx_db_align_end_ins_code    ? 
_struct_ref_seq.pdbx_auth_seq_align_beg       1 
_struct_ref_seq.pdbx_auth_seq_align_end       209 
# 
loop_
_struct_ref_seq_dif.align_id 
_struct_ref_seq_dif.pdbx_pdb_id_code 
_struct_ref_seq_dif.mon_id 
_struct_ref_seq_dif.pdbx_pdb_strand_id 
_struct_ref_seq_dif.seq_num 
_struct_ref_seq_dif.pdbx_pdb_ins_code 
_struct_ref_seq_dif.pdbx_seq_db_name 
_struct_ref_seq_dif.pdbx_seq_db_accession_code 
_struct_ref_seq_dif.db_mon_id 
_struct_ref_seq_dif.pdbx_seq_db_seq_num 
_struct_ref_seq_dif.details 
_struct_ref_seq_dif.pdbx_auth_seq_num 
_struct_ref_seq_dif.pdbx_ordinal 
1 1Y0K MSE A 1   ? UNP Q9HVP2 MET 1   'modified residue' 1   1 
1 1Y0K MSE A 174 ? UNP Q9HVP2 MET 174 'modified residue' 174 2 
# 
_pdbx_struct_assembly.id                   1 
_pdbx_struct_assembly.details              author_defined_assembly 
_pdbx_struct_assembly.method_details       ? 
_pdbx_struct_assembly.oligomeric_details   monomeric 
_pdbx_struct_assembly.oligomeric_count     1 
# 
_pdbx_struct_assembly_gen.assembly_id       1 
_pdbx_struct_assembly_gen.oper_expression   1 
_pdbx_struct_assembly_gen.asym_id_list      A,B 
# 
_pdbx_struct_oper_list.id                   1 
_pdbx_struct_oper_list.type                 'identity operation' 
_pdbx_struct_oper_list.name                 1_555 
_pdbx_struct_oper_list.symmetry_operation   x,y,z 
_pdbx_struct_oper_list.matrix[1][1]         1.0000000000 
_pdbx_struct_oper_list.matrix[1][2]         0.0000000000 
_pdbx_struct_oper_list.matrix[1][3]         0.0000000000 
_pdbx_struct_oper_list.vector[1]            0.0000000000 
_pdbx_struct_oper_list.matrix[2][1]         0.0000000000 
_pdbx_struct_oper_list.matrix[2][2]         1.0000000000 
_pdbx_struct_oper_list.matrix[2][3]         0.0000000000 
_pdbx_struct_oper_list.vector[2]            0.0000000000 
_pdbx_struct_oper_list.matrix[3][1]         0.0000000000 
_pdbx_struct_oper_list.matrix[3][2]         0.0000000000 
_pdbx_struct_oper_list.matrix[3][3]         1.0000000000 
_pdbx_struct_oper_list.vector[3]            0.0000000000 
# 
_struct_biol.id        1 
_struct_biol.details   ? 
# 
loop_
_struct_conf.conf_type_id 
_struct_conf.id 
_struct_conf.pdbx_PDB_helix_id 
_struct_conf.beg_label_comp_id 
_struct_conf.beg_label_asym_id 
_struct_conf.beg_label_seq_id 
_struct_conf.pdbx_beg_PDB_ins_code 
_struct_conf.end_label_comp_id 
_struct_conf.end_label_asym_id 
_struct_conf.end_label_seq_id 
_struct_conf.pdbx_end_PDB_ins_code 
_struct_conf.beg_auth_comp_id 
_struct_conf.beg_auth_asym_id 
_struct_conf.beg_auth_seq_id 
_struct_conf.end_auth_comp_id 
_struct_conf.end_auth_asym_id 
_struct_conf.end_auth_seq_id 
_struct_conf.pdbx_PDB_helix_class 
_struct_conf.details 
_struct_conf.pdbx_PDB_helix_length 
HELX_P HELX_P1 1 ASN A 2   ? ALA A 24  ? ASN A 2   ALA A 24  1 ? 23 
HELX_P HELX_P2 2 ARG A 25  ? LEU A 41  ? ARG A 25  LEU A 41  1 ? 17 
HELX_P HELX_P3 3 ARG A 46  ? GLU A 48  ? ARG A 46  GLU A 48  5 ? 3  
HELX_P HELX_P4 4 ALA A 111 ? ARG A 117 ? ALA A 111 ARG A 117 1 ? 7  
HELX_P HELX_P5 5 LEU A 118 ? GLY A 133 ? LEU A 118 GLY A 133 1 ? 16 
HELX_P HELX_P6 6 ASP A 135 ? GLU A 138 ? ASP A 135 GLU A 138 5 ? 4  
HELX_P HELX_P7 7 PRO A 161 ? GLN A 167 ? PRO A 161 GLN A 167 1 ? 7  
HELX_P HELX_P8 8 PRO A 190 ? ALA A 195 ? PRO A 190 ALA A 195 1 ? 6  
# 
_struct_conf_type.id          HELX_P 
_struct_conf_type.criteria    ? 
_struct_conf_type.reference   ? 
# 
loop_
_struct_conn.id 
_struct_conn.conn_type_id 
_struct_conn.pdbx_leaving_atom_flag 
_struct_conn.pdbx_PDB_id 
_struct_conn.ptnr1_label_asym_id 
_struct_conn.ptnr1_label_comp_id 
_struct_conn.ptnr1_label_seq_id 
_struct_conn.ptnr1_label_atom_id 
_struct_conn.pdbx_ptnr1_label_alt_id 
_struct_conn.pdbx_ptnr1_PDB_ins_code 
_struct_conn.pdbx_ptnr1_standard_comp_id 
_struct_conn.ptnr1_symmetry 
_struct_conn.ptnr2_label_asym_id 
_struct_conn.ptnr2_label_comp_id 
_struct_conn.ptnr2_label_seq_id 
_struct_conn.ptnr2_label_atom_id 
_struct_conn.pdbx_ptnr2_label_alt_id 
_struct_conn.pdbx_ptnr2_PDB_ins_code 
_struct_conn.ptnr1_auth_asym_id 
_struct_conn.ptnr1_auth_comp_id 
_struct_conn.ptnr1_auth_seq_id 
_struct_conn.ptnr2_auth_asym_id 
_struct_conn.ptnr2_auth_comp_id 
_struct_conn.ptnr2_auth_seq_id 
_struct_conn.ptnr2_symmetry 
_struct_conn.pdbx_ptnr3_label_atom_id 
_struct_conn.pdbx_ptnr3_label_seq_id 
_struct_conn.pdbx_ptnr3_label_comp_id 
_struct_conn.pdbx_ptnr3_label_asym_id 
_struct_conn.pdbx_ptnr3_label_alt_id 
_struct_conn.pdbx_ptnr3_PDB_ins_code 
_struct_conn.details 
_struct_conn.pdbx_dist_value 
_struct_conn.pdbx_value_order 
_struct_conn.pdbx_role 
covale1 covale both ? A MSE 1   C ? ? ? 1_555 A ASN 2   N ? ? A MSE 1   A ASN 2   1_555 ? ? ? ? ? ? ? 1.333 ? ? 
covale2 covale both ? A SER 173 C ? ? ? 1_555 A MSE 174 N ? ? A SER 173 A MSE 174 1_555 ? ? ? ? ? ? ? 1.335 ? ? 
covale3 covale both ? A MSE 174 C ? ? ? 1_555 A VAL 175 N ? ? A MSE 174 A VAL 175 1_555 ? ? ? ? ? ? ? 1.320 ? ? 
# 
_struct_conn_type.id          covale 
_struct_conn_type.criteria    ? 
_struct_conn_type.reference   ? 
# 
loop_
_pdbx_modification_feature.ordinal 
_pdbx_modification_feature.label_comp_id 
_pdbx_modification_feature.label_asym_id 
_pdbx_modification_feature.label_seq_id 
_pdbx_modification_feature.label_alt_id 
_pdbx_modification_feature.modified_residue_label_comp_id 
_pdbx_modification_feature.modified_residue_label_asym_id 
_pdbx_modification_feature.modified_residue_label_seq_id 
_pdbx_modification_feature.modified_residue_label_alt_id 
_pdbx_modification_feature.auth_comp_id 
_pdbx_modification_feature.auth_asym_id 
_pdbx_modification_feature.auth_seq_id 
_pdbx_modification_feature.PDB_ins_code 
_pdbx_modification_feature.symmetry 
_pdbx_modification_feature.modified_residue_auth_comp_id 
_pdbx_modification_feature.modified_residue_auth_asym_id 
_pdbx_modification_feature.modified_residue_auth_seq_id 
_pdbx_modification_feature.modified_residue_PDB_ins_code 
_pdbx_modification_feature.modified_residue_symmetry 
_pdbx_modification_feature.comp_id_linking_atom 
_pdbx_modification_feature.modified_residue_id_linking_atom 
_pdbx_modification_feature.modified_residue_id 
_pdbx_modification_feature.ref_pcm_id 
_pdbx_modification_feature.ref_comp_id 
_pdbx_modification_feature.type 
_pdbx_modification_feature.category 
1 MSE A 1   ? . . . . MSE A 1   ? 1_555 . . . . . . . MET 1 MSE Selenomethionine 'Named protein modification' 
2 MSE A 174 ? . . . . MSE A 174 ? 1_555 . . . . . . . MET 1 MSE Selenomethionine 'Named protein modification' 
# 
loop_
_struct_mon_prot_cis.pdbx_id 
_struct_mon_prot_cis.label_comp_id 
_struct_mon_prot_cis.label_seq_id 
_struct_mon_prot_cis.label_asym_id 
_struct_mon_prot_cis.label_alt_id 
_struct_mon_prot_cis.pdbx_PDB_ins_code 
_struct_mon_prot_cis.auth_comp_id 
_struct_mon_prot_cis.auth_seq_id 
_struct_mon_prot_cis.auth_asym_id 
_struct_mon_prot_cis.pdbx_label_comp_id_2 
_struct_mon_prot_cis.pdbx_label_seq_id_2 
_struct_mon_prot_cis.pdbx_label_asym_id_2 
_struct_mon_prot_cis.pdbx_PDB_ins_code_2 
_struct_mon_prot_cis.pdbx_auth_comp_id_2 
_struct_mon_prot_cis.pdbx_auth_seq_id_2 
_struct_mon_prot_cis.pdbx_auth_asym_id_2 
_struct_mon_prot_cis.pdbx_PDB_model_num 
_struct_mon_prot_cis.pdbx_omega_angle 
1 GLN 56 A . ? GLN 56 A PRO 57 A ? PRO 57 A 1 1.16 
2 PRO 57 A . ? PRO 57 A PRO 58 A ? PRO 58 A 1 0.48 
# 
loop_
_struct_sheet.id 
_struct_sheet.type 
_struct_sheet.number_strands 
_struct_sheet.details 
A ? 7 ? 
B ? 2 ? 
# 
loop_
_struct_sheet_order.sheet_id 
_struct_sheet_order.range_id_1 
_struct_sheet_order.range_id_2 
_struct_sheet_order.offset 
_struct_sheet_order.sense 
A 1 2 ? anti-parallel 
A 2 3 ? anti-parallel 
A 3 4 ? parallel      
A 4 5 ? parallel      
A 5 6 ? anti-parallel 
A 6 7 ? anti-parallel 
B 1 2 ? parallel      
# 
loop_
_struct_sheet_range.sheet_id 
_struct_sheet_range.id 
_struct_sheet_range.beg_label_comp_id 
_struct_sheet_range.beg_label_asym_id 
_struct_sheet_range.beg_label_seq_id 
_struct_sheet_range.pdbx_beg_PDB_ins_code 
_struct_sheet_range.end_label_comp_id 
_struct_sheet_range.end_label_asym_id 
_struct_sheet_range.end_label_seq_id 
_struct_sheet_range.pdbx_end_PDB_ins_code 
_struct_sheet_range.beg_auth_comp_id 
_struct_sheet_range.beg_auth_asym_id 
_struct_sheet_range.beg_auth_seq_id 
_struct_sheet_range.end_auth_comp_id 
_struct_sheet_range.end_auth_asym_id 
_struct_sheet_range.end_auth_seq_id 
A 1 PHE A 50  ? ALA A 51  ? PHE A 50  ALA A 51  
A 2 VAL A 60  ? PHE A 62  ? VAL A 60  PHE A 62  
A 3 ALA A 65  ? LEU A 73  ? ALA A 65  LEU A 73  
A 4 ASP A 140 ? ASN A 146 ? ASP A 140 ASN A 146 
A 5 SER A 171 ? VAL A 175 ? SER A 171 VAL A 175 
A 6 PHE A 179 ? ALA A 185 ? PHE A 179 ALA A 185 
A 7 ILE A 201 ? LEU A 202 ? ILE A 201 LEU A 202 
B 1 GLN A 107 ? ALA A 110 ? GLN A 107 ALA A 110 
B 2 ALA A 150 ? ASP A 153 ? ALA A 150 ASP A 153 
# 
loop_
_pdbx_struct_sheet_hbond.sheet_id 
_pdbx_struct_sheet_hbond.range_id_1 
_pdbx_struct_sheet_hbond.range_id_2 
_pdbx_struct_sheet_hbond.range_1_label_atom_id 
_pdbx_struct_sheet_hbond.range_1_label_comp_id 
_pdbx_struct_sheet_hbond.range_1_label_asym_id 
_pdbx_struct_sheet_hbond.range_1_label_seq_id 
_pdbx_struct_sheet_hbond.range_1_PDB_ins_code 
_pdbx_struct_sheet_hbond.range_1_auth_atom_id 
_pdbx_struct_sheet_hbond.range_1_auth_comp_id 
_pdbx_struct_sheet_hbond.range_1_auth_asym_id 
_pdbx_struct_sheet_hbond.range_1_auth_seq_id 
_pdbx_struct_sheet_hbond.range_2_label_atom_id 
_pdbx_struct_sheet_hbond.range_2_label_comp_id 
_pdbx_struct_sheet_hbond.range_2_label_asym_id 
_pdbx_struct_sheet_hbond.range_2_label_seq_id 
_pdbx_struct_sheet_hbond.range_2_PDB_ins_code 
_pdbx_struct_sheet_hbond.range_2_auth_atom_id 
_pdbx_struct_sheet_hbond.range_2_auth_comp_id 
_pdbx_struct_sheet_hbond.range_2_auth_asym_id 
_pdbx_struct_sheet_hbond.range_2_auth_seq_id 
A 1 2 N ALA A 51  ? N ALA A 51  O LEU A 61  ? O LEU A 61  
A 2 3 N PHE A 62  ? N PHE A 62  O ALA A 65  ? O ALA A 65  
A 3 4 N VAL A 72  ? N VAL A 72  O PHE A 144 ? O PHE A 144 
A 4 5 N ALA A 143 ? N ALA A 143 O SER A 173 ? O SER A 173 
A 5 6 N MSE A 174 ? N MSE A 174 O ARG A 181 ? O ARG A 181 
A 6 7 N ALA A 180 ? N ALA A 180 O ILE A 201 ? O ILE A 201 
B 1 2 N ILE A 109 ? N ILE A 109 O ASP A 153 ? O ASP A 153 
# 
_pdbx_entry_details.entry_id                   1Y0K 
_pdbx_entry_details.compound_details           ? 
_pdbx_entry_details.source_details             ? 
_pdbx_entry_details.nonpolymer_details         ? 
_pdbx_entry_details.sequence_details           ? 
_pdbx_entry_details.has_ligand_of_interest     ? 
_pdbx_entry_details.has_protein_modification   Y 
# 
_pdbx_validate_close_contact.id               1 
_pdbx_validate_close_contact.PDB_model_num    1 
_pdbx_validate_close_contact.auth_atom_id_1   NH1 
_pdbx_validate_close_contact.auth_asym_id_1   A 
_pdbx_validate_close_contact.auth_comp_id_1   ARG 
_pdbx_validate_close_contact.auth_seq_id_1    199 
_pdbx_validate_close_contact.PDB_ins_code_1   ? 
_pdbx_validate_close_contact.label_alt_id_1   ? 
_pdbx_validate_close_contact.auth_atom_id_2   O 
_pdbx_validate_close_contact.auth_asym_id_2   A 
_pdbx_validate_close_contact.auth_comp_id_2   HOH 
_pdbx_validate_close_contact.auth_seq_id_2    285 
_pdbx_validate_close_contact.PDB_ins_code_2   ? 
_pdbx_validate_close_contact.label_alt_id_2   ? 
_pdbx_validate_close_contact.dist             1.92 
# 
loop_
_pdbx_validate_torsion.id 
_pdbx_validate_torsion.PDB_model_num 
_pdbx_validate_torsion.auth_comp_id 
_pdbx_validate_torsion.auth_asym_id 
_pdbx_validate_torsion.auth_seq_id 
_pdbx_validate_torsion.PDB_ins_code 
_pdbx_validate_torsion.label_alt_id 
_pdbx_validate_torsion.phi 
_pdbx_validate_torsion.psi 
1 1 PRO A 58 ? ? -85.77 -159.99 
2 1 LYS A 63 ? ? 39.91  54.92   
# 
_pdbx_SG_project.id                    1 
_pdbx_SG_project.project_name          'PSI, Protein Structure Initiative' 
_pdbx_SG_project.full_name_of_center   'Midwest Center for Structural Genomics' 
_pdbx_SG_project.initial_of_center     MCSG 
# 
loop_
_pdbx_struct_mod_residue.id 
_pdbx_struct_mod_residue.label_asym_id 
_pdbx_struct_mod_residue.label_comp_id 
_pdbx_struct_mod_residue.label_seq_id 
_pdbx_struct_mod_residue.auth_asym_id 
_pdbx_struct_mod_residue.auth_comp_id 
_pdbx_struct_mod_residue.auth_seq_id 
_pdbx_struct_mod_residue.PDB_ins_code 
_pdbx_struct_mod_residue.parent_comp_id 
_pdbx_struct_mod_residue.details 
1 A MSE 1   A MSE 1   ? MET SELENOMETHIONINE 
2 A MSE 174 A MSE 174 ? MET SELENOMETHIONINE 
# 
_pdbx_struct_special_symmetry.id              1 
_pdbx_struct_special_symmetry.PDB_model_num   1 
_pdbx_struct_special_symmetry.auth_asym_id    A 
_pdbx_struct_special_symmetry.auth_comp_id    HOH 
_pdbx_struct_special_symmetry.auth_seq_id     368 
_pdbx_struct_special_symmetry.PDB_ins_code    ? 
_pdbx_struct_special_symmetry.label_asym_id   B 
_pdbx_struct_special_symmetry.label_comp_id   HOH 
_pdbx_struct_special_symmetry.label_seq_id    . 
# 
loop_
_pdbx_unobs_or_zero_occ_residues.id 
_pdbx_unobs_or_zero_occ_residues.PDB_model_num 
_pdbx_unobs_or_zero_occ_residues.polymer_flag 
_pdbx_unobs_or_zero_occ_residues.occupancy_flag 
_pdbx_unobs_or_zero_occ_residues.auth_asym_id 
_pdbx_unobs_or_zero_occ_residues.auth_comp_id 
_pdbx_unobs_or_zero_occ_residues.auth_seq_id 
_pdbx_unobs_or_zero_occ_residues.PDB_ins_code 
_pdbx_unobs_or_zero_occ_residues.label_asym_id 
_pdbx_unobs_or_zero_occ_residues.label_comp_id 
_pdbx_unobs_or_zero_occ_residues.label_seq_id 
1  1 Y 1 A GLY 76  ? A GLY 76  
2  1 Y 1 A ARG 77  ? A ARG 77  
3  1 Y 1 A ARG 78  ? A ARG 78  
4  1 Y 1 A LEU 79  ? A LEU 79  
5  1 Y 1 A ASN 80  ? A ASN 80  
6  1 Y 1 A GLU 81  ? A GLU 81  
7  1 Y 1 A GLU 82  ? A GLU 82  
8  1 Y 1 A TRP 83  ? A TRP 83  
9  1 Y 1 A ARG 84  ? A ARG 84  
10 1 Y 1 A GLU 85  ? A GLU 85  
11 1 Y 1 A GLU 86  ? A GLU 86  
12 1 Y 1 A LEU 87  ? A LEU 87  
13 1 Y 1 A THR 88  ? A THR 88  
14 1 Y 1 A ARG 89  ? A ARG 89  
15 1 Y 1 A ARG 90  ? A ARG 90  
16 1 Y 1 A ARG 91  ? A ARG 91  
17 1 Y 1 A GLN 92  ? A GLN 92  
18 1 Y 1 A ALA 93  ? A ALA 93  
19 1 Y 1 A VAL 94  ? A VAL 94  
20 1 Y 1 A SER 95  ? A SER 95  
21 1 Y 1 A LEU 96  ? A LEU 96  
22 1 Y 1 A ARG 97  ? A ARG 97  
23 1 Y 1 A GLN 98  ? A GLN 98  
24 1 Y 1 A LEU 99  ? A LEU 99  
25 1 Y 1 A ILE 100 ? A ILE 100 
26 1 Y 1 A ARG 101 ? A ARG 101 
27 1 Y 1 A ARG 102 ? A ARG 102 
28 1 Y 1 A GLU 103 ? A GLU 103 
29 1 Y 1 A GLU 104 ? A GLU 104 
# 
loop_
_chem_comp_atom.comp_id 
_chem_comp_atom.atom_id 
_chem_comp_atom.type_symbol 
_chem_comp_atom.pdbx_aromatic_flag 
_chem_comp_atom.pdbx_stereo_config 
_chem_comp_atom.pdbx_ordinal 
ALA N    N  N N 1   
ALA CA   C  N S 2   
ALA C    C  N N 3   
ALA O    O  N N 4   
ALA CB   C  N N 5   
ALA OXT  O  N N 6   
ALA H    H  N N 7   
ALA H2   H  N N 8   
ALA HA   H  N N 9   
ALA HB1  H  N N 10  
ALA HB2  H  N N 11  
ALA HB3  H  N N 12  
ALA HXT  H  N N 13  
ARG N    N  N N 14  
ARG CA   C  N S 15  
ARG C    C  N N 16  
ARG O    O  N N 17  
ARG CB   C  N N 18  
ARG CG   C  N N 19  
ARG CD   C  N N 20  
ARG NE   N  N N 21  
ARG CZ   C  N N 22  
ARG NH1  N  N N 23  
ARG NH2  N  N N 24  
ARG OXT  O  N N 25  
ARG H    H  N N 26  
ARG H2   H  N N 27  
ARG HA   H  N N 28  
ARG HB2  H  N N 29  
ARG HB3  H  N N 30  
ARG HG2  H  N N 31  
ARG HG3  H  N N 32  
ARG HD2  H  N N 33  
ARG HD3  H  N N 34  
ARG HE   H  N N 35  
ARG HH11 H  N N 36  
ARG HH12 H  N N 37  
ARG HH21 H  N N 38  
ARG HH22 H  N N 39  
ARG HXT  H  N N 40  
ASN N    N  N N 41  
ASN CA   C  N S 42  
ASN C    C  N N 43  
ASN O    O  N N 44  
ASN CB   C  N N 45  
ASN CG   C  N N 46  
ASN OD1  O  N N 47  
ASN ND2  N  N N 48  
ASN OXT  O  N N 49  
ASN H    H  N N 50  
ASN H2   H  N N 51  
ASN HA   H  N N 52  
ASN HB2  H  N N 53  
ASN HB3  H  N N 54  
ASN HD21 H  N N 55  
ASN HD22 H  N N 56  
ASN HXT  H  N N 57  
ASP N    N  N N 58  
ASP CA   C  N S 59  
ASP C    C  N N 60  
ASP O    O  N N 61  
ASP CB   C  N N 62  
ASP CG   C  N N 63  
ASP OD1  O  N N 64  
ASP OD2  O  N N 65  
ASP OXT  O  N N 66  
ASP H    H  N N 67  
ASP H2   H  N N 68  
ASP HA   H  N N 69  
ASP HB2  H  N N 70  
ASP HB3  H  N N 71  
ASP HD2  H  N N 72  
ASP HXT  H  N N 73  
CYS N    N  N N 74  
CYS CA   C  N R 75  
CYS C    C  N N 76  
CYS O    O  N N 77  
CYS CB   C  N N 78  
CYS SG   S  N N 79  
CYS OXT  O  N N 80  
CYS H    H  N N 81  
CYS H2   H  N N 82  
CYS HA   H  N N 83  
CYS HB2  H  N N 84  
CYS HB3  H  N N 85  
CYS HG   H  N N 86  
CYS HXT  H  N N 87  
GLN N    N  N N 88  
GLN CA   C  N S 89  
GLN C    C  N N 90  
GLN O    O  N N 91  
GLN CB   C  N N 92  
GLN CG   C  N N 93  
GLN CD   C  N N 94  
GLN OE1  O  N N 95  
GLN NE2  N  N N 96  
GLN OXT  O  N N 97  
GLN H    H  N N 98  
GLN H2   H  N N 99  
GLN HA   H  N N 100 
GLN HB2  H  N N 101 
GLN HB3  H  N N 102 
GLN HG2  H  N N 103 
GLN HG3  H  N N 104 
GLN HE21 H  N N 105 
GLN HE22 H  N N 106 
GLN HXT  H  N N 107 
GLU N    N  N N 108 
GLU CA   C  N S 109 
GLU C    C  N N 110 
GLU O    O  N N 111 
GLU CB   C  N N 112 
GLU CG   C  N N 113 
GLU CD   C  N N 114 
GLU OE1  O  N N 115 
GLU OE2  O  N N 116 
GLU OXT  O  N N 117 
GLU H    H  N N 118 
GLU H2   H  N N 119 
GLU HA   H  N N 120 
GLU HB2  H  N N 121 
GLU HB3  H  N N 122 
GLU HG2  H  N N 123 
GLU HG3  H  N N 124 
GLU HE2  H  N N 125 
GLU HXT  H  N N 126 
GLY N    N  N N 127 
GLY CA   C  N N 128 
GLY C    C  N N 129 
GLY O    O  N N 130 
GLY OXT  O  N N 131 
GLY H    H  N N 132 
GLY H2   H  N N 133 
GLY HA2  H  N N 134 
GLY HA3  H  N N 135 
GLY HXT  H  N N 136 
HIS N    N  N N 137 
HIS CA   C  N S 138 
HIS C    C  N N 139 
HIS O    O  N N 140 
HIS CB   C  N N 141 
HIS CG   C  Y N 142 
HIS ND1  N  Y N 143 
HIS CD2  C  Y N 144 
HIS CE1  C  Y N 145 
HIS NE2  N  Y N 146 
HIS OXT  O  N N 147 
HIS H    H  N N 148 
HIS H2   H  N N 149 
HIS HA   H  N N 150 
HIS HB2  H  N N 151 
HIS HB3  H  N N 152 
HIS HD1  H  N N 153 
HIS HD2  H  N N 154 
HIS HE1  H  N N 155 
HIS HE2  H  N N 156 
HIS HXT  H  N N 157 
HOH O    O  N N 158 
HOH H1   H  N N 159 
HOH H2   H  N N 160 
ILE N    N  N N 161 
ILE CA   C  N S 162 
ILE C    C  N N 163 
ILE O    O  N N 164 
ILE CB   C  N S 165 
ILE CG1  C  N N 166 
ILE CG2  C  N N 167 
ILE CD1  C  N N 168 
ILE OXT  O  N N 169 
ILE H    H  N N 170 
ILE H2   H  N N 171 
ILE HA   H  N N 172 
ILE HB   H  N N 173 
ILE HG12 H  N N 174 
ILE HG13 H  N N 175 
ILE HG21 H  N N 176 
ILE HG22 H  N N 177 
ILE HG23 H  N N 178 
ILE HD11 H  N N 179 
ILE HD12 H  N N 180 
ILE HD13 H  N N 181 
ILE HXT  H  N N 182 
LEU N    N  N N 183 
LEU CA   C  N S 184 
LEU C    C  N N 185 
LEU O    O  N N 186 
LEU CB   C  N N 187 
LEU CG   C  N N 188 
LEU CD1  C  N N 189 
LEU CD2  C  N N 190 
LEU OXT  O  N N 191 
LEU H    H  N N 192 
LEU H2   H  N N 193 
LEU HA   H  N N 194 
LEU HB2  H  N N 195 
LEU HB3  H  N N 196 
LEU HG   H  N N 197 
LEU HD11 H  N N 198 
LEU HD12 H  N N 199 
LEU HD13 H  N N 200 
LEU HD21 H  N N 201 
LEU HD22 H  N N 202 
LEU HD23 H  N N 203 
LEU HXT  H  N N 204 
LYS N    N  N N 205 
LYS CA   C  N S 206 
LYS C    C  N N 207 
LYS O    O  N N 208 
LYS CB   C  N N 209 
LYS CG   C  N N 210 
LYS CD   C  N N 211 
LYS CE   C  N N 212 
LYS NZ   N  N N 213 
LYS OXT  O  N N 214 
LYS H    H  N N 215 
LYS H2   H  N N 216 
LYS HA   H  N N 217 
LYS HB2  H  N N 218 
LYS HB3  H  N N 219 
LYS HG2  H  N N 220 
LYS HG3  H  N N 221 
LYS HD2  H  N N 222 
LYS HD3  H  N N 223 
LYS HE2  H  N N 224 
LYS HE3  H  N N 225 
LYS HZ1  H  N N 226 
LYS HZ2  H  N N 227 
LYS HZ3  H  N N 228 
LYS HXT  H  N N 229 
MET N    N  N N 230 
MET CA   C  N S 231 
MET C    C  N N 232 
MET O    O  N N 233 
MET CB   C  N N 234 
MET CG   C  N N 235 
MET SD   S  N N 236 
MET CE   C  N N 237 
MET OXT  O  N N 238 
MET H    H  N N 239 
MET H2   H  N N 240 
MET HA   H  N N 241 
MET HB2  H  N N 242 
MET HB3  H  N N 243 
MET HG2  H  N N 244 
MET HG3  H  N N 245 
MET HE1  H  N N 246 
MET HE2  H  N N 247 
MET HE3  H  N N 248 
MET HXT  H  N N 249 
MSE N    N  N N 250 
MSE CA   C  N S 251 
MSE C    C  N N 252 
MSE O    O  N N 253 
MSE OXT  O  N N 254 
MSE CB   C  N N 255 
MSE CG   C  N N 256 
MSE SE   SE N N 257 
MSE CE   C  N N 258 
MSE H    H  N N 259 
MSE H2   H  N N 260 
MSE HA   H  N N 261 
MSE HXT  H  N N 262 
MSE HB2  H  N N 263 
MSE HB3  H  N N 264 
MSE HG2  H  N N 265 
MSE HG3  H  N N 266 
MSE HE1  H  N N 267 
MSE HE2  H  N N 268 
MSE HE3  H  N N 269 
PHE N    N  N N 270 
PHE CA   C  N S 271 
PHE C    C  N N 272 
PHE O    O  N N 273 
PHE CB   C  N N 274 
PHE CG   C  Y N 275 
PHE CD1  C  Y N 276 
PHE CD2  C  Y N 277 
PHE CE1  C  Y N 278 
PHE CE2  C  Y N 279 
PHE CZ   C  Y N 280 
PHE OXT  O  N N 281 
PHE H    H  N N 282 
PHE H2   H  N N 283 
PHE HA   H  N N 284 
PHE HB2  H  N N 285 
PHE HB3  H  N N 286 
PHE HD1  H  N N 287 
PHE HD2  H  N N 288 
PHE HE1  H  N N 289 
PHE HE2  H  N N 290 
PHE HZ   H  N N 291 
PHE HXT  H  N N 292 
PRO N    N  N N 293 
PRO CA   C  N S 294 
PRO C    C  N N 295 
PRO O    O  N N 296 
PRO CB   C  N N 297 
PRO CG   C  N N 298 
PRO CD   C  N N 299 
PRO OXT  O  N N 300 
PRO H    H  N N 301 
PRO HA   H  N N 302 
PRO HB2  H  N N 303 
PRO HB3  H  N N 304 
PRO HG2  H  N N 305 
PRO HG3  H  N N 306 
PRO HD2  H  N N 307 
PRO HD3  H  N N 308 
PRO HXT  H  N N 309 
SER N    N  N N 310 
SER CA   C  N S 311 
SER C    C  N N 312 
SER O    O  N N 313 
SER CB   C  N N 314 
SER OG   O  N N 315 
SER OXT  O  N N 316 
SER H    H  N N 317 
SER H2   H  N N 318 
SER HA   H  N N 319 
SER HB2  H  N N 320 
SER HB3  H  N N 321 
SER HG   H  N N 322 
SER HXT  H  N N 323 
THR N    N  N N 324 
THR CA   C  N S 325 
THR C    C  N N 326 
THR O    O  N N 327 
THR CB   C  N R 328 
THR OG1  O  N N 329 
THR CG2  C  N N 330 
THR OXT  O  N N 331 
THR H    H  N N 332 
THR H2   H  N N 333 
THR HA   H  N N 334 
THR HB   H  N N 335 
THR HG1  H  N N 336 
THR HG21 H  N N 337 
THR HG22 H  N N 338 
THR HG23 H  N N 339 
THR HXT  H  N N 340 
TRP N    N  N N 341 
TRP CA   C  N S 342 
TRP C    C  N N 343 
TRP O    O  N N 344 
TRP CB   C  N N 345 
TRP CG   C  Y N 346 
TRP CD1  C  Y N 347 
TRP CD2  C  Y N 348 
TRP NE1  N  Y N 349 
TRP CE2  C  Y N 350 
TRP CE3  C  Y N 351 
TRP CZ2  C  Y N 352 
TRP CZ3  C  Y N 353 
TRP CH2  C  Y N 354 
TRP OXT  O  N N 355 
TRP H    H  N N 356 
TRP H2   H  N N 357 
TRP HA   H  N N 358 
TRP HB2  H  N N 359 
TRP HB3  H  N N 360 
TRP HD1  H  N N 361 
TRP HE1  H  N N 362 
TRP HE3  H  N N 363 
TRP HZ2  H  N N 364 
TRP HZ3  H  N N 365 
TRP HH2  H  N N 366 
TRP HXT  H  N N 367 
TYR N    N  N N 368 
TYR CA   C  N S 369 
TYR C    C  N N 370 
TYR O    O  N N 371 
TYR CB   C  N N 372 
TYR CG   C  Y N 373 
TYR CD1  C  Y N 374 
TYR CD2  C  Y N 375 
TYR CE1  C  Y N 376 
TYR CE2  C  Y N 377 
TYR CZ   C  Y N 378 
TYR OH   O  N N 379 
TYR OXT  O  N N 380 
TYR H    H  N N 381 
TYR H2   H  N N 382 
TYR HA   H  N N 383 
TYR HB2  H  N N 384 
TYR HB3  H  N N 385 
TYR HD1  H  N N 386 
TYR HD2  H  N N 387 
TYR HE1  H  N N 388 
TYR HE2  H  N N 389 
TYR HH   H  N N 390 
TYR HXT  H  N N 391 
VAL N    N  N N 392 
VAL CA   C  N S 393 
VAL C    C  N N 394 
VAL O    O  N N 395 
VAL CB   C  N N 396 
VAL CG1  C  N N 397 
VAL CG2  C  N N 398 
VAL OXT  O  N N 399 
VAL H    H  N N 400 
VAL H2   H  N N 401 
VAL HA   H  N N 402 
VAL HB   H  N N 403 
VAL HG11 H  N N 404 
VAL HG12 H  N N 405 
VAL HG13 H  N N 406 
VAL HG21 H  N N 407 
VAL HG22 H  N N 408 
VAL HG23 H  N N 409 
VAL HXT  H  N N 410 
# 
loop_
_chem_comp_bond.comp_id 
_chem_comp_bond.atom_id_1 
_chem_comp_bond.atom_id_2 
_chem_comp_bond.value_order 
_chem_comp_bond.pdbx_aromatic_flag 
_chem_comp_bond.pdbx_stereo_config 
_chem_comp_bond.pdbx_ordinal 
ALA N   CA   sing N N 1   
ALA N   H    sing N N 2   
ALA N   H2   sing N N 3   
ALA CA  C    sing N N 4   
ALA CA  CB   sing N N 5   
ALA CA  HA   sing N N 6   
ALA C   O    doub N N 7   
ALA C   OXT  sing N N 8   
ALA CB  HB1  sing N N 9   
ALA CB  HB2  sing N N 10  
ALA CB  HB3  sing N N 11  
ALA OXT HXT  sing N N 12  
ARG N   CA   sing N N 13  
ARG N   H    sing N N 14  
ARG N   H2   sing N N 15  
ARG CA  C    sing N N 16  
ARG CA  CB   sing N N 17  
ARG CA  HA   sing N N 18  
ARG C   O    doub N N 19  
ARG C   OXT  sing N N 20  
ARG CB  CG   sing N N 21  
ARG CB  HB2  sing N N 22  
ARG CB  HB3  sing N N 23  
ARG CG  CD   sing N N 24  
ARG CG  HG2  sing N N 25  
ARG CG  HG3  sing N N 26  
ARG CD  NE   sing N N 27  
ARG CD  HD2  sing N N 28  
ARG CD  HD3  sing N N 29  
ARG NE  CZ   sing N N 30  
ARG NE  HE   sing N N 31  
ARG CZ  NH1  sing N N 32  
ARG CZ  NH2  doub N N 33  
ARG NH1 HH11 sing N N 34  
ARG NH1 HH12 sing N N 35  
ARG NH2 HH21 sing N N 36  
ARG NH2 HH22 sing N N 37  
ARG OXT HXT  sing N N 38  
ASN N   CA   sing N N 39  
ASN N   H    sing N N 40  
ASN N   H2   sing N N 41  
ASN CA  C    sing N N 42  
ASN CA  CB   sing N N 43  
ASN CA  HA   sing N N 44  
ASN C   O    doub N N 45  
ASN C   OXT  sing N N 46  
ASN CB  CG   sing N N 47  
ASN CB  HB2  sing N N 48  
ASN CB  HB3  sing N N 49  
ASN CG  OD1  doub N N 50  
ASN CG  ND2  sing N N 51  
ASN ND2 HD21 sing N N 52  
ASN ND2 HD22 sing N N 53  
ASN OXT HXT  sing N N 54  
ASP N   CA   sing N N 55  
ASP N   H    sing N N 56  
ASP N   H2   sing N N 57  
ASP CA  C    sing N N 58  
ASP CA  CB   sing N N 59  
ASP CA  HA   sing N N 60  
ASP C   O    doub N N 61  
ASP C   OXT  sing N N 62  
ASP CB  CG   sing N N 63  
ASP CB  HB2  sing N N 64  
ASP CB  HB3  sing N N 65  
ASP CG  OD1  doub N N 66  
ASP CG  OD2  sing N N 67  
ASP OD2 HD2  sing N N 68  
ASP OXT HXT  sing N N 69  
CYS N   CA   sing N N 70  
CYS N   H    sing N N 71  
CYS N   H2   sing N N 72  
CYS CA  C    sing N N 73  
CYS CA  CB   sing N N 74  
CYS CA  HA   sing N N 75  
CYS C   O    doub N N 76  
CYS C   OXT  sing N N 77  
CYS CB  SG   sing N N 78  
CYS CB  HB2  sing N N 79  
CYS CB  HB3  sing N N 80  
CYS SG  HG   sing N N 81  
CYS OXT HXT  sing N N 82  
GLN N   CA   sing N N 83  
GLN N   H    sing N N 84  
GLN N   H2   sing N N 85  
GLN CA  C    sing N N 86  
GLN CA  CB   sing N N 87  
GLN CA  HA   sing N N 88  
GLN C   O    doub N N 89  
GLN C   OXT  sing N N 90  
GLN CB  CG   sing N N 91  
GLN CB  HB2  sing N N 92  
GLN CB  HB3  sing N N 93  
GLN CG  CD   sing N N 94  
GLN CG  HG2  sing N N 95  
GLN CG  HG3  sing N N 96  
GLN CD  OE1  doub N N 97  
GLN CD  NE2  sing N N 98  
GLN NE2 HE21 sing N N 99  
GLN NE2 HE22 sing N N 100 
GLN OXT HXT  sing N N 101 
GLU N   CA   sing N N 102 
GLU N   H    sing N N 103 
GLU N   H2   sing N N 104 
GLU CA  C    sing N N 105 
GLU CA  CB   sing N N 106 
GLU CA  HA   sing N N 107 
GLU C   O    doub N N 108 
GLU C   OXT  sing N N 109 
GLU CB  CG   sing N N 110 
GLU CB  HB2  sing N N 111 
GLU CB  HB3  sing N N 112 
GLU CG  CD   sing N N 113 
GLU CG  HG2  sing N N 114 
GLU CG  HG3  sing N N 115 
GLU CD  OE1  doub N N 116 
GLU CD  OE2  sing N N 117 
GLU OE2 HE2  sing N N 118 
GLU OXT HXT  sing N N 119 
GLY N   CA   sing N N 120 
GLY N   H    sing N N 121 
GLY N   H2   sing N N 122 
GLY CA  C    sing N N 123 
GLY CA  HA2  sing N N 124 
GLY CA  HA3  sing N N 125 
GLY C   O    doub N N 126 
GLY C   OXT  sing N N 127 
GLY OXT HXT  sing N N 128 
HIS N   CA   sing N N 129 
HIS N   H    sing N N 130 
HIS N   H2   sing N N 131 
HIS CA  C    sing N N 132 
HIS CA  CB   sing N N 133 
HIS CA  HA   sing N N 134 
HIS C   O    doub N N 135 
HIS C   OXT  sing N N 136 
HIS CB  CG   sing N N 137 
HIS CB  HB2  sing N N 138 
HIS CB  HB3  sing N N 139 
HIS CG  ND1  sing Y N 140 
HIS CG  CD2  doub Y N 141 
HIS ND1 CE1  doub Y N 142 
HIS ND1 HD1  sing N N 143 
HIS CD2 NE2  sing Y N 144 
HIS CD2 HD2  sing N N 145 
HIS CE1 NE2  sing Y N 146 
HIS CE1 HE1  sing N N 147 
HIS NE2 HE2  sing N N 148 
HIS OXT HXT  sing N N 149 
HOH O   H1   sing N N 150 
HOH O   H2   sing N N 151 
ILE N   CA   sing N N 152 
ILE N   H    sing N N 153 
ILE N   H2   sing N N 154 
ILE CA  C    sing N N 155 
ILE CA  CB   sing N N 156 
ILE CA  HA   sing N N 157 
ILE C   O    doub N N 158 
ILE C   OXT  sing N N 159 
ILE CB  CG1  sing N N 160 
ILE CB  CG2  sing N N 161 
ILE CB  HB   sing N N 162 
ILE CG1 CD1  sing N N 163 
ILE CG1 HG12 sing N N 164 
ILE CG1 HG13 sing N N 165 
ILE CG2 HG21 sing N N 166 
ILE CG2 HG22 sing N N 167 
ILE CG2 HG23 sing N N 168 
ILE CD1 HD11 sing N N 169 
ILE CD1 HD12 sing N N 170 
ILE CD1 HD13 sing N N 171 
ILE OXT HXT  sing N N 172 
LEU N   CA   sing N N 173 
LEU N   H    sing N N 174 
LEU N   H2   sing N N 175 
LEU CA  C    sing N N 176 
LEU CA  CB   sing N N 177 
LEU CA  HA   sing N N 178 
LEU C   O    doub N N 179 
LEU C   OXT  sing N N 180 
LEU CB  CG   sing N N 181 
LEU CB  HB2  sing N N 182 
LEU CB  HB3  sing N N 183 
LEU CG  CD1  sing N N 184 
LEU CG  CD2  sing N N 185 
LEU CG  HG   sing N N 186 
LEU CD1 HD11 sing N N 187 
LEU CD1 HD12 sing N N 188 
LEU CD1 HD13 sing N N 189 
LEU CD2 HD21 sing N N 190 
LEU CD2 HD22 sing N N 191 
LEU CD2 HD23 sing N N 192 
LEU OXT HXT  sing N N 193 
LYS N   CA   sing N N 194 
LYS N   H    sing N N 195 
LYS N   H2   sing N N 196 
LYS CA  C    sing N N 197 
LYS CA  CB   sing N N 198 
LYS CA  HA   sing N N 199 
LYS C   O    doub N N 200 
LYS C   OXT  sing N N 201 
LYS CB  CG   sing N N 202 
LYS CB  HB2  sing N N 203 
LYS CB  HB3  sing N N 204 
LYS CG  CD   sing N N 205 
LYS CG  HG2  sing N N 206 
LYS CG  HG3  sing N N 207 
LYS CD  CE   sing N N 208 
LYS CD  HD2  sing N N 209 
LYS CD  HD3  sing N N 210 
LYS CE  NZ   sing N N 211 
LYS CE  HE2  sing N N 212 
LYS CE  HE3  sing N N 213 
LYS NZ  HZ1  sing N N 214 
LYS NZ  HZ2  sing N N 215 
LYS NZ  HZ3  sing N N 216 
LYS OXT HXT  sing N N 217 
MET N   CA   sing N N 218 
MET N   H    sing N N 219 
MET N   H2   sing N N 220 
MET CA  C    sing N N 221 
MET CA  CB   sing N N 222 
MET CA  HA   sing N N 223 
MET C   O    doub N N 224 
MET C   OXT  sing N N 225 
MET CB  CG   sing N N 226 
MET CB  HB2  sing N N 227 
MET CB  HB3  sing N N 228 
MET CG  SD   sing N N 229 
MET CG  HG2  sing N N 230 
MET CG  HG3  sing N N 231 
MET SD  CE   sing N N 232 
MET CE  HE1  sing N N 233 
MET CE  HE2  sing N N 234 
MET CE  HE3  sing N N 235 
MET OXT HXT  sing N N 236 
MSE N   CA   sing N N 237 
MSE N   H    sing N N 238 
MSE N   H2   sing N N 239 
MSE CA  C    sing N N 240 
MSE CA  CB   sing N N 241 
MSE CA  HA   sing N N 242 
MSE C   O    doub N N 243 
MSE C   OXT  sing N N 244 
MSE OXT HXT  sing N N 245 
MSE CB  CG   sing N N 246 
MSE CB  HB2  sing N N 247 
MSE CB  HB3  sing N N 248 
MSE CG  SE   sing N N 249 
MSE CG  HG2  sing N N 250 
MSE CG  HG3  sing N N 251 
MSE SE  CE   sing N N 252 
MSE CE  HE1  sing N N 253 
MSE CE  HE2  sing N N 254 
MSE CE  HE3  sing N N 255 
PHE N   CA   sing N N 256 
PHE N   H    sing N N 257 
PHE N   H2   sing N N 258 
PHE CA  C    sing N N 259 
PHE CA  CB   sing N N 260 
PHE CA  HA   sing N N 261 
PHE C   O    doub N N 262 
PHE C   OXT  sing N N 263 
PHE CB  CG   sing N N 264 
PHE CB  HB2  sing N N 265 
PHE CB  HB3  sing N N 266 
PHE CG  CD1  doub Y N 267 
PHE CG  CD2  sing Y N 268 
PHE CD1 CE1  sing Y N 269 
PHE CD1 HD1  sing N N 270 
PHE CD2 CE2  doub Y N 271 
PHE CD2 HD2  sing N N 272 
PHE CE1 CZ   doub Y N 273 
PHE CE1 HE1  sing N N 274 
PHE CE2 CZ   sing Y N 275 
PHE CE2 HE2  sing N N 276 
PHE CZ  HZ   sing N N 277 
PHE OXT HXT  sing N N 278 
PRO N   CA   sing N N 279 
PRO N   CD   sing N N 280 
PRO N   H    sing N N 281 
PRO CA  C    sing N N 282 
PRO CA  CB   sing N N 283 
PRO CA  HA   sing N N 284 
PRO C   O    doub N N 285 
PRO C   OXT  sing N N 286 
PRO CB  CG   sing N N 287 
PRO CB  HB2  sing N N 288 
PRO CB  HB3  sing N N 289 
PRO CG  CD   sing N N 290 
PRO CG  HG2  sing N N 291 
PRO CG  HG3  sing N N 292 
PRO CD  HD2  sing N N 293 
PRO CD  HD3  sing N N 294 
PRO OXT HXT  sing N N 295 
SER N   CA   sing N N 296 
SER N   H    sing N N 297 
SER N   H2   sing N N 298 
SER CA  C    sing N N 299 
SER CA  CB   sing N N 300 
SER CA  HA   sing N N 301 
SER C   O    doub N N 302 
SER C   OXT  sing N N 303 
SER CB  OG   sing N N 304 
SER CB  HB2  sing N N 305 
SER CB  HB3  sing N N 306 
SER OG  HG   sing N N 307 
SER OXT HXT  sing N N 308 
THR N   CA   sing N N 309 
THR N   H    sing N N 310 
THR N   H2   sing N N 311 
THR CA  C    sing N N 312 
THR CA  CB   sing N N 313 
THR CA  HA   sing N N 314 
THR C   O    doub N N 315 
THR C   OXT  sing N N 316 
THR CB  OG1  sing N N 317 
THR CB  CG2  sing N N 318 
THR CB  HB   sing N N 319 
THR OG1 HG1  sing N N 320 
THR CG2 HG21 sing N N 321 
THR CG2 HG22 sing N N 322 
THR CG2 HG23 sing N N 323 
THR OXT HXT  sing N N 324 
TRP N   CA   sing N N 325 
TRP N   H    sing N N 326 
TRP N   H2   sing N N 327 
TRP CA  C    sing N N 328 
TRP CA  CB   sing N N 329 
TRP CA  HA   sing N N 330 
TRP C   O    doub N N 331 
TRP C   OXT  sing N N 332 
TRP CB  CG   sing N N 333 
TRP CB  HB2  sing N N 334 
TRP CB  HB3  sing N N 335 
TRP CG  CD1  doub Y N 336 
TRP CG  CD2  sing Y N 337 
TRP CD1 NE1  sing Y N 338 
TRP CD1 HD1  sing N N 339 
TRP CD2 CE2  doub Y N 340 
TRP CD2 CE3  sing Y N 341 
TRP NE1 CE2  sing Y N 342 
TRP NE1 HE1  sing N N 343 
TRP CE2 CZ2  sing Y N 344 
TRP CE3 CZ3  doub Y N 345 
TRP CE3 HE3  sing N N 346 
TRP CZ2 CH2  doub Y N 347 
TRP CZ2 HZ2  sing N N 348 
TRP CZ3 CH2  sing Y N 349 
TRP CZ3 HZ3  sing N N 350 
TRP CH2 HH2  sing N N 351 
TRP OXT HXT  sing N N 352 
TYR N   CA   sing N N 353 
TYR N   H    sing N N 354 
TYR N   H2   sing N N 355 
TYR CA  C    sing N N 356 
TYR CA  CB   sing N N 357 
TYR CA  HA   sing N N 358 
TYR C   O    doub N N 359 
TYR C   OXT  sing N N 360 
TYR CB  CG   sing N N 361 
TYR CB  HB2  sing N N 362 
TYR CB  HB3  sing N N 363 
TYR CG  CD1  doub Y N 364 
TYR CG  CD2  sing Y N 365 
TYR CD1 CE1  sing Y N 366 
TYR CD1 HD1  sing N N 367 
TYR CD2 CE2  doub Y N 368 
TYR CD2 HD2  sing N N 369 
TYR CE1 CZ   doub Y N 370 
TYR CE1 HE1  sing N N 371 
TYR CE2 CZ   sing Y N 372 
TYR CE2 HE2  sing N N 373 
TYR CZ  OH   sing N N 374 
TYR OH  HH   sing N N 375 
TYR OXT HXT  sing N N 376 
VAL N   CA   sing N N 377 
VAL N   H    sing N N 378 
VAL N   H2   sing N N 379 
VAL CA  C    sing N N 380 
VAL CA  CB   sing N N 381 
VAL CA  HA   sing N N 382 
VAL C   O    doub N N 383 
VAL C   OXT  sing N N 384 
VAL CB  CG1  sing N N 385 
VAL CB  CG2  sing N N 386 
VAL CB  HB   sing N N 387 
VAL CG1 HG11 sing N N 388 
VAL CG1 HG12 sing N N 389 
VAL CG1 HG13 sing N N 390 
VAL CG2 HG21 sing N N 391 
VAL CG2 HG22 sing N N 392 
VAL CG2 HG23 sing N N 393 
VAL OXT HXT  sing N N 394 
# 
_atom_sites.entry_id                    1Y0K 
_atom_sites.fract_transf_matrix[1][1]   0.00387923 
_atom_sites.fract_transf_matrix[1][2]   -0.01559769 
_atom_sites.fract_transf_matrix[1][3]   0.00271731 
_atom_sites.fract_transf_matrix[2][1]   0.01704695 
_atom_sites.fract_transf_matrix[2][2]   0.00308578 
_atom_sites.fract_transf_matrix[2][3]   -0.00662349 
_atom_sites.fract_transf_matrix[3][1]   0.00806245 
_atom_sites.fract_transf_matrix[3][2]   -0.00541916 
_atom_sites.fract_transf_matrix[3][3]   0.01822570 
_atom_sites.fract_transf_vector[1]      0.301630 
_atom_sites.fract_transf_vector[2]      0.665314 
_atom_sites.fract_transf_vector[3]      0.235653 
# 
loop_
_atom_type.symbol 
C  
N  
O  
S  
SE 
# 
loop_
_atom_site.group_PDB 
_atom_site.id 
_atom_site.type_symbol 
_atom_site.label_atom_id 
_atom_site.label_alt_id 
_atom_site.label_comp_id 
_atom_site.label_asym_id 
_atom_site.label_entity_id 
_atom_site.label_seq_id 
_atom_site.pdbx_PDB_ins_code 
_atom_site.Cartn_x 
_atom_site.Cartn_y 
_atom_site.Cartn_z 
_atom_site.occupancy 
_atom_site.B_iso_or_equiv 
_atom_site.pdbx_formal_charge 
_atom_site.auth_seq_id 
_atom_site.auth_comp_id 
_atom_site.auth_asym_id 
_atom_site.auth_atom_id 
_atom_site.pdbx_PDB_model_num 
HETATM 1    N  N   . MSE A 1 1   ? -4.903  -4.958  27.799  1.00 28.03  ? 1   MSE A N   1 
HETATM 2    C  CA  . MSE A 1 1   ? -5.859  -3.859  27.471  1.00 27.21  ? 1   MSE A CA  1 
HETATM 3    C  C   . MSE A 1 1   ? -7.166  -4.481  27.032  1.00 27.03  ? 1   MSE A C   1 
HETATM 4    O  O   . MSE A 1 1   ? -7.174  -5.441  26.237  1.00 26.58  ? 1   MSE A O   1 
HETATM 5    C  CB  . MSE A 1 1   ? -5.297  -2.982  26.351  1.00 27.84  ? 1   MSE A CB  1 
HETATM 6    C  CG  . MSE A 1 1   ? -5.831  -1.552  26.322  1.00 27.75  ? 1   MSE A CG  1 
HETATM 7    SE SE  . MSE A 1 1   ? -5.233  -0.550  24.935  1.00 26.66  ? 1   MSE A SE  1 
HETATM 8    C  CE  . MSE A 1 1   ? -3.467  -0.539  25.192  1.00 25.82  ? 1   MSE A CE  1 
ATOM   9    N  N   . ASN A 1 2   ? -8.275  -3.949  27.545  1.00 26.05  ? 2   ASN A N   1 
ATOM   10   C  CA  . ASN A 1 2   ? -9.584  -4.411  27.103  1.00 25.75  ? 2   ASN A CA  1 
ATOM   11   C  C   . ASN A 1 2   ? -9.726  -4.127  25.608  1.00 25.53  ? 2   ASN A C   1 
ATOM   12   O  O   . ASN A 1 2   ? -9.062  -3.230  25.079  1.00 24.73  ? 2   ASN A O   1 
ATOM   13   C  CB  . ASN A 1 2   ? -10.715 -3.780  27.931  1.00 25.41  ? 2   ASN A CB  1 
ATOM   14   C  CG  . ASN A 1 2   ? -10.719 -2.267  27.865  1.00 25.22  ? 2   ASN A CG  1 
ATOM   15   O  OD1 . ASN A 1 2   ? -10.135 -1.587  28.717  1.00 25.02  ? 2   ASN A OD1 1 
ATOM   16   N  ND2 . ASN A 1 2   ? -11.384 -1.729  26.852  1.00 23.08  ? 2   ASN A ND2 1 
ATOM   17   N  N   . GLU A 1 3   ? -10.555 -4.914  24.927  1.00 25.49  ? 3   GLU A N   1 
ATOM   18   C  CA  . GLU A 1 3   ? -10.653 -4.812  23.464  1.00 25.87  ? 3   GLU A CA  1 
ATOM   19   C  C   . GLU A 1 3   ? -11.117 -3.434  22.986  1.00 24.96  ? 3   GLU A C   1 
ATOM   20   O  O   . GLU A 1 3   ? -10.607 -2.910  21.983  1.00 24.95  ? 3   GLU A O   1 
ATOM   21   C  CB  . GLU A 1 3   ? -11.567 -5.908  22.904  1.00 26.59  ? 3   GLU A CB  1 
ATOM   22   C  CG  . GLU A 1 3   ? -11.653 -5.897  21.382  1.00 29.83  ? 3   GLU A CG  1 
ATOM   23   C  CD  . GLU A 1 3   ? -12.815 -6.712  20.832  1.00 34.29  ? 3   GLU A CD  1 
ATOM   24   O  OE1 . GLU A 1 3   ? -13.765 -7.021  21.585  1.00 36.13  ? 3   GLU A OE1 1 
ATOM   25   O  OE2 . GLU A 1 3   ? -12.780 -7.031  19.625  1.00 36.50  ? 3   GLU A OE2 1 
ATOM   26   N  N   . ALA A 1 4   ? -12.086 -2.859  23.699  1.00 23.99  ? 4   ALA A N   1 
ATOM   27   C  CA  . ALA A 1 4   ? -12.664 -1.567  23.334  1.00 23.09  ? 4   ALA A CA  1 
ATOM   28   C  C   . ALA A 1 4   ? -11.583 -0.498  23.308  1.00 22.15  ? 4   ALA A C   1 
ATOM   29   O  O   . ALA A 1 4   ? -11.483 0.274   22.357  1.00 21.82  ? 4   ALA A O   1 
ATOM   30   C  CB  . ALA A 1 4   ? -13.763 -1.186  24.302  1.00 23.37  ? 4   ALA A CB  1 
ATOM   31   N  N   . ASP A 1 5   ? -10.750 -0.475  24.344  1.00 21.40  ? 5   ASP A N   1 
ATOM   32   C  CA  . ASP A 1 5   ? -9.691  0.521   24.420  1.00 21.42  ? 5   ASP A CA  1 
ATOM   33   C  C   . ASP A 1 5   ? -8.597  0.244   23.386  1.00 21.34  ? 5   ASP A C   1 
ATOM   34   O  O   . ASP A 1 5   ? -7.992  1.179   22.871  1.00 21.52  ? 5   ASP A O   1 
ATOM   35   C  CB  . ASP A 1 5   ? -9.124  0.645   25.838  1.00 20.67  ? 5   ASP A CB  1 
ATOM   36   C  CG  . ASP A 1 5   ? -10.016 1.484   26.767  1.00 21.19  ? 5   ASP A CG  1 
ATOM   37   O  OD1 . ASP A 1 5   ? -10.855 2.282   26.269  1.00 20.85  ? 5   ASP A OD1 1 
ATOM   38   O  OD2 . ASP A 1 5   ? -9.870  1.344   28.007  1.00 20.30  ? 5   ASP A OD2 1 
ATOM   39   N  N   . TYR A 1 6   ? -8.373  -1.029  23.059  1.00 21.93  ? 6   TYR A N   1 
ATOM   40   C  CA  . TYR A 1 6   ? -7.387  -1.357  22.005  1.00 21.83  ? 6   TYR A CA  1 
ATOM   41   C  C   . TYR A 1 6   ? -7.854  -0.870  20.630  1.00 21.42  ? 6   TYR A C   1 
ATOM   42   O  O   . TYR A 1 6   ? -7.086  -0.267  19.874  1.00 20.63  ? 6   TYR A O   1 
ATOM   43   C  CB  . TYR A 1 6   ? -7.043  -2.852  21.965  1.00 22.96  ? 6   TYR A CB  1 
ATOM   44   C  CG  . TYR A 1 6   ? -5.898  -3.160  21.012  1.00 24.26  ? 6   TYR A CG  1 
ATOM   45   C  CD1 . TYR A 1 6   ? -4.639  -2.586  21.195  1.00 24.90  ? 6   TYR A CD1 1 
ATOM   46   C  CD2 . TYR A 1 6   ? -6.083  -4.016  19.920  1.00 25.88  ? 6   TYR A CD2 1 
ATOM   47   C  CE1 . TYR A 1 6   ? -3.582  -2.850  20.315  1.00 25.92  ? 6   TYR A CE1 1 
ATOM   48   C  CE2 . TYR A 1 6   ? -5.030  -4.297  19.038  1.00 26.28  ? 6   TYR A CE2 1 
ATOM   49   C  CZ  . TYR A 1 6   ? -3.784  -3.707  19.245  1.00 25.85  ? 6   TYR A CZ  1 
ATOM   50   O  OH  . TYR A 1 6   ? -2.733  -3.964  18.384  1.00 26.73  ? 6   TYR A OH  1 
ATOM   51   N  N   . LEU A 1 7   ? -9.123  -1.111  20.327  1.00 20.79  ? 7   LEU A N   1 
ATOM   52   C  CA  . LEU A 1 7   ? -9.709  -0.639  19.077  1.00 20.86  ? 7   LEU A CA  1 
ATOM   53   C  C   . LEU A 1 7   ? -9.709  0.893   19.028  1.00 20.55  ? 7   LEU A C   1 
ATOM   54   O  O   . LEU A 1 7   ? -9.486  1.484   17.963  1.00 20.19  ? 7   LEU A O   1 
ATOM   55   C  CB  . LEU A 1 7   ? -11.127 -1.196  18.914  1.00 20.92  ? 7   LEU A CB  1 
ATOM   56   C  CG  . LEU A 1 7   ? -11.285 -2.679  18.569  1.00 21.93  ? 7   LEU A CG  1 
ATOM   57   C  CD1 . LEU A 1 7   ? -12.737 -3.104  18.686  1.00 24.10  ? 7   LEU A CD1 1 
ATOM   58   C  CD2 . LEU A 1 7   ? -10.750 -2.965  17.160  1.00 22.66  ? 7   LEU A CD2 1 
ATOM   59   N  N   . ARG A 1 8   ? -9.950  1.534   20.177  1.00 20.10  ? 8   ARG A N   1 
ATOM   60   C  CA  . ARG A 1 8   ? -9.829  2.996   20.284  1.00 19.75  ? 8   ARG A CA  1 
ATOM   61   C  C   . ARG A 1 8   ? -8.416  3.480   19.965  1.00 19.15  ? 8   ARG A C   1 
ATOM   62   O  O   . ARG A 1 8   ? -8.244  4.471   19.259  1.00 19.10  ? 8   ARG A O   1 
ATOM   63   C  CB  . ARG A 1 8   ? -10.227 3.490   21.672  1.00 20.15  ? 8   ARG A CB  1 
ATOM   64   C  CG  . ARG A 1 8   ? -11.718 3.622   21.856  1.00 21.59  ? 8   ARG A CG  1 
ATOM   65   C  CD  . ARG A 1 8   ? -12.068 4.114   23.256  1.00 22.88  ? 8   ARG A CD  1 
ATOM   66   N  NE  . ARG A 1 8   ? -13.508 4.024   23.439  1.00 24.70  ? 8   ARG A NE  1 
ATOM   67   C  CZ  . ARG A 1 8   ? -14.129 3.148   24.222  1.00 26.17  ? 8   ARG A CZ  1 
ATOM   68   N  NH1 . ARG A 1 8   ? -13.444 2.287   24.970  1.00 24.48  ? 8   ARG A NH1 1 
ATOM   69   N  NH2 . ARG A 1 8   ? -15.456 3.156   24.274  1.00 28.31  ? 8   ARG A NH2 1 
ATOM   70   N  N   . LEU A 1 9   ? -7.413  2.783   20.495  1.00 18.67  ? 9   LEU A N   1 
ATOM   71   C  CA  . LEU A 1 9   ? -6.020  3.090   20.201  1.00 18.89  ? 9   LEU A CA  1 
ATOM   72   C  C   . LEU A 1 9   ? -5.802  3.026   18.685  1.00 18.44  ? 9   LEU A C   1 
ATOM   73   O  O   . LEU A 1 9   ? -5.229  3.934   18.092  1.00 17.95  ? 9   LEU A O   1 
ATOM   74   C  CB  . LEU A 1 9   ? -5.093  2.082   20.906  1.00 19.47  ? 9   LEU A CB  1 
ATOM   75   C  CG  . LEU A 1 9   ? -3.581  2.334   20.959  1.00 21.42  ? 9   LEU A CG  1 
ATOM   76   C  CD1 . LEU A 1 9   ? -2.914  1.295   21.875  1.00 23.05  ? 9   LEU A CD1 1 
ATOM   77   C  CD2 . LEU A 1 9   ? -2.938  2.305   19.587  1.00 24.73  ? 9   LEU A CD2 1 
ATOM   78   N  N   . LEU A 1 10  ? -6.261  1.947   18.062  1.00 18.32  ? 10  LEU A N   1 
ATOM   79   C  CA  . LEU A 1 10  ? -6.073  1.797   16.617  1.00 18.36  ? 10  LEU A CA  1 
ATOM   80   C  C   . LEU A 1 10  ? -6.822  2.870   15.809  1.00 18.54  ? 10  LEU A C   1 
ATOM   81   O  O   . LEU A 1 10  ? -6.339  3.319   14.771  1.00 18.70  ? 10  LEU A O   1 
ATOM   82   C  CB  . LEU A 1 10  ? -6.454  0.388   16.164  1.00 18.68  ? 10  LEU A CB  1 
ATOM   83   C  CG  . LEU A 1 10  ? -5.647  -0.756  16.781  1.00 18.33  ? 10  LEU A CG  1 
ATOM   84   C  CD1 . LEU A 1 10  ? -6.182  -2.087  16.287  1.00 20.66  ? 10  LEU A CD1 1 
ATOM   85   C  CD2 . LEU A 1 10  ? -4.144  -0.624  16.451  1.00 19.55  ? 10  LEU A CD2 1 
ATOM   86   N  N   . THR A 1 11  ? -7.983  3.295   16.306  1.00 18.67  ? 11  THR A N   1 
ATOM   87   C  CA  . THR A 1 11  ? -8.724  4.404   15.695  1.00 19.10  ? 11  THR A CA  1 
ATOM   88   C  C   . THR A 1 11  ? -7.979  5.741   15.803  1.00 19.01  ? 11  THR A C   1 
ATOM   89   O  O   . THR A 1 11  ? -7.915  6.492   14.830  1.00 18.95  ? 11  THR A O   1 
ATOM   90   C  CB  . THR A 1 11  ? -10.169 4.510   16.261  1.00 19.51  ? 11  THR A CB  1 
ATOM   91   O  OG1 . THR A 1 11  ? -10.796 3.225   16.204  1.00 20.06  ? 11  THR A OG1 1 
ATOM   92   C  CG2 . THR A 1 11  ? -11.006 5.496   15.450  1.00 20.71  ? 11  THR A CG2 1 
ATOM   93   N  N   . ARG A 1 12  ? -7.421  6.045   16.976  1.00 18.74  ? 12  ARG A N   1 
ATOM   94   C  CA  . ARG A 1 12  ? -6.634  7.278   17.144  1.00 19.02  ? 12  ARG A CA  1 
ATOM   95   C  C   . ARG A 1 12  ? -5.396  7.269   16.245  1.00 18.86  ? 12  ARG A C   1 
ATOM   96   O  O   . ARG A 1 12  ? -5.034  8.287   15.652  1.00 18.64  ? 12  ARG A O   1 
ATOM   97   C  CB  . ARG A 1 12  ? -6.243  7.494   18.611  1.00 19.17  ? 12  ARG A CB  1 
ATOM   98   C  CG  . ARG A 1 12  ? -7.436  7.785   19.521  1.00 19.99  ? 12  ARG A CG  1 
ATOM   99   C  CD  . ARG A 1 12  ? -6.988  8.359   20.880  1.00 19.57  ? 12  ARG A CD  1 
ATOM   100  N  NE  . ARG A 1 12  ? -5.915  7.560   21.464  1.00 20.88  ? 12  ARG A NE  1 
ATOM   101  C  CZ  . ARG A 1 12  ? -6.098  6.456   22.183  1.00 19.43  ? 12  ARG A CZ  1 
ATOM   102  N  NH1 . ARG A 1 12  ? -7.326  6.006   22.440  1.00 19.46  ? 12  ARG A NH1 1 
ATOM   103  N  NH2 . ARG A 1 12  ? -5.040  5.800   22.639  1.00 19.69  ? 12  ARG A NH2 1 
ATOM   104  N  N   . GLN A 1 13  ? -4.756  6.104   16.148  1.00 18.88  ? 13  GLN A N   1 
ATOM   105  C  CA  . GLN A 1 13  ? -3.647  5.886   15.223  1.00 19.35  ? 13  GLN A CA  1 
ATOM   106  C  C   . GLN A 1 13  ? -4.051  6.203   13.770  1.00 19.54  ? 13  GLN A C   1 
ATOM   107  O  O   . GLN A 1 13  ? -3.327  6.913   13.050  1.00 18.97  ? 13  GLN A O   1 
ATOM   108  C  CB  . GLN A 1 13  ? -3.168  4.440   15.346  1.00 19.57  ? 13  GLN A CB  1 
ATOM   109  C  CG  . GLN A 1 13  ? -2.036  4.038   14.405  1.00 20.29  ? 13  GLN A CG  1 
ATOM   110  C  CD  . GLN A 1 13  ? -1.408  2.734   14.834  1.00 22.14  ? 13  GLN A CD  1 
ATOM   111  O  OE1 . GLN A 1 13  ? -0.391  2.728   15.534  1.00 24.20  ? 13  GLN A OE1 1 
ATOM   112  N  NE2 . GLN A 1 13  ? -2.024  1.619   14.449  1.00 21.25  ? 13  GLN A NE2 1 
ATOM   113  N  N   . ALA A 1 14  ? -5.203  5.683   13.350  1.00 19.88  ? 14  ALA A N   1 
ATOM   114  C  CA  . ALA A 1 14  ? -5.717  5.948   12.006  1.00 21.09  ? 14  ALA A CA  1 
ATOM   115  C  C   . ALA A 1 14  ? -5.951  7.441   11.804  1.00 22.21  ? 14  ALA A C   1 
ATOM   116  O  O   . ALA A 1 14  ? -5.590  8.011   10.763  1.00 22.27  ? 14  ALA A O   1 
ATOM   117  C  CB  . ALA A 1 14  ? -7.001  5.156   11.746  1.00 20.95  ? 14  ALA A CB  1 
ATOM   118  N  N   . GLU A 1 15  ? -6.542  8.081   12.809  1.00 23.34  ? 15  GLU A N   1 
ATOM   119  C  CA  . GLU A 1 15  ? -6.773  9.524   12.777  1.00 25.13  ? 15  GLU A CA  1 
ATOM   120  C  C   . GLU A 1 15  ? -5.476  10.307  12.589  1.00 24.77  ? 15  GLU A C   1 
ATOM   121  O  O   . GLU A 1 15  ? -5.430  11.244  11.787  1.00 25.25  ? 15  GLU A O   1 
ATOM   122  C  CB  . GLU A 1 15  ? -7.488  9.988   14.051  1.00 24.87  ? 15  GLU A CB  1 
ATOM   123  C  CG  . GLU A 1 15  ? -8.946  9.602   14.133  1.00 27.85  ? 15  GLU A CG  1 
ATOM   124  C  CD  . GLU A 1 15  ? -9.593  9.986   15.463  1.00 28.52  ? 15  GLU A CD  1 
ATOM   125  O  OE1 . GLU A 1 15  ? -8.895  10.013  16.509  1.00 33.88  ? 15  GLU A OE1 1 
ATOM   126  O  OE2 . GLU A 1 15  ? -10.814 10.253  15.466  1.00 34.07  ? 15  GLU A OE2 1 
ATOM   127  N  N   . GLN A 1 16  ? -4.429  9.910   13.313  1.00 24.93  ? 16  GLN A N   1 
ATOM   128  C  CA  . GLN A 1 16  ? -3.111  10.551  13.233  1.00 25.47  ? 16  GLN A CA  1 
ATOM   129  C  C   . GLN A 1 16  ? -2.519  10.483  11.837  1.00 24.63  ? 16  GLN A C   1 
ATOM   130  O  O   . GLN A 1 16  ? -1.965  11.468  11.351  1.00 24.30  ? 16  GLN A O   1 
ATOM   131  C  CB  . GLN A 1 16  ? -2.126  9.909   14.206  1.00 25.93  ? 16  GLN A CB  1 
ATOM   132  C  CG  . GLN A 1 16  ? -2.204  10.435  15.618  1.00 29.63  ? 16  GLN A CG  1 
ATOM   133  C  CD  . GLN A 1 16  ? -1.466  9.552   16.607  1.00 33.63  ? 16  GLN A CD  1 
ATOM   134  O  OE1 . GLN A 1 16  ? -1.933  9.342   17.727  1.00 37.33  ? 16  GLN A OE1 1 
ATOM   135  N  NE2 . GLN A 1 16  ? -0.311  9.021   16.199  1.00 35.18  ? 16  GLN A NE2 1 
ATOM   136  N  N   . ALA A 1 17  ? -2.626  9.309   11.212  1.00 23.84  ? 17  ALA A N   1 
ATOM   137  C  CA  . ALA A 1 17  ? -2.149  9.120   9.848   1.00 23.54  ? 17  ALA A CA  1 
ATOM   138  C  C   . ALA A 1 17  ? -2.909  10.034  8.884   1.00 23.25  ? 17  ALA A C   1 
ATOM   139  O  O   . ALA A 1 17  ? -2.297  10.666  8.036   1.00 22.90  ? 17  ALA A O   1 
ATOM   140  C  CB  . ALA A 1 17  ? -2.274  7.663   9.425   1.00 23.57  ? 17  ALA A CB  1 
ATOM   141  N  N   . ASN A 1 18  ? -4.234  10.107  9.031   1.00 23.14  ? 18  ASN A N   1 
ATOM   142  C  CA  . ASN A 1 18  ? -5.048  11.002  8.199   1.00 23.77  ? 18  ASN A CA  1 
ATOM   143  C  C   . ASN A 1 18  ? -4.688  12.466  8.382   1.00 24.43  ? 18  ASN A C   1 
ATOM   144  O  O   . ASN A 1 18  ? -4.595  13.209  7.406   1.00 24.11  ? 18  ASN A O   1 
ATOM   145  C  CB  . ASN A 1 18  ? -6.541  10.794  8.445   1.00 23.84  ? 18  ASN A CB  1 
ATOM   146  C  CG  . ASN A 1 18  ? -7.080  9.567   7.740   1.00 23.61  ? 18  ASN A CG  1 
ATOM   147  O  OD1 . ASN A 1 18  ? -6.408  8.978   6.891   1.00 22.83  ? 18  ASN A OD1 1 
ATOM   148  N  ND2 . ASN A 1 18  ? -8.298  9.173   8.090   1.00 24.50  ? 18  ASN A ND2 1 
ATOM   149  N  N   . ASP A 1 19  ? -4.477  12.872  9.631   1.00 24.87  ? 19  ASP A N   1 
ATOM   150  C  CA  . ASP A 1 19  ? -4.097  14.256  9.921   1.00 26.44  ? 19  ASP A CA  1 
ATOM   151  C  C   . ASP A 1 19  ? -2.796  14.619  9.212   1.00 26.48  ? 19  ASP A C   1 
ATOM   152  O  O   . ASP A 1 19  ? -2.694  15.687  8.612   1.00 26.81  ? 19  ASP A O   1 
ATOM   153  C  CB  . ASP A 1 19  ? -4.015  14.494  11.430  1.00 26.83  ? 19  ASP A CB  1 
ATOM   154  C  CG  . ASP A 1 19  ? -5.385  14.480  12.094  1.00 29.98  ? 19  ASP A CG  1 
ATOM   155  O  OD1 . ASP A 1 19  ? -6.401  14.623  11.377  1.00 33.91  ? 19  ASP A OD1 1 
ATOM   156  O  OD2 . ASP A 1 19  ? -5.454  14.329  13.335  1.00 33.99  ? 19  ASP A OD2 1 
ATOM   157  N  N   . PHE A 1 20  ? -1.827  13.710  9.239   1.00 26.85  ? 20  PHE A N   1 
ATOM   158  C  CA  . PHE A 1 20  ? -0.579  13.914  8.498   1.00 26.99  ? 20  PHE A CA  1 
ATOM   159  C  C   . PHE A 1 20  ? -0.780  14.006  6.979   1.00 26.90  ? 20  PHE A C   1 
ATOM   160  O  O   . PHE A 1 20  ? -0.256  14.923  6.329   1.00 26.54  ? 20  PHE A O   1 
ATOM   161  C  CB  . PHE A 1 20  ? 0.459   12.829  8.815   1.00 27.43  ? 20  PHE A CB  1 
ATOM   162  C  CG  . PHE A 1 20  ? 1.607   12.808  7.840   1.00 28.73  ? 20  PHE A CG  1 
ATOM   163  C  CD1 . PHE A 1 20  ? 2.628   13.755  7.926   1.00 29.76  ? 20  PHE A CD1 1 
ATOM   164  C  CD2 . PHE A 1 20  ? 1.637   11.883  6.799   1.00 29.40  ? 20  PHE A CD2 1 
ATOM   165  C  CE1 . PHE A 1 20  ? 3.675   13.760  7.008   1.00 30.23  ? 20  PHE A CE1 1 
ATOM   166  C  CE2 . PHE A 1 20  ? 2.679   11.886  5.874   1.00 29.67  ? 20  PHE A CE2 1 
ATOM   167  C  CZ  . PHE A 1 20  ? 3.702   12.819  5.985   1.00 29.75  ? 20  PHE A CZ  1 
ATOM   168  N  N   . LEU A 1 21  ? -1.522  13.057  6.412   1.00 26.55  ? 21  LEU A N   1 
ATOM   169  C  CA  . LEU A 1 21  ? -1.694  12.991  4.956   1.00 27.53  ? 21  LEU A CA  1 
ATOM   170  C  C   . LEU A 1 21  ? -2.428  14.208  4.408   1.00 28.30  ? 21  LEU A C   1 
ATOM   171  O  O   . LEU A 1 21  ? -2.075  14.730  3.348   1.00 28.36  ? 21  LEU A O   1 
ATOM   172  C  CB  . LEU A 1 21  ? -2.433  11.718  4.534   1.00 26.94  ? 21  LEU A CB  1 
ATOM   173  C  CG  . LEU A 1 21  ? -1.795  10.358  4.824   1.00 26.48  ? 21  LEU A CG  1 
ATOM   174  C  CD1 . LEU A 1 21  ? -2.768  9.251   4.452   1.00 26.45  ? 21  LEU A CD1 1 
ATOM   175  C  CD2 . LEU A 1 21  ? -0.446  10.183  4.105   1.00 25.92  ? 21  LEU A CD2 1 
ATOM   176  N  N   . SER A 1 22  ? -3.438  14.664  5.143   1.00 29.53  ? 22  SER A N   1 
ATOM   177  C  CA  . SER A 1 22  ? -4.275  15.770  4.685   1.00 30.68  ? 22  SER A CA  1 
ATOM   178  C  C   . SER A 1 22  ? -3.486  17.082  4.624   1.00 31.09  ? 22  SER A C   1 
ATOM   179  O  O   . SER A 1 22  ? -3.881  18.011  3.921   1.00 31.71  ? 22  SER A O   1 
ATOM   180  C  CB  . SER A 1 22  ? -5.512  15.912  5.580   1.00 30.85  ? 22  SER A CB  1 
ATOM   181  O  OG  . SER A 1 22  ? -5.138  16.334  6.880   1.00 32.83  ? 22  SER A OG  1 
ATOM   182  N  N   . ASN A 1 23  ? -2.362  17.143  5.333   1.00 31.08  ? 23  ASN A N   1 
ATOM   183  C  CA  . ASN A 1 23  ? -1.546  18.359  5.379   1.00 31.52  ? 23  ASN A CA  1 
ATOM   184  C  C   . ASN A 1 23  ? -0.205  18.267  4.640   1.00 31.09  ? 23  ASN A C   1 
ATOM   185  O  O   . ASN A 1 23  ? 0.494   19.271  4.486   1.00 31.43  ? 23  ASN A O   1 
ATOM   186  C  CB  . ASN A 1 23  ? -1.322  18.792  6.833   1.00 31.95  ? 23  ASN A CB  1 
ATOM   187  C  CG  . ASN A 1 23  ? -2.617  19.195  7.530   1.00 33.74  ? 23  ASN A CG  1 
ATOM   188  O  OD1 . ASN A 1 23  ? -2.888  18.761  8.651   1.00 36.70  ? 23  ASN A OD1 1 
ATOM   189  N  ND2 . ASN A 1 23  ? -3.422  20.021  6.868   1.00 34.37  ? 23  ASN A ND2 1 
ATOM   190  N  N   . ALA A 1 24  ? 0.148   17.065  4.189   1.00 30.11  ? 24  ALA A N   1 
ATOM   191  C  CA  . ALA A 1 24  ? 1.426   16.833  3.513   1.00 29.38  ? 24  ALA A CA  1 
ATOM   192  C  C   . ALA A 1 24  ? 1.371   17.282  2.055   1.00 28.79  ? 24  ALA A C   1 
ATOM   193  O  O   . ALA A 1 24  ? 0.295   17.334  1.459   1.00 28.85  ? 24  ALA A O   1 
ATOM   194  C  CB  . ALA A 1 24  ? 1.805   15.363  3.596   1.00 29.13  ? 24  ALA A CB  1 
ATOM   195  N  N   . ARG A 1 25  ? 2.534   17.605  1.493   1.00 28.64  ? 25  ARG A N   1 
ATOM   196  C  CA  . ARG A 1 25  ? 2.648   17.916  0.068   1.00 28.23  ? 25  ARG A CA  1 
ATOM   197  C  C   . ARG A 1 25  ? 2.608   16.626  -0.750  1.00 27.53  ? 25  ARG A C   1 
ATOM   198  O  O   . ARG A 1 25  ? 2.962   15.566  -0.233  1.00 26.77  ? 25  ARG A O   1 
ATOM   199  C  CB  . ARG A 1 25  ? 3.941   18.685  -0.202  1.00 28.82  ? 25  ARG A CB  1 
ATOM   200  C  CG  . ARG A 1 25  ? 3.959   20.059  0.451   1.00 31.51  ? 25  ARG A CG  1 
ATOM   201  C  CD  . ARG A 1 25  ? 5.309   20.736  0.300   1.00 35.13  ? 25  ARG A CD  1 
ATOM   202  N  NE  . ARG A 1 25  ? 5.187   22.179  0.481   1.00 38.47  ? 25  ARG A NE  1 
ATOM   203  C  CZ  . ARG A 1 25  ? 5.249   22.806  1.651   1.00 40.01  ? 25  ARG A CZ  1 
ATOM   204  N  NH1 . ARG A 1 25  ? 5.438   22.126  2.781   1.00 41.19  ? 25  ARG A NH1 1 
ATOM   205  N  NH2 . ARG A 1 25  ? 5.123   24.125  1.691   1.00 40.51  ? 25  ARG A NH2 1 
ATOM   206  N  N   . LYS A 1 26  ? 2.206   16.727  -2.022  1.00 26.70  ? 26  LYS A N   1 
ATOM   207  C  CA  . LYS A 1 26  ? 1.905   15.542  -2.847  1.00 26.48  ? 26  LYS A CA  1 
ATOM   208  C  C   . LYS A 1 26  ? 3.051   14.526  -3.011  1.00 25.65  ? 26  LYS A C   1 
ATOM   209  O  O   . LYS A 1 26  ? 2.888   13.341  -2.677  1.00 25.76  ? 26  LYS A O   1 
ATOM   210  C  CB  . LYS A 1 26  ? 1.336   15.935  -4.215  1.00 26.76  ? 26  LYS A CB  1 
ATOM   211  C  CG  . LYS A 1 26  ? 0.882   14.727  -5.032  1.00 27.42  ? 26  LYS A CG  1 
ATOM   212  C  CD  . LYS A 1 26  ? 0.336   15.104  -6.398  1.00 27.64  ? 26  LYS A CD  1 
ATOM   213  C  CE  . LYS A 1 26  ? -0.050  13.852  -7.174  1.00 29.99  ? 26  LYS A CE  1 
ATOM   214  N  NZ  . LYS A 1 26  ? 1.143   13.113  -7.671  1.00 31.63  ? 26  LYS A NZ  1 
ATOM   215  N  N   . TRP A 1 27  ? 4.193   14.965  -3.532  1.00 24.11  ? 27  TRP A N   1 
ATOM   216  C  CA  . TRP A 1 27  ? 5.287   14.023  -3.726  1.00 23.20  ? 27  TRP A CA  1 
ATOM   217  C  C   . TRP A 1 27  ? 5.861   13.552  -2.391  1.00 21.98  ? 27  TRP A C   1 
ATOM   218  O  O   . TRP A 1 27  ? 6.191   12.376  -2.229  1.00 21.78  ? 27  TRP A O   1 
ATOM   219  C  CB  . TRP A 1 27  ? 6.403   14.568  -4.628  1.00 23.33  ? 27  TRP A CB  1 
ATOM   220  C  CG  . TRP A 1 27  ? 7.284   13.427  -5.101  1.00 24.11  ? 27  TRP A CG  1 
ATOM   221  C  CD1 . TRP A 1 27  ? 6.998   12.523  -6.091  1.00 23.90  ? 27  TRP A CD1 1 
ATOM   222  C  CD2 . TRP A 1 27  ? 8.561   13.054  -4.576  1.00 23.35  ? 27  TRP A CD2 1 
ATOM   223  N  NE1 . TRP A 1 27  ? 8.024   11.619  -6.217  1.00 23.48  ? 27  TRP A NE1 1 
ATOM   224  C  CE2 . TRP A 1 27  ? 8.994   11.916  -5.298  1.00 23.91  ? 27  TRP A CE2 1 
ATOM   225  C  CE3 . TRP A 1 27  ? 9.384   13.570  -3.563  1.00 24.45  ? 27  TRP A CE3 1 
ATOM   226  C  CZ2 . TRP A 1 27  ? 10.217  11.290  -5.049  1.00 23.45  ? 27  TRP A CZ2 1 
ATOM   227  C  CZ3 . TRP A 1 27  ? 10.603  12.942  -3.314  1.00 24.42  ? 27  TRP A CZ3 1 
ATOM   228  C  CH2 . TRP A 1 27  ? 11.004  11.815  -4.052  1.00 23.80  ? 27  TRP A CH2 1 
ATOM   229  N  N   . ASP A 1 28  ? 5.953   14.464  -1.432  1.00 21.16  ? 28  ASP A N   1 
ATOM   230  C  CA  . ASP A 1 28  ? 6.417   14.107  -0.094  1.00 20.39  ? 28  ASP A CA  1 
ATOM   231  C  C   . ASP A 1 28  ? 5.526   13.016  0.533   1.00 19.58  ? 28  ASP A C   1 
ATOM   232  O  O   . ASP A 1 28  ? 6.030   12.075  1.136   1.00 18.74  ? 28  ASP A O   1 
ATOM   233  C  CB  . ASP A 1 28  ? 6.458   15.342  0.799   1.00 21.20  ? 28  ASP A CB  1 
ATOM   234  C  CG  . ASP A 1 28  ? 6.935   15.030  2.206   1.00 22.84  ? 28  ASP A CG  1 
ATOM   235  O  OD1 . ASP A 1 28  ? 8.149   14.775  2.380   1.00 24.53  ? 28  ASP A OD1 1 
ATOM   236  O  OD2 . ASP A 1 28  ? 6.095   15.060  3.132   1.00 24.71  ? 28  ASP A OD2 1 
ATOM   237  N  N   . ARG A 1 29  ? 4.216   13.161  0.371   1.00 18.56  ? 29  ARG A N   1 
ATOM   238  C  CA  . ARG A 1 29  ? 3.230   12.179  0.823   1.00 18.95  ? 29  ARG A CA  1 
ATOM   239  C  C   . ARG A 1 29  ? 3.496   10.806  0.202   1.00 17.58  ? 29  ARG A C   1 
ATOM   240  O  O   . ARG A 1 29  ? 3.482   9.786   0.893   1.00 17.00  ? 29  ARG A O   1 
ATOM   241  C  CB  . ARG A 1 29  ? 1.835   12.657  0.405   1.00 20.13  ? 29  ARG A CB  1 
ATOM   242  C  CG  . ARG A 1 29  ? 0.669   12.020  1.119   1.00 24.09  ? 29  ARG A CG  1 
ATOM   243  C  CD  . ARG A 1 29  ? -0.549  12.933  1.040   1.00 28.30  ? 29  ARG A CD  1 
ATOM   244  N  NE  . ARG A 1 29  ? -0.796  13.395  -0.323  1.00 32.05  ? 29  ARG A NE  1 
ATOM   245  C  CZ  . ARG A 1 29  ? -1.455  14.504  -0.641  1.00 33.08  ? 29  ARG A CZ  1 
ATOM   246  N  NH1 . ARG A 1 29  ? -1.948  15.302  0.308   1.00 33.30  ? 29  ARG A NH1 1 
ATOM   247  N  NH2 . ARG A 1 29  ? -1.620  14.814  -1.918  1.00 32.95  ? 29  ARG A NH2 1 
ATOM   248  N  N   . GLU A 1 30  ? 3.715   10.793  -1.110  1.00 17.11  ? 30  GLU A N   1 
ATOM   249  C  CA  . GLU A 1 30  ? 3.966   9.559   -1.849  1.00 16.36  ? 30  GLU A CA  1 
ATOM   250  C  C   . GLU A 1 30  ? 5.291   8.923   -1.444  1.00 16.22  ? 30  GLU A C   1 
ATOM   251  O  O   . GLU A 1 30  ? 5.361   7.703   -1.244  1.00 16.23  ? 30  GLU A O   1 
ATOM   252  C  CB  . GLU A 1 30  ? 3.887   9.815   -3.359  1.00 17.41  ? 30  GLU A CB  1 
ATOM   253  C  CG  . GLU A 1 30  ? 2.451   10.049  -3.817  1.00 18.23  ? 30  GLU A CG  1 
ATOM   254  C  CD  . GLU A 1 30  ? 2.329   10.940  -5.041  1.00 22.81  ? 30  GLU A CD  1 
ATOM   255  O  OE1 . GLU A 1 30  ? 3.364   11.354  -5.616  1.00 22.90  ? 30  GLU A OE1 1 
ATOM   256  O  OE2 . GLU A 1 30  ? 1.172   11.242  -5.417  1.00 23.45  ? 30  GLU A OE2 1 
ATOM   257  N  N   . ARG A 1 31  ? 6.327   9.746   -1.294  1.00 15.68  ? 31  ARG A N   1 
ATOM   258  C  CA  . ARG A 1 31  ? 7.629   9.258   -0.826  1.00 15.48  ? 31  ARG A CA  1 
ATOM   259  C  C   . ARG A 1 31  ? 7.515   8.707   0.602   1.00 14.68  ? 31  ARG A C   1 
ATOM   260  O  O   . ARG A 1 31  ? 8.094   7.665   0.929   1.00 14.46  ? 31  ARG A O   1 
ATOM   261  C  CB  . ARG A 1 31  ? 8.676   10.370  -0.883  1.00 15.95  ? 31  ARG A CB  1 
ATOM   262  C  CG  . ARG A 1 31  ? 10.102  9.846   -0.793  1.00 17.64  ? 31  ARG A CG  1 
ATOM   263  C  CD  . ARG A 1 31  ? 11.045  10.857  -0.186  1.00 20.52  ? 31  ARG A CD  1 
ATOM   264  N  NE  . ARG A 1 31  ? 10.643  11.135  1.185   1.00 21.61  ? 31  ARG A NE  1 
ATOM   265  C  CZ  . ARG A 1 31  ? 10.069  12.258  1.586   1.00 20.22  ? 31  ARG A CZ  1 
ATOM   266  N  NH1 . ARG A 1 31  ? 9.698   12.388  2.849   1.00 21.61  ? 31  ARG A NH1 1 
ATOM   267  N  NH2 . ARG A 1 31  ? 9.870   13.250  0.728   1.00 23.83  ? 31  ARG A NH2 1 
ATOM   268  N  N   . TRP A 1 32  ? 6.745   9.393   1.439   1.00 14.18  ? 32  TRP A N   1 
ATOM   269  C  CA  . TRP A 1 32  ? 6.539   8.966   2.817   1.00 14.08  ? 32  TRP A CA  1 
ATOM   270  C  C   . TRP A 1 32  ? 5.932   7.559   2.827   1.00 13.52  ? 32  TRP A C   1 
ATOM   271  O  O   . TRP A 1 32  ? 6.383   6.710   3.579   1.00 13.13  ? 32  TRP A O   1 
ATOM   272  C  CB  . TRP A 1 32  ? 5.645   9.984   3.550   1.00 14.84  ? 32  TRP A CB  1 
ATOM   273  C  CG  . TRP A 1 32  ? 5.212   9.620   4.963   1.00 15.21  ? 32  TRP A CG  1 
ATOM   274  C  CD1 . TRP A 1 32  ? 5.812   9.998   6.125   1.00 16.25  ? 32  TRP A CD1 1 
ATOM   275  C  CD2 . TRP A 1 32  ? 4.051   8.863   5.335   1.00 15.23  ? 32  TRP A CD2 1 
ATOM   276  N  NE1 . TRP A 1 32  ? 5.114   9.498   7.210   1.00 14.93  ? 32  TRP A NE1 1 
ATOM   277  C  CE2 . TRP A 1 32  ? 4.026   8.801   6.750   1.00 15.68  ? 32  TRP A CE2 1 
ATOM   278  C  CE3 . TRP A 1 32  ? 3.030   8.223   4.607   1.00 16.49  ? 32  TRP A CE3 1 
ATOM   279  C  CZ2 . TRP A 1 32  ? 3.022   8.122   7.453   1.00 15.80  ? 32  TRP A CZ2 1 
ATOM   280  C  CZ3 . TRP A 1 32  ? 2.019   7.546   5.307   1.00 17.36  ? 32  TRP A CZ3 1 
ATOM   281  C  CH2 . TRP A 1 32  ? 2.024   7.505   6.721   1.00 15.26  ? 32  TRP A CH2 1 
ATOM   282  N  N   . VAL A 1 33  ? 4.935   7.309   1.976   1.00 12.86  ? 33  VAL A N   1 
ATOM   283  C  CA  . VAL A 1 33  ? 4.328   5.968   1.889   1.00 12.36  ? 33  VAL A CA  1 
ATOM   284  C  C   . VAL A 1 33  ? 5.387   4.917   1.525   1.00 12.42  ? 33  VAL A C   1 
ATOM   285  O  O   . VAL A 1 33  ? 5.463   3.846   2.145   1.00 12.43  ? 33  VAL A O   1 
ATOM   286  C  CB  . VAL A 1 33  ? 3.169   5.925   0.873   1.00 11.89  ? 33  VAL A CB  1 
ATOM   287  C  CG1 . VAL A 1 33  ? 2.713   4.490   0.636   1.00 13.11  ? 33  VAL A CG1 1 
ATOM   288  C  CG2 . VAL A 1 33  ? 1.990   6.766   1.381   1.00 12.26  ? 33  VAL A CG2 1 
ATOM   289  N  N   . CYS A 1 34  ? 6.195   5.225   0.517   1.00 12.71  ? 34  CYS A N   1 
ATOM   290  C  CA  . CYS A 1 34  ? 7.273   4.327   0.107   1.00 12.40  ? 34  CYS A CA  1 
ATOM   291  C  C   . CYS A 1 34  ? 8.231   4.059   1.270   1.00 12.58  ? 34  CYS A C   1 
ATOM   292  O  O   . CYS A 1 34  ? 8.612   2.920   1.501   1.00 12.29  ? 34  CYS A O   1 
ATOM   293  C  CB  . CYS A 1 34  ? 8.022   4.900   -1.099  1.00 12.88  ? 34  CYS A CB  1 
ATOM   294  S  SG  . CYS A 1 34  ? 6.986   4.985   -2.590  1.00 14.39  ? 34  CYS A SG  1 
ATOM   295  N  N   . GLN A 1 35  ? 8.622   5.101   1.999   1.00 12.69  ? 35  GLN A N   1 
ATOM   296  C  CA  . GLN A 1 35  ? 9.521   4.890   3.143   1.00 13.85  ? 35  GLN A CA  1 
ATOM   297  C  C   . GLN A 1 35  ? 8.907   3.978   4.196   1.00 13.53  ? 35  GLN A C   1 
ATOM   298  O  O   . GLN A 1 35  ? 9.578   3.078   4.694   1.00 13.65  ? 35  GLN A O   1 
ATOM   299  C  CB  . GLN A 1 35  ? 9.922   6.217   3.777   1.00 14.28  ? 35  GLN A CB  1 
ATOM   300  C  CG  . GLN A 1 35  ? 10.960  6.979   2.981   1.00 16.48  ? 35  GLN A CG  1 
ATOM   301  C  CD  . GLN A 1 35  ? 11.463  8.187   3.749   1.00 18.85  ? 35  GLN A CD  1 
ATOM   302  O  OE1 . GLN A 1 35  ? 11.917  8.072   4.891   1.00 21.81  ? 35  GLN A OE1 1 
ATOM   303  N  NE2 . GLN A 1 35  ? 11.376  9.341   3.139   1.00 20.49  ? 35  GLN A NE2 1 
ATOM   304  N  N   . ARG A 1 36  ? 7.635   4.204   4.531   1.00 13.36  ? 36  ARG A N   1 
ATOM   305  C  CA  . ARG A 1 36  ? 6.942   3.369   5.534   1.00 13.54  ? 36  ARG A CA  1 
ATOM   306  C  C   . ARG A 1 36  ? 6.905   1.905   5.091   1.00 13.57  ? 36  ARG A C   1 
ATOM   307  O  O   . ARG A 1 36  ? 7.103   0.986   5.895   1.00 14.10  ? 36  ARG A O   1 
ATOM   308  C  CB  . ARG A 1 36  ? 5.514   3.878   5.790   1.00 13.52  ? 36  ARG A CB  1 
ATOM   309  C  CG  . ARG A 1 36  ? 5.395   5.321   6.378   1.00 14.43  ? 36  ARG A CG  1 
ATOM   310  C  CD  . ARG A 1 36  ? 6.149   5.547   7.728   1.00 16.30  ? 36  ARG A CD  1 
ATOM   311  N  NE  . ARG A 1 36  ? 7.613   5.664   7.646   1.00 18.87  ? 36  ARG A NE  1 
ATOM   312  C  CZ  . ARG A 1 36  ? 8.290   6.687   7.114   1.00 21.88  ? 36  ARG A CZ  1 
ATOM   313  N  NH1 . ARG A 1 36  ? 9.621   6.679   7.121   1.00 22.39  ? 36  ARG A NH1 1 
ATOM   314  N  NH2 . ARG A 1 36  ? 7.662   7.712   6.553   1.00 22.51  ? 36  ARG A NH2 1 
ATOM   315  N  N   . PHE A 1 37  ? 6.659   1.693   3.802   1.00 13.31  ? 37  PHE A N   1 
ATOM   316  C  CA  . PHE A 1 37  ? 6.616   0.342   3.224   1.00 13.03  ? 37  PHE A CA  1 
ATOM   317  C  C   . PHE A 1 37  ? 7.985   -0.336  3.296   1.00 13.28  ? 37  PHE A C   1 
ATOM   318  O  O   . PHE A 1 37  ? 8.097   -1.489  3.724   1.00 13.13  ? 37  PHE A O   1 
ATOM   319  C  CB  . PHE A 1 37  ? 6.115   0.454   1.773   1.00 13.27  ? 37  PHE A CB  1 
ATOM   320  C  CG  . PHE A 1 37  ? 6.090   -0.839  1.011   1.00 12.51  ? 37  PHE A CG  1 
ATOM   321  C  CD1 . PHE A 1 37  ? 5.299   -1.904  1.434   1.00 11.51  ? 37  PHE A CD1 1 
ATOM   322  C  CD2 . PHE A 1 37  ? 6.805   -0.964  -0.179  1.00 13.97  ? 37  PHE A CD2 1 
ATOM   323  C  CE1 . PHE A 1 37  ? 5.245   -3.083  0.707   1.00 11.89  ? 37  PHE A CE1 1 
ATOM   324  C  CE2 . PHE A 1 37  ? 6.769   -2.146  -0.916  1.00 14.79  ? 37  PHE A CE2 1 
ATOM   325  C  CZ  . PHE A 1 37  ? 5.971   -3.213  -0.468  1.00 14.24  ? 37  PHE A CZ  1 
ATOM   326  N  N   . LEU A 1 38  ? 9.032   0.377   2.894   1.00 13.70  ? 38  LEU A N   1 
ATOM   327  C  CA  . LEU A 1 38  ? 10.389  -0.180  2.934   1.00 13.85  ? 38  LEU A CA  1 
ATOM   328  C  C   . LEU A 1 38  ? 10.804  -0.495  4.378   1.00 14.99  ? 38  LEU A C   1 
ATOM   329  O  O   . LEU A 1 38  ? 11.434  -1.521  4.637   1.00 15.24  ? 38  LEU A O   1 
ATOM   330  C  CB  . LEU A 1 38  ? 11.394  0.773   2.260   1.00 13.72  ? 38  LEU A CB  1 
ATOM   331  C  CG  . LEU A 1 38  ? 11.192  0.986   0.750   1.00 13.81  ? 38  LEU A CG  1 
ATOM   332  C  CD1 . LEU A 1 38  ? 12.130  2.082   0.256   1.00 17.03  ? 38  LEU A CD1 1 
ATOM   333  C  CD2 . LEU A 1 38  ? 11.374  -0.301  -0.048  1.00 15.79  ? 38  LEU A CD2 1 
ATOM   334  N  N   . GLU A 1 39  ? 10.442  0.396   5.307   1.00 15.47  ? 39  GLU A N   1 
ATOM   335  C  CA  . GLU A 1 39  ? 10.675  0.154   6.735   1.00 16.84  ? 39  GLU A CA  1 
ATOM   336  C  C   . GLU A 1 39  ? 9.951   -1.094  7.235   1.00 16.74  ? 39  GLU A C   1 
ATOM   337  O  O   . GLU A 1 39  ? 10.520  -1.875  7.990   1.00 17.15  ? 39  GLU A O   1 
ATOM   338  C  CB  . GLU A 1 39  ? 10.307  1.382   7.567   1.00 16.84  ? 39  GLU A CB  1 
ATOM   339  C  CG  . GLU A 1 39  ? 11.272  2.519   7.328   1.00 19.41  ? 39  GLU A CG  1 
ATOM   340  C  CD  . GLU A 1 39  ? 10.813  3.806   7.962   1.00 24.39  ? 39  GLU A CD  1 
ATOM   341  O  OE1 . GLU A 1 39  ? 9.733   3.812   8.589   1.00 26.91  ? 39  GLU A OE1 1 
ATOM   342  O  OE2 . GLU A 1 39  ? 11.535  4.814   7.817   1.00 26.72  ? 39  GLU A OE2 1 
ATOM   343  N  N   . ALA A 1 40  ? 8.718   -1.298  6.779   1.00 16.47  ? 40  ALA A N   1 
ATOM   344  C  CA  . ALA A 1 40  ? 7.958   -2.508  7.106   1.00 16.84  ? 40  ALA A CA  1 
ATOM   345  C  C   . ALA A 1 40  ? 8.673   -3.775  6.655   1.00 17.20  ? 40  ALA A C   1 
ATOM   346  O  O   . ALA A 1 40  ? 8.638   -4.792  7.347   1.00 17.57  ? 40  ALA A O   1 
ATOM   347  C  CB  . ALA A 1 40  ? 6.571   -2.450  6.494   1.00 17.01  ? 40  ALA A CB  1 
ATOM   348  N  N   . LEU A 1 41  ? 9.326   -3.702  5.497   1.00 17.20  ? 41  LEU A N   1 
ATOM   349  C  CA  . LEU A 1 41  ? 9.994   -4.861  4.918   1.00 17.46  ? 41  LEU A CA  1 
ATOM   350  C  C   . LEU A 1 41  ? 11.456  -4.961  5.307   1.00 17.39  ? 41  LEU A C   1 
ATOM   351  O  O   . LEU A 1 41  ? 12.148  -5.871  4.842   1.00 17.60  ? 41  LEU A O   1 
ATOM   352  C  CB  . LEU A 1 41  ? 9.882   -4.847  3.391   1.00 17.61  ? 41  LEU A CB  1 
ATOM   353  C  CG  . LEU A 1 41  ? 8.471   -4.804  2.803   1.00 18.45  ? 41  LEU A CG  1 
ATOM   354  C  CD1 . LEU A 1 41  ? 8.548   -5.018  1.297   1.00 19.02  ? 41  LEU A CD1 1 
ATOM   355  C  CD2 . LEU A 1 41  ? 7.603   -5.854  3.442   1.00 20.88  ? 41  LEU A CD2 1 
ATOM   356  N  N   A ASN A 1 42  ? 11.912  -4.025  6.139   0.50 17.67  ? 42  ASN A N   1 
ATOM   357  N  N   B ASN A 1 42  ? 11.924  -4.041  6.156   0.50 17.69  ? 42  ASN A N   1 
ATOM   358  C  CA  A ASN A 1 42  ? 13.307  -3.959  6.560   0.50 17.87  ? 42  ASN A CA  1 
ATOM   359  C  CA  B ASN A 1 42  ? 13.341  -3.959  6.560   0.50 17.91  ? 42  ASN A CA  1 
ATOM   360  C  C   A ASN A 1 42  ? 14.252  -3.898  5.352   0.50 17.83  ? 42  ASN A C   1 
ATOM   361  C  C   B ASN A 1 42  ? 14.314  -3.816  5.390   0.50 17.86  ? 42  ASN A C   1 
ATOM   362  O  O   A ASN A 1 42  ? 15.248  -4.624  5.273   0.50 17.42  ? 42  ASN A O   1 
ATOM   363  O  O   B ASN A 1 42  ? 15.406  -4.397  5.385   0.50 17.39  ? 42  ASN A O   1 
ATOM   364  C  CB  A ASN A 1 42  ? 13.630  -5.141  7.491   0.50 18.26  ? 42  ASN A CB  1 
ATOM   365  C  CB  B ASN A 1 42  ? 13.739  -5.159  7.433   0.50 18.34  ? 42  ASN A CB  1 
ATOM   366  C  CG  A ASN A 1 42  ? 14.890  -4.929  8.299   0.50 18.88  ? 42  ASN A CG  1 
ATOM   367  C  CG  B ASN A 1 42  ? 13.345  -4.991  8.883   0.50 19.00  ? 42  ASN A CG  1 
ATOM   368  O  OD1 A ASN A 1 42  ? 15.311  -3.799  8.538   0.50 20.12  ? 42  ASN A OD1 1 
ATOM   369  O  OD1 B ASN A 1 42  ? 12.833  -3.947  9.296   0.50 20.28  ? 42  ASN A OD1 1 
ATOM   370  N  ND2 A ASN A 1 42  ? 15.497  -6.026  8.738   0.50 19.81  ? 42  ASN A ND2 1 
ATOM   371  N  ND2 B ASN A 1 42  ? 13.590  -6.028  9.674   0.50 19.77  ? 42  ASN A ND2 1 
ATOM   372  N  N   . VAL A 1 43  ? 13.911  -3.031  4.399   1.00 17.32  ? 43  VAL A N   1 
ATOM   373  C  CA  . VAL A 1 43  ? 14.713  -2.827  3.205   1.00 17.76  ? 43  VAL A CA  1 
ATOM   374  C  C   . VAL A 1 43  ? 15.471  -1.517  3.411   1.00 18.46  ? 43  VAL A C   1 
ATOM   375  O  O   . VAL A 1 43  ? 14.853  -0.457  3.549   1.00 18.07  ? 43  VAL A O   1 
ATOM   376  C  CB  . VAL A 1 43  ? 13.822  -2.755  1.927   1.00 17.46  ? 43  VAL A CB  1 
ATOM   377  C  CG1 . VAL A 1 43  ? 14.640  -2.321  0.715   1.00 17.09  ? 43  VAL A CG1 1 
ATOM   378  C  CG2 . VAL A 1 43  ? 13.129  -4.092  1.675   1.00 16.78  ? 43  VAL A CG2 1 
ATOM   379  N  N   . PRO A 1 44  ? 16.813  -1.588  3.465   1.00 19.26  ? 44  PRO A N   1 
ATOM   380  C  CA  . PRO A 1 44  ? 17.626  -0.379  3.681   1.00 19.58  ? 44  PRO A CA  1 
ATOM   381  C  C   . PRO A 1 44  ? 17.501  0.653   2.561   1.00 19.68  ? 44  PRO A C   1 
ATOM   382  O  O   . PRO A 1 44  ? 17.356  0.301   1.389   1.00 19.48  ? 44  PRO A O   1 
ATOM   383  C  CB  . PRO A 1 44  ? 19.061  -0.910  3.742   1.00 19.87  ? 44  PRO A CB  1 
ATOM   384  C  CG  . PRO A 1 44  ? 19.009  -2.275  3.134   1.00 20.44  ? 44  PRO A CG  1 
ATOM   385  C  CD  . PRO A 1 44  ? 17.632  -2.807  3.335   1.00 19.70  ? 44  PRO A CD  1 
ATOM   386  N  N   . TYR A 1 45  ? 17.565  1.928   2.930   1.00 19.98  ? 45  TYR A N   1 
ATOM   387  C  CA  . TYR A 1 45  ? 17.535  2.995   1.945   1.00 20.12  ? 45  TYR A CA  1 
ATOM   388  C  C   . TYR A 1 45  ? 18.282  4.218   2.453   1.00 20.87  ? 45  TYR A C   1 
ATOM   389  O  O   . TYR A 1 45  ? 18.439  4.412   3.663   1.00 20.80  ? 45  TYR A O   1 
ATOM   390  C  CB  . TYR A 1 45  ? 16.085  3.366   1.592   1.00 19.70  ? 45  TYR A CB  1 
ATOM   391  C  CG  . TYR A 1 45  ? 15.250  3.915   2.735   1.00 19.39  ? 45  TYR A CG  1 
ATOM   392  C  CD1 . TYR A 1 45  ? 15.249  5.279   3.024   1.00 17.66  ? 45  TYR A CD1 1 
ATOM   393  C  CD2 . TYR A 1 45  ? 14.437  3.075   3.506   1.00 18.71  ? 45  TYR A CD2 1 
ATOM   394  C  CE1 . TYR A 1 45  ? 14.479  5.795   4.051   1.00 18.03  ? 45  TYR A CE1 1 
ATOM   395  C  CE2 . TYR A 1 45  ? 13.662  3.585   4.550   1.00 18.54  ? 45  TYR A CE2 1 
ATOM   396  C  CZ  . TYR A 1 45  ? 13.692  4.946   4.814   1.00 18.58  ? 45  TYR A CZ  1 
ATOM   397  O  OH  . TYR A 1 45  ? 12.927  5.473   5.827   1.00 19.50  ? 45  TYR A OH  1 
ATOM   398  N  N   . ARG A 1 46  ? 18.751  5.030   1.517   1.00 21.73  ? 46  ARG A N   1 
ATOM   399  C  CA  . ARG A 1 46  ? 19.246  6.354   1.839   1.00 22.90  ? 46  ARG A CA  1 
ATOM   400  C  C   . ARG A 1 46  ? 18.280  7.332   1.190   1.00 22.35  ? 46  ARG A C   1 
ATOM   401  O  O   . ARG A 1 46  ? 17.582  6.973   0.238   1.00 22.54  ? 46  ARG A O   1 
ATOM   402  C  CB  . ARG A 1 46  ? 20.668  6.545   1.313   1.00 22.79  ? 46  ARG A CB  1 
ATOM   403  C  CG  . ARG A 1 46  ? 21.680  5.532   1.842   1.00 24.38  ? 46  ARG A CG  1 
ATOM   404  C  CD  . ARG A 1 46  ? 23.105  5.912   1.451   1.00 25.54  ? 46  ARG A CD  1 
ATOM   405  N  NE  . ARG A 1 46  ? 23.450  7.257   1.914   1.00 31.29  ? 46  ARG A NE  1 
ATOM   406  C  CZ  . ARG A 1 46  ? 23.960  7.540   3.109   1.00 32.90  ? 46  ARG A CZ  1 
ATOM   407  N  NH1 . ARG A 1 46  ? 24.209  6.570   3.982   1.00 34.82  ? 46  ARG A NH1 1 
ATOM   408  N  NH2 . ARG A 1 46  ? 24.227  8.800   3.432   1.00 34.34  ? 46  ARG A NH2 1 
ATOM   409  N  N   . GLN A 1 47  ? 18.226  8.559   1.697   1.00 22.42  ? 47  GLN A N   1 
ATOM   410  C  CA  . GLN A 1 47  ? 17.257  9.537   1.206   1.00 22.53  ? 47  GLN A CA  1 
ATOM   411  C  C   . GLN A 1 47  ? 17.401  9.803   -0.291  1.00 22.26  ? 47  GLN A C   1 
ATOM   412  O  O   . GLN A 1 47  ? 16.406  10.003  -0.989  1.00 22.25  ? 47  GLN A O   1 
ATOM   413  C  CB  . GLN A 1 47  ? 17.376  10.853  1.980   1.00 22.56  ? 47  GLN A CB  1 
ATOM   414  C  CG  . GLN A 1 47  ? 16.094  11.654  2.009   1.00 23.46  ? 47  GLN A CG  1 
ATOM   415  C  CD  . GLN A 1 47  ? 14.975  10.923  2.736   1.00 24.25  ? 47  GLN A CD  1 
ATOM   416  O  OE1 . GLN A 1 47  ? 15.178  10.344  3.813   1.00 23.52  ? 47  GLN A OE1 1 
ATOM   417  N  NE2 . GLN A 1 47  ? 13.791  10.936  2.146   1.00 24.41  ? 47  GLN A NE2 1 
ATOM   418  N  N   . GLU A 1 48  ? 18.646  9.800   -0.768  1.00 22.64  ? 48  GLU A N   1 
ATOM   419  C  CA  . GLU A 1 48  ? 18.976  10.021  -2.180  1.00 23.01  ? 48  GLU A CA  1 
ATOM   420  C  C   . GLU A 1 48  ? 18.454  8.920   -3.117  1.00 22.50  ? 48  GLU A C   1 
ATOM   421  O  O   . GLU A 1 48  ? 18.404  9.111   -4.335  1.00 22.45  ? 48  GLU A O   1 
ATOM   422  C  CB  . GLU A 1 48  ? 20.496  10.157  -2.347  1.00 23.62  ? 48  GLU A CB  1 
ATOM   423  C  CG  . GLU A 1 48  ? 21.296  9.067   -1.639  1.00 26.63  ? 48  GLU A CG  1 
ATOM   424  C  CD  . GLU A 1 48  ? 21.770  9.459   -0.224  1.00 31.10  ? 48  GLU A CD  1 
ATOM   425  O  OE1 . GLU A 1 48  ? 21.046  10.174  0.525   1.00 30.86  ? 48  GLU A OE1 1 
ATOM   426  O  OE2 . GLU A 1 48  ? 22.889  9.032   0.142   1.00 35.19  ? 48  GLU A OE2 1 
ATOM   427  N  N   . ASP A 1 49  ? 18.069  7.773   -2.555  1.00 21.93  ? 49  ASP A N   1 
ATOM   428  C  CA  . ASP A 1 49  ? 17.552  6.665   -3.359  1.00 21.43  ? 49  ASP A CA  1 
ATOM   429  C  C   . ASP A 1 49  ? 16.182  6.915   -4.002  1.00 21.20  ? 49  ASP A C   1 
ATOM   430  O  O   . ASP A 1 49  ? 15.813  6.212   -4.936  1.00 21.20  ? 49  ASP A O   1 
ATOM   431  C  CB  . ASP A 1 49  ? 17.487  5.367   -2.556  1.00 21.05  ? 49  ASP A CB  1 
ATOM   432  C  CG  . ASP A 1 49  ? 18.852  4.870   -2.114  1.00 22.31  ? 49  ASP A CG  1 
ATOM   433  O  OD1 . ASP A 1 49  ? 19.858  5.161   -2.798  1.00 21.77  ? 49  ASP A OD1 1 
ATOM   434  O  OD2 . ASP A 1 49  ? 18.902  4.159   -1.087  1.00 21.48  ? 49  ASP A OD2 1 
ATOM   435  N  N   . PHE A 1 50  ? 15.421  7.879   -3.489  1.00 20.80  ? 50  PHE A N   1 
ATOM   436  C  CA  . PHE A 1 50  ? 14.100  8.183   -4.048  1.00 20.83  ? 50  PHE A CA  1 
ATOM   437  C  C   . PHE A 1 50  ? 14.193  9.285   -5.094  1.00 21.76  ? 50  PHE A C   1 
ATOM   438  O  O   . PHE A 1 50  ? 14.880  10.289  -4.888  1.00 22.06  ? 50  PHE A O   1 
ATOM   439  C  CB  . PHE A 1 50  ? 13.129  8.593   -2.940  1.00 20.83  ? 50  PHE A CB  1 
ATOM   440  C  CG  . PHE A 1 50  ? 13.036  7.596   -1.834  1.00 19.36  ? 50  PHE A CG  1 
ATOM   441  C  CD1 . PHE A 1 50  ? 13.778  7.759   -0.670  1.00 19.51  ? 50  PHE A CD1 1 
ATOM   442  C  CD2 . PHE A 1 50  ? 12.236  6.466   -1.973  1.00 19.54  ? 50  PHE A CD2 1 
ATOM   443  C  CE1 . PHE A 1 50  ? 13.711  6.826   0.345   1.00 19.48  ? 50  PHE A CE1 1 
ATOM   444  C  CE2 . PHE A 1 50  ? 12.162  5.531   -0.966  1.00 19.39  ? 50  PHE A CE2 1 
ATOM   445  C  CZ  . PHE A 1 50  ? 12.901  5.707   0.197   1.00 18.59  ? 50  PHE A CZ  1 
ATOM   446  N  N   . ALA A 1 51  ? 13.503  9.090   -6.210  1.00 22.02  ? 51  ALA A N   1 
ATOM   447  C  CA  . ALA A 1 51  ? 13.456  10.091  -7.264  1.00 23.06  ? 51  ALA A CA  1 
ATOM   448  C  C   . ALA A 1 51  ? 12.085  10.114  -7.921  1.00 23.55  ? 51  ALA A C   1 
ATOM   449  O  O   . ALA A 1 51  ? 11.347  9.125   -7.881  1.00 23.32  ? 51  ALA A O   1 
ATOM   450  C  CB  . ALA A 1 51  ? 14.544  9.827   -8.296  1.00 22.60  ? 51  ALA A CB  1 
ATOM   451  N  N   . ALA A 1 52  ? 11.739  11.253  -8.511  1.00 24.08  ? 52  ALA A N   1 
ATOM   452  C  CA  . ALA A 1 52  ? 10.517  11.339  -9.305  1.00 24.28  ? 52  ALA A CA  1 
ATOM   453  C  C   . ALA A 1 52  ? 10.853  11.086  -10.779 1.00 24.49  ? 52  ALA A C   1 
ATOM   454  O  O   . ALA A 1 52  ? 11.905  11.527  -11.259 1.00 25.15  ? 52  ALA A O   1 
ATOM   455  C  CB  . ALA A 1 52  ? 9.850   12.691  -9.113  1.00 24.59  ? 52  ALA A CB  1 
ATOM   456  N  N   . PRO A 1 53  ? 9.981   10.362  -11.502 1.00 24.10  ? 53  PRO A N   1 
ATOM   457  C  CA  . PRO A 1 53  ? 10.232  10.135  -12.923 1.00 24.44  ? 53  PRO A CA  1 
ATOM   458  C  C   . PRO A 1 53  ? 9.869   11.360  -13.747 1.00 24.99  ? 53  PRO A C   1 
ATOM   459  O  O   . PRO A 1 53  ? 9.226   12.284  -13.234 1.00 24.82  ? 53  PRO A O   1 
ATOM   460  C  CB  . PRO A 1 53  ? 9.268   8.996   -13.259 1.00 24.25  ? 53  PRO A CB  1 
ATOM   461  C  CG  . PRO A 1 53  ? 8.117   9.244   -12.371 1.00 24.16  ? 53  PRO A CG  1 
ATOM   462  C  CD  . PRO A 1 53  ? 8.728   9.713   -11.067 1.00 24.16  ? 53  PRO A CD  1 
ATOM   463  N  N   . GLY A 1 54  ? 10.275  11.347  -15.015 1.00 25.50  ? 54  GLY A N   1 
ATOM   464  C  CA  . GLY A 1 54  ? 9.916   12.391  -15.977 1.00 26.68  ? 54  GLY A CA  1 
ATOM   465  C  C   . GLY A 1 54  ? 8.418   12.466  -16.232 1.00 27.19  ? 54  GLY A C   1 
ATOM   466  O  O   . GLY A 1 54  ? 7.834   13.557  -16.258 1.00 27.66  ? 54  GLY A O   1 
ATOM   467  N  N   . GLU A 1 55  ? 7.800   11.305  -16.424 1.00 27.41  ? 55  GLU A N   1 
ATOM   468  C  CA  . GLU A 1 55  ? 6.365   11.228  -16.667 1.00 27.79  ? 55  GLU A CA  1 
ATOM   469  C  C   . GLU A 1 55  ? 5.738   10.347  -15.618 1.00 26.78  ? 55  GLU A C   1 
ATOM   470  O  O   . GLU A 1 55  ? 6.299   9.309   -15.270 1.00 26.84  ? 55  GLU A O   1 
ATOM   471  C  CB  . GLU A 1 55  ? 6.059   10.617  -18.038 1.00 28.32  ? 55  GLU A CB  1 
ATOM   472  C  CG  . GLU A 1 55  ? 6.638   11.366  -19.211 1.00 31.89  ? 55  GLU A CG  1 
ATOM   473  C  CD  . GLU A 1 55  ? 5.879   12.637  -19.562 1.00 34.56  ? 55  GLU A CD  1 
ATOM   474  O  OE1 . GLU A 1 55  ? 4.628   12.638  -19.517 1.00 38.16  ? 55  GLU A OE1 1 
ATOM   475  O  OE2 . GLU A 1 55  ? 6.545   13.636  -19.902 1.00 36.94  ? 55  GLU A OE2 1 
ATOM   476  N  N   . GLN A 1 56  ? 4.583   10.767  -15.116 1.00 25.59  ? 56  GLN A N   1 
ATOM   477  C  CA  . GLN A 1 56  ? 3.743   9.893   -14.299 1.00 24.94  ? 56  GLN A CA  1 
ATOM   478  C  C   . GLN A 1 56  ? 2.801   9.122   -15.229 1.00 23.79  ? 56  GLN A C   1 
ATOM   479  O  O   . GLN A 1 56  ? 2.294   9.682   -16.217 1.00 24.30  ? 56  GLN A O   1 
ATOM   480  C  CB  . GLN A 1 56  ? 2.949   10.697  -13.262 1.00 25.09  ? 56  GLN A CB  1 
ATOM   481  C  CG  . GLN A 1 56  ? 3.787   11.338  -12.169 1.00 28.43  ? 56  GLN A CG  1 
ATOM   482  C  CD  . GLN A 1 56  ? 3.075   12.499  -11.487 1.00 32.52  ? 56  GLN A CD  1 
ATOM   483  O  OE1 . GLN A 1 56  ? 1.926   12.378  -11.057 1.00 36.17  ? 56  GLN A OE1 1 
ATOM   484  N  NE2 . GLN A 1 56  ? 3.760   13.628  -11.376 1.00 35.12  ? 56  GLN A NE2 1 
ATOM   485  N  N   . PRO A 1 57  ? 2.571   7.831   -14.945 1.00 22.29  ? 57  PRO A N   1 
ATOM   486  C  CA  . PRO A 1 57  ? 3.088   7.035   -13.828 1.00 20.87  ? 57  PRO A CA  1 
ATOM   487  C  C   . PRO A 1 57  ? 4.518   6.560   -14.111 1.00 19.86  ? 57  PRO A C   1 
ATOM   488  O  O   . PRO A 1 57  ? 4.942   6.570   -15.272 1.00 20.74  ? 57  PRO A O   1 
ATOM   489  C  CB  . PRO A 1 57  ? 2.136   5.841   -13.798 1.00 20.60  ? 57  PRO A CB  1 
ATOM   490  C  CG  . PRO A 1 57  ? 1.717   5.666   -15.239 1.00 21.08  ? 57  PRO A CG  1 
ATOM   491  C  CD  . PRO A 1 57  ? 1.702   7.038   -15.837 1.00 22.01  ? 57  PRO A CD  1 
ATOM   492  N  N   . PRO A 1 58  ? 5.248   6.116   -13.078 1.00 18.73  ? 58  PRO A N   1 
ATOM   493  C  CA  . PRO A 1 58  ? 4.825   6.021   -11.675 1.00 17.76  ? 58  PRO A CA  1 
ATOM   494  C  C   . PRO A 1 58  ? 5.029   7.328   -10.902 1.00 17.31  ? 58  PRO A C   1 
ATOM   495  O  O   . PRO A 1 58  ? 5.151   8.396   -11.513 1.00 17.13  ? 58  PRO A O   1 
ATOM   496  C  CB  . PRO A 1 58  ? 5.742   4.925   -11.132 1.00 17.84  ? 58  PRO A CB  1 
ATOM   497  C  CG  . PRO A 1 58  ? 7.038   5.146   -11.891 1.00 18.40  ? 58  PRO A CG  1 
ATOM   498  C  CD  . PRO A 1 58  ? 6.630   5.630   -13.264 1.00 18.62  ? 58  PRO A CD  1 
ATOM   499  N  N   . ASP A 1 59  ? 5.072   7.239   -9.571  1.00 16.14  ? 59  ASP A N   1 
ATOM   500  C  CA  . ASP A 1 59  ? 5.244   8.413   -8.706  1.00 15.71  ? 59  ASP A CA  1 
ATOM   501  C  C   . ASP A 1 59  ? 6.637   8.511   -8.115  1.00 15.50  ? 59  ASP A C   1 
ATOM   502  O  O   . ASP A 1 59  ? 7.225   9.599   -8.067  1.00 15.05  ? 59  ASP A O   1 
ATOM   503  C  CB  . ASP A 1 59  ? 4.227   8.405   -7.562  1.00 15.88  ? 59  ASP A CB  1 
ATOM   504  C  CG  . ASP A 1 59  ? 2.796   8.463   -8.056  1.00 17.42  ? 59  ASP A CG  1 
ATOM   505  O  OD1 . ASP A 1 59  ? 2.461   9.377   -8.849  1.00 18.08  ? 59  ASP A OD1 1 
ATOM   506  O  OD2 . ASP A 1 59  ? 1.997   7.595   -7.647  1.00 15.84  ? 59  ASP A OD2 1 
ATOM   507  N  N   . VAL A 1 60  ? 7.149   7.378   -7.646  1.00 14.65  ? 60  VAL A N   1 
ATOM   508  C  CA  . VAL A 1 60  ? 8.410   7.339   -6.923  1.00 14.79  ? 60  VAL A CA  1 
ATOM   509  C  C   . VAL A 1 60  ? 9.271   6.198   -7.438  1.00 14.71  ? 60  VAL A C   1 
ATOM   510  O  O   . VAL A 1 60  ? 8.849   5.035   -7.431  1.00 15.12  ? 60  VAL A O   1 
ATOM   511  C  CB  . VAL A 1 60  ? 8.178   7.171   -5.393  1.00 14.09  ? 60  VAL A CB  1 
ATOM   512  C  CG1 . VAL A 1 60  ? 9.507   7.029   -4.650  1.00 14.97  ? 60  VAL A CG1 1 
ATOM   513  C  CG2 . VAL A 1 60  ? 7.359   8.341   -4.830  1.00 14.55  ? 60  VAL A CG2 1 
ATOM   514  N  N   . LEU A 1 61  ? 10.482  6.536   -7.884  1.00 15.20  ? 61  LEU A N   1 
ATOM   515  C  CA  . LEU A 1 61  ? 11.466  5.532   -8.275  1.00 15.42  ? 61  LEU A CA  1 
ATOM   516  C  C   . LEU A 1 61  ? 12.346  5.161   -7.091  1.00 15.63  ? 61  LEU A C   1 
ATOM   517  O  O   . LEU A 1 61  ? 12.806  6.030   -6.355  1.00 15.95  ? 61  LEU A O   1 
ATOM   518  C  CB  . LEU A 1 61  ? 12.346  6.034   -9.434  1.00 15.78  ? 61  LEU A CB  1 
ATOM   519  C  CG  . LEU A 1 61  ? 11.638  6.610   -10.676 1.00 16.01  ? 61  LEU A CG  1 
ATOM   520  C  CD1 . LEU A 1 61  ? 12.649  7.216   -11.654 1.00 17.44  ? 61  LEU A CD1 1 
ATOM   521  C  CD2 . LEU A 1 61  ? 10.811  5.550   -11.380 1.00 18.24  ? 61  LEU A CD2 1 
ATOM   522  N  N   . PHE A 1 62  ? 12.568  3.867   -6.909  1.00 15.39  ? 62  PHE A N   1 
ATOM   523  C  CA  . PHE A 1 62  ? 13.502  3.389   -5.884  1.00 15.80  ? 62  PHE A CA  1 
ATOM   524  C  C   . PHE A 1 62  ? 14.126  2.087   -6.337  1.00 16.14  ? 62  PHE A C   1 
ATOM   525  O  O   . PHE A 1 62  ? 13.436  1.076   -6.445  1.00 15.70  ? 62  PHE A O   1 
ATOM   526  C  CB  . PHE A 1 62  ? 12.781  3.177   -4.542  1.00 15.91  ? 62  PHE A CB  1 
ATOM   527  C  CG  . PHE A 1 62  ? 13.630  2.494   -3.501  1.00 16.22  ? 62  PHE A CG  1 
ATOM   528  C  CD1 . PHE A 1 62  ? 14.582  3.214   -2.788  1.00 16.26  ? 62  PHE A CD1 1 
ATOM   529  C  CD2 . PHE A 1 62  ? 13.486  1.137   -3.239  1.00 16.28  ? 62  PHE A CD2 1 
ATOM   530  C  CE1 . PHE A 1 62  ? 15.394  2.581   -1.831  1.00 16.57  ? 62  PHE A CE1 1 
ATOM   531  C  CE2 . PHE A 1 62  ? 14.283  0.498   -2.276  1.00 17.11  ? 62  PHE A CE2 1 
ATOM   532  C  CZ  . PHE A 1 62  ? 15.237  1.220   -1.574  1.00 17.51  ? 62  PHE A CZ  1 
ATOM   533  N  N   . LYS A 1 63  ? 15.434  2.111   -6.596  1.00 17.09  ? 63  LYS A N   1 
ATOM   534  C  CA  . LYS A 1 63  ? 16.208  0.898   -6.933  1.00 18.48  ? 63  LYS A CA  1 
ATOM   535  C  C   . LYS A 1 63  ? 15.489  -0.098  -7.861  1.00 18.22  ? 63  LYS A C   1 
ATOM   536  O  O   . LYS A 1 63  ? 15.330  -1.293  -7.541  1.00 19.80  ? 63  LYS A O   1 
ATOM   537  C  CB  . LYS A 1 63  ? 16.669  0.191   -5.658  1.00 18.82  ? 63  LYS A CB  1 
ATOM   538  C  CG  . LYS A 1 63  ? 17.519  1.062   -4.758  1.00 20.30  ? 63  LYS A CG  1 
ATOM   539  C  CD  . LYS A 1 63  ? 18.002  0.285   -3.534  1.00 24.60  ? 63  LYS A CD  1 
ATOM   540  C  CE  . LYS A 1 63  ? 18.896  1.176   -2.678  1.00 25.96  ? 63  LYS A CE  1 
ATOM   541  N  NZ  . LYS A 1 63  ? 19.702  0.414   -1.681  1.00 28.15  ? 63  LYS A NZ  1 
ATOM   542  N  N   . GLY A 1 64  ? 15.049  0.400   -9.004  1.00 18.21  ? 64  GLY A N   1 
ATOM   543  C  CA  . GLY A 1 64  ? 14.415  -0.450  -9.996  1.00 17.38  ? 64  GLY A CA  1 
ATOM   544  C  C   . GLY A 1 64  ? 12.902  -0.529  -9.861  1.00 16.79  ? 64  GLY A C   1 
ATOM   545  O  O   . GLY A 1 64  ? 12.222  -0.885  -10.829 1.00 17.03  ? 64  GLY A O   1 
ATOM   546  N  N   . ALA A 1 65  ? 12.382  -0.222  -8.671  1.00 15.91  ? 65  ALA A N   1 
ATOM   547  C  CA  . ALA A 1 65  ? 10.928  -0.137  -8.468  1.00 15.52  ? 65  ALA A CA  1 
ATOM   548  C  C   . ALA A 1 65  ? 10.373  1.148   -9.059  1.00 15.42  ? 65  ALA A C   1 
ATOM   549  O  O   . ALA A 1 65  ? 11.021  2.190   -9.019  1.00 15.47  ? 65  ALA A O   1 
ATOM   550  C  CB  . ALA A 1 65  ? 10.561  -0.237  -6.977  1.00 15.70  ? 65  ALA A CB  1 
ATOM   551  N  N   . GLY A 1 66  ? 9.169   1.056   -9.612  1.00 15.45  ? 66  GLY A N   1 
ATOM   552  C  CA  . GLY A 1 66  ? 8.449   2.224   -10.103 1.00 14.94  ? 66  GLY A CA  1 
ATOM   553  C  C   . GLY A 1 66  ? 7.164   2.279   -9.298  1.00 14.11  ? 66  GLY A C   1 
ATOM   554  O  O   . GLY A 1 66  ? 6.131   1.757   -9.713  1.00 14.78  ? 66  GLY A O   1 
ATOM   555  N  N   . PHE A 1 67  ? 7.234   2.907   -8.132  1.00 14.07  ? 67  PHE A N   1 
ATOM   556  C  CA  . PHE A 1 67  ? 6.088   2.877   -7.223  1.00 13.27  ? 67  PHE A CA  1 
ATOM   557  C  C   . PHE A 1 67  ? 5.010   3.843   -7.660  1.00 13.37  ? 67  PHE A C   1 
ATOM   558  O  O   . PHE A 1 67  ? 5.228   5.063   -7.698  1.00 13.06  ? 67  PHE A O   1 
ATOM   559  C  CB  . PHE A 1 67  ? 6.513   3.205   -5.791  1.00 13.28  ? 67  PHE A CB  1 
ATOM   560  C  CG  . PHE A 1 67  ? 7.212   2.074   -5.073  1.00 13.91  ? 67  PHE A CG  1 
ATOM   561  C  CD1 . PHE A 1 67  ? 6.615   0.813   -4.960  1.00 14.73  ? 67  PHE A CD1 1 
ATOM   562  C  CD2 . PHE A 1 67  ? 8.436   2.289   -4.473  1.00 14.03  ? 67  PHE A CD2 1 
ATOM   563  C  CE1 . PHE A 1 67  ? 7.257   -0.226  -4.279  1.00 15.02  ? 67  PHE A CE1 1 
ATOM   564  C  CE2 . PHE A 1 67  ? 9.080   1.270   -3.768  1.00 14.68  ? 67  PHE A CE2 1 
ATOM   565  C  CZ  . PHE A 1 67  ? 8.492   0.006   -3.682  1.00 14.38  ? 67  PHE A CZ  1 
ATOM   566  N  N   . GLU A 1 68  ? 3.842   3.275   -7.978  1.00 12.20  ? 68  GLU A N   1 
ATOM   567  C  CA  . GLU A 1 68  ? 2.645   4.028   -8.306  1.00 13.08  ? 68  GLU A CA  1 
ATOM   568  C  C   . GLU A 1 68  ? 1.782   4.019   -7.045  1.00 12.82  ? 68  GLU A C   1 
ATOM   569  O  O   . GLU A 1 68  ? 1.194   2.998   -6.684  1.00 12.73  ? 68  GLU A O   1 
ATOM   570  C  CB  . GLU A 1 68  ? 1.945   3.355   -9.488  1.00 13.85  ? 68  GLU A CB  1 
ATOM   571  C  CG  . GLU A 1 68  ? 0.540   3.851   -9.831  1.00 16.29  ? 68  GLU A CG  1 
ATOM   572  C  CD  . GLU A 1 68  ? 0.529   5.171   -10.544 1.00 19.79  ? 68  GLU A CD  1 
ATOM   573  O  OE1 . GLU A 1 68  ? 1.603   5.823   -10.655 1.00 19.61  ? 68  GLU A OE1 1 
ATOM   574  O  OE2 . GLU A 1 68  ? -0.576  5.551   -11.006 1.00 22.02  ? 68  GLU A OE2 1 
ATOM   575  N  N   . VAL A 1 69  ? 1.750   5.156   -6.368  1.00 11.87  ? 69  VAL A N   1 
ATOM   576  C  CA  . VAL A 1 69  ? 1.207   5.220   -5.005  1.00 12.91  ? 69  VAL A CA  1 
ATOM   577  C  C   . VAL A 1 69  ? -0.230  5.729   -5.005  1.00 13.48  ? 69  VAL A C   1 
ATOM   578  O  O   . VAL A 1 69  ? -0.540  6.751   -5.631  1.00 14.09  ? 69  VAL A O   1 
ATOM   579  C  CB  . VAL A 1 69  ? 2.098   6.119   -4.120  1.00 12.51  ? 69  VAL A CB  1 
ATOM   580  C  CG1 . VAL A 1 69  ? 1.484   6.317   -2.729  1.00 14.61  ? 69  VAL A CG1 1 
ATOM   581  C  CG2 . VAL A 1 69  ? 3.504   5.503   -4.022  1.00 13.53  ? 69  VAL A CG2 1 
ATOM   582  N  N   . PHE A 1 70  ? -1.117  5.012   -4.322  1.00 13.14  ? 70  PHE A N   1 
ATOM   583  C  CA  . PHE A 1 70  ? -2.485  5.504   -4.177  1.00 13.34  ? 70  PHE A CA  1 
ATOM   584  C  C   . PHE A 1 70  ? -3.012  5.288   -2.764  1.00 14.20  ? 70  PHE A C   1 
ATOM   585  O  O   . PHE A 1 70  ? -2.466  4.489   -2.010  1.00 13.49  ? 70  PHE A O   1 
ATOM   586  C  CB  . PHE A 1 70  ? -3.411  4.919   -5.250  1.00 13.66  ? 70  PHE A CB  1 
ATOM   587  C  CG  . PHE A 1 70  ? -3.650  3.435   -5.132  1.00 12.44  ? 70  PHE A CG  1 
ATOM   588  C  CD1 . PHE A 1 70  ? -4.872  2.956   -4.652  1.00 13.91  ? 70  PHE A CD1 1 
ATOM   589  C  CD2 . PHE A 1 70  ? -2.675  2.516   -5.539  1.00 14.16  ? 70  PHE A CD2 1 
ATOM   590  C  CE1 . PHE A 1 70  ? -5.124  1.576   -4.574  1.00 13.75  ? 70  PHE A CE1 1 
ATOM   591  C  CE2 . PHE A 1 70  ? -2.906  1.125   -5.448  1.00 14.01  ? 70  PHE A CE2 1 
ATOM   592  C  CZ  . PHE A 1 70  ? -4.129  0.658   -4.961  1.00 15.25  ? 70  PHE A CZ  1 
ATOM   593  N  N   . PHE A 1 71  ? -4.057  6.036   -2.414  1.00 14.08  ? 71  PHE A N   1 
ATOM   594  C  CA  . PHE A 1 71  ? -4.587  6.047   -1.053  1.00 15.06  ? 71  PHE A CA  1 
ATOM   595  C  C   . PHE A 1 71  ? -5.981  5.465   -1.006  1.00 15.68  ? 71  PHE A C   1 
ATOM   596  O  O   . PHE A 1 71  ? -6.845  5.808   -1.835  1.00 15.67  ? 71  PHE A O   1 
ATOM   597  C  CB  . PHE A 1 71  ? -4.553  7.465   -0.481  1.00 15.63  ? 71  PHE A CB  1 
ATOM   598  C  CG  . PHE A 1 71  ? -3.164  8.025   -0.384  1.00 15.85  ? 71  PHE A CG  1 
ATOM   599  C  CD1 . PHE A 1 71  ? -2.553  8.611   -1.497  1.00 17.58  ? 71  PHE A CD1 1 
ATOM   600  C  CD2 . PHE A 1 71  ? -2.455  7.949   0.814   1.00 17.23  ? 71  PHE A CD2 1 
ATOM   601  C  CE1 . PHE A 1 71  ? -1.240  9.104   -1.419  1.00 16.47  ? 71  PHE A CE1 1 
ATOM   602  C  CE2 . PHE A 1 71  ? -1.152  8.447   0.905   1.00 16.54  ? 71  PHE A CE2 1 
ATOM   603  C  CZ  . PHE A 1 71  ? -0.553  9.027   -0.220  1.00 15.88  ? 71  PHE A CZ  1 
ATOM   604  N  N   . VAL A 1 72  ? -6.171  4.557   -0.053  1.00 15.46  ? 72  VAL A N   1 
ATOM   605  C  CA  . VAL A 1 72  ? -7.441  3.869   0.179   1.00 16.95  ? 72  VAL A CA  1 
ATOM   606  C  C   . VAL A 1 72  ? -7.901  4.274   1.574   1.00 17.69  ? 72  VAL A C   1 
ATOM   607  O  O   . VAL A 1 72  ? -7.452  3.720   2.576   1.00 16.69  ? 72  VAL A O   1 
ATOM   608  C  CB  . VAL A 1 72  ? -7.287  2.334   0.063   1.00 16.72  ? 72  VAL A CB  1 
ATOM   609  C  CG1 . VAL A 1 72  ? -8.640  1.625   0.277   1.00 17.17  ? 72  VAL A CG1 1 
ATOM   610  C  CG2 . VAL A 1 72  ? -6.702  1.955   -1.303  1.00 18.20  ? 72  VAL A CG2 1 
ATOM   611  N  N   . LEU A 1 73  ? -8.769  5.280   1.617   1.00 19.48  ? 73  LEU A N   1 
ATOM   612  C  CA  . LEU A 1 73  ? -9.241  5.848   2.877   1.00 21.34  ? 73  LEU A CA  1 
ATOM   613  C  C   . LEU A 1 73  ? -10.760 5.718   2.989   1.00 23.41  ? 73  LEU A C   1 
ATOM   614  O  O   . LEU A 1 73  ? -11.412 5.185   2.088   1.00 24.28  ? 73  LEU A O   1 
ATOM   615  C  CB  . LEU A 1 73  ? -8.805  7.320   2.993   1.00 20.98  ? 73  LEU A CB  1 
ATOM   616  C  CG  . LEU A 1 73  ? -7.342  7.653   2.678   1.00 20.55  ? 73  LEU A CG  1 
ATOM   617  C  CD1 . LEU A 1 73  ? -7.125  9.165   2.610   1.00 22.01  ? 73  LEU A CD1 1 
ATOM   618  C  CD2 . LEU A 1 73  ? -6.428  7.033   3.713   1.00 21.00  ? 73  LEU A CD2 1 
ATOM   619  N  N   . ASP A 1 74  ? -11.315 6.177   4.103   1.00 25.30  ? 74  ASP A N   1 
ATOM   620  C  CA  . ASP A 1 74  ? -12.769 6.188   4.270   1.00 27.48  ? 74  ASP A CA  1 
ATOM   621  C  C   . ASP A 1 74  ? -13.286 7.494   4.876   1.00 29.69  ? 74  ASP A C   1 
ATOM   622  O  O   . ASP A 1 74  ? -14.487 7.620   5.156   1.00 30.43  ? 74  ASP A O   1 
ATOM   623  C  CB  . ASP A 1 74  ? -13.263 4.956   5.060   1.00 27.46  ? 74  ASP A CB  1 
ATOM   624  C  CG  . ASP A 1 74  ? -12.747 4.898   6.503   1.00 25.82  ? 74  ASP A CG  1 
ATOM   625  O  OD1 . ASP A 1 74  ? -12.033 5.807   6.977   1.00 23.95  ? 74  ASP A OD1 1 
ATOM   626  O  OD2 . ASP A 1 74  ? -13.082 3.907   7.182   1.00 26.28  ? 74  ASP A OD2 1 
ATOM   627  N  N   . GLU A 1 75  ? -12.375 8.455   5.060   1.00 31.75  ? 75  GLU A N   1 
ATOM   628  C  CA  . GLU A 1 75  ? -12.668 9.736   5.722   1.00 34.12  ? 75  GLU A CA  1 
ATOM   629  C  C   . GLU A 1 75  ? -11.383 10.522  5.992   1.00 34.60  ? 75  GLU A C   1 
ATOM   630  O  O   . GLU A 1 75  ? -10.431 10.466  5.210   1.00 35.62  ? 75  GLU A O   1 
ATOM   631  C  CB  . GLU A 1 75  ? -13.433 9.496   7.032   1.00 34.78  ? 75  GLU A CB  1 
ATOM   632  C  CG  . GLU A 1 75  ? -13.336 10.594  8.078   1.00 37.68  ? 75  GLU A CG  1 
ATOM   633  C  CD  . GLU A 1 75  ? -13.125 10.010  9.454   1.00 41.08  ? 75  GLU A CD  1 
ATOM   634  O  OE1 . GLU A 1 75  ? -12.198 9.184   9.593   1.00 43.53  ? 75  GLU A OE1 1 
ATOM   635  O  OE2 . GLU A 1 75  ? -13.873 10.361  10.393  1.00 43.90  ? 75  GLU A OE2 1 
ATOM   636  N  N   . ARG A 1 105 ? -17.165 3.429   15.809  1.00 38.36  ? 105 ARG A N   1 
ATOM   637  C  CA  . ARG A 1 105 ? -16.492 2.348   16.531  1.00 38.43  ? 105 ARG A CA  1 
ATOM   638  C  C   . ARG A 1 105 ? -16.171 1.173   15.588  1.00 37.37  ? 105 ARG A C   1 
ATOM   639  O  O   . ARG A 1 105 ? -17.082 0.556   15.030  1.00 37.29  ? 105 ARG A O   1 
ATOM   640  C  CB  . ARG A 1 105 ? -17.327 1.904   17.734  1.00 38.60  ? 105 ARG A CB  1 
ATOM   641  C  CG  . ARG A 1 105 ? -17.587 3.032   18.745  1.00 39.76  ? 105 ARG A CG  1 
ATOM   642  C  CD  . ARG A 1 105 ? -18.284 2.526   20.001  1.00 40.18  ? 105 ARG A CD  1 
ATOM   643  N  NE  . ARG A 1 105 ? -17.396 1.745   20.863  1.00 43.89  ? 105 ARG A NE  1 
ATOM   644  C  CZ  . ARG A 1 105 ? -17.812 0.861   21.768  1.00 45.09  ? 105 ARG A CZ  1 
ATOM   645  N  NH1 . ARG A 1 105 ? -19.110 0.627   21.934  1.00 45.71  ? 105 ARG A NH1 1 
ATOM   646  N  NH2 . ARG A 1 105 ? -16.929 0.203   22.509  1.00 46.03  ? 105 ARG A NH2 1 
ATOM   647  N  N   . PRO A 1 106 ? -14.867 0.851   15.429  1.00 36.34  ? 106 PRO A N   1 
ATOM   648  C  CA  . PRO A 1 106 ? -14.381 0.076   14.280  1.00 35.31  ? 106 PRO A CA  1 
ATOM   649  C  C   . PRO A 1 106 ? -14.780 -1.402  14.253  1.00 34.20  ? 106 PRO A C   1 
ATOM   650  O  O   . PRO A 1 106 ? -14.956 -2.039  15.297  1.00 34.33  ? 106 PRO A O   1 
ATOM   651  C  CB  . PRO A 1 106 ? -12.858 0.229   14.373  1.00 35.50  ? 106 PRO A CB  1 
ATOM   652  C  CG  . PRO A 1 106 ? -12.596 0.423   15.815  1.00 36.00  ? 106 PRO A CG  1 
ATOM   653  C  CD  . PRO A 1 106 ? -13.775 1.178   16.368  1.00 36.47  ? 106 PRO A CD  1 
ATOM   654  N  N   . GLN A 1 107 ? -14.913 -1.915  13.033  1.00 32.34  ? 107 GLN A N   1 
ATOM   655  C  CA  . GLN A 1 107 ? -15.293 -3.286  12.751  1.00 31.19  ? 107 GLN A CA  1 
ATOM   656  C  C   . GLN A 1 107 ? -14.091 -4.032  12.179  1.00 29.16  ? 107 GLN A C   1 
ATOM   657  O  O   . GLN A 1 107 ? -13.296 -3.448  11.460  1.00 29.02  ? 107 GLN A O   1 
ATOM   658  C  CB  . GLN A 1 107 ? -16.414 -3.249  11.721  1.00 31.22  ? 107 GLN A CB  1 
ATOM   659  C  CG  . GLN A 1 107 ? -16.799 -4.558  11.088  1.00 33.24  ? 107 GLN A CG  1 
ATOM   660  C  CD  . GLN A 1 107 ? -17.856 -4.372  10.018  1.00 32.95  ? 107 GLN A CD  1 
ATOM   661  O  OE1 . GLN A 1 107 ? -18.114 -3.254  9.561   1.00 36.00  ? 107 GLN A OE1 1 
ATOM   662  N  NE2 . GLN A 1 107 ? -18.466 -5.465  9.605   1.00 36.29  ? 107 GLN A NE2 1 
ATOM   663  N  N   . ARG A 1 108 ? -13.956 -5.319  12.485  1.00 27.26  ? 108 ARG A N   1 
ATOM   664  C  CA  . ARG A 1 108 ? -12.887 -6.111  11.861  1.00 25.31  ? 108 ARG A CA  1 
ATOM   665  C  C   . ARG A 1 108 ? -13.330 -6.610  10.482  1.00 24.12  ? 108 ARG A C   1 
ATOM   666  O  O   . ARG A 1 108 ? -14.404 -7.192  10.321  1.00 23.79  ? 108 ARG A O   1 
ATOM   667  C  CB  . ARG A 1 108 ? -12.384 -7.243  12.780  1.00 25.94  ? 108 ARG A CB  1 
ATOM   668  C  CG  . ARG A 1 108 ? -11.988 -6.733  14.178  1.00 27.05  ? 108 ARG A CG  1 
ATOM   669  C  CD  . ARG A 1 108 ? -10.777 -7.414  14.816  1.00 30.29  ? 108 ARG A CD  1 
ATOM   670  N  NE  . ARG A 1 108 ? -9.500  -7.014  14.228  1.00 31.15  ? 108 ARG A NE  1 
ATOM   671  C  CZ  . ARG A 1 108 ? -8.485  -6.422  14.863  1.00 30.48  ? 108 ARG A CZ  1 
ATOM   672  N  NH1 . ARG A 1 108 ? -8.544  -6.113  16.155  1.00 31.25  ? 108 ARG A NH1 1 
ATOM   673  N  NH2 . ARG A 1 108 ? -7.381  -6.136  14.186  1.00 30.48  ? 108 ARG A NH2 1 
ATOM   674  N  N   . ILE A 1 109 ? -12.493 -6.353  9.485   1.00 21.53  ? 109 ILE A N   1 
ATOM   675  C  CA  . ILE A 1 109 ? -12.811 -6.664  8.099   1.00 20.40  ? 109 ILE A CA  1 
ATOM   676  C  C   . ILE A 1 109 ? -11.908 -7.800  7.611   1.00 19.60  ? 109 ILE A C   1 
ATOM   677  O  O   . ILE A 1 109 ? -10.699 -7.741  7.805   1.00 19.11  ? 109 ILE A O   1 
ATOM   678  C  CB  . ILE A 1 109 ? -12.671 -5.360  7.224   1.00 20.30  ? 109 ILE A CB  1 
ATOM   679  C  CG1 . ILE A 1 109 ? -13.082 -5.586  5.779   1.00 21.41  ? 109 ILE A CG1 1 
ATOM   680  C  CG2 . ILE A 1 109 ? -11.283 -4.754  7.325   1.00 19.76  ? 109 ILE A CG2 1 
ATOM   681  C  CD1 . ILE A 1 109 ? -13.102 -4.289  4.951   1.00 21.33  ? 109 ILE A CD1 1 
ATOM   682  N  N   . ALA A 1 110 ? -12.496 -8.825  6.987   1.00 18.94  ? 110 ALA A N   1 
ATOM   683  C  CA  . ALA A 1 110 ? -11.728 -9.942  6.442   1.00 17.95  ? 110 ALA A CA  1 
ATOM   684  C  C   . ALA A 1 110 ? -10.720 -9.453  5.404   1.00 17.48  ? 110 ALA A C   1 
ATOM   685  O  O   . ALA A 1 110 ? -10.934 -8.436  4.737   1.00 16.90  ? 110 ALA A O   1 
ATOM   686  C  CB  . ALA A 1 110 ? -12.653 -10.997 5.832   1.00 18.30  ? 110 ALA A CB  1 
ATOM   687  N  N   . ALA A 1 111 ? -9.617  -10.180 5.277   1.00 17.14  ? 111 ALA A N   1 
ATOM   688  C  CA  . ALA A 1 111 ? -8.562  -9.814  4.340   1.00 17.21  ? 111 ALA A CA  1 
ATOM   689  C  C   . ALA A 1 111 ? -9.100  -9.680  2.922   1.00 17.30  ? 111 ALA A C   1 
ATOM   690  O  O   . ALA A 1 111 ? -8.676  -8.799  2.177   1.00 17.43  ? 111 ALA A O   1 
ATOM   691  C  CB  . ALA A 1 111 ? -7.423  -10.821 4.395   1.00 17.42  ? 111 ALA A CB  1 
ATOM   692  N  N   . ALA A 1 112 ? -10.030 -10.561 2.554   1.00 17.23  ? 112 ALA A N   1 
ATOM   693  C  CA  . ALA A 1 112 ? -10.648 -10.537 1.235   1.00 17.55  ? 112 ALA A CA  1 
ATOM   694  C  C   . ALA A 1 112 ? -11.361 -9.211  0.988   1.00 17.85  ? 112 ALA A C   1 
ATOM   695  O  O   . ALA A 1 112 ? -11.200 -8.597  -0.069  1.00 17.33  ? 112 ALA A O   1 
ATOM   696  C  CB  . ALA A 1 112 ? -11.625 -11.718 1.088   1.00 17.95  ? 112 ALA A CB  1 
ATOM   697  N  N   . GLU A 1 113 ? -12.143 -8.774  1.973   1.00 18.15  ? 113 GLU A N   1 
ATOM   698  C  CA  . GLU A 1 113 ? -12.894 -7.522  1.865   1.00 19.06  ? 113 GLU A CA  1 
ATOM   699  C  C   . GLU A 1 113 ? -11.953 -6.314  1.890   1.00 18.38  ? 113 GLU A C   1 
ATOM   700  O  O   . GLU A 1 113 ? -12.177 -5.343  1.166   1.00 18.15  ? 113 GLU A O   1 
ATOM   701  C  CB  . GLU A 1 113 ? -13.951 -7.417  2.971   1.00 19.32  ? 113 GLU A CB  1 
ATOM   702  C  CG  . GLU A 1 113 ? -15.260 -8.185  2.723   1.00 23.51  ? 113 GLU A CG  1 
ATOM   703  C  CD  . GLU A 1 113 ? -15.118 -9.699  2.759   1.00 28.05  ? 113 GLU A CD  1 
ATOM   704  O  OE1 . GLU A 1 113 ? -14.179 -10.218 3.403   1.00 31.26  ? 113 GLU A OE1 1 
ATOM   705  O  OE2 . GLU A 1 113 ? -15.957 -10.383 2.133   1.00 32.09  ? 113 GLU A OE2 1 
ATOM   706  N  N   . LEU A 1 114 ? -10.894 -6.389  2.701   1.00 17.71  ? 114 LEU A N   1 
ATOM   707  C  CA  . LEU A 1 114 ? -9.867  -5.343  2.752   1.00 17.35  ? 114 LEU A CA  1 
ATOM   708  C  C   . LEU A 1 114 ? -9.202  -5.179  1.379   1.00 16.70  ? 114 LEU A C   1 
ATOM   709  O  O   . LEU A 1 114 ? -9.066  -4.073  0.847   1.00 16.55  ? 114 LEU A O   1 
ATOM   710  C  CB  . LEU A 1 114 ? -8.811  -5.708  3.797   1.00 17.82  ? 114 LEU A CB  1 
ATOM   711  C  CG  . LEU A 1 114 ? -7.618  -4.771  3.959   1.00 18.82  ? 114 LEU A CG  1 
ATOM   712  C  CD1 . LEU A 1 114 ? -8.087  -3.413  4.461   1.00 21.52  ? 114 LEU A CD1 1 
ATOM   713  C  CD2 . LEU A 1 114 ? -6.590  -5.390  4.920   1.00 19.18  ? 114 LEU A CD2 1 
ATOM   714  N  N   . GLN A 1 115 ? -8.797  -6.301  0.810   1.00 15.48  ? 115 GLN A N   1 
ATOM   715  C  CA  . GLN A 1 115 ? -8.170  -6.323  -0.499  1.00 15.86  ? 115 GLN A CA  1 
ATOM   716  C  C   . GLN A 1 115 ? -9.106  -5.773  -1.580  1.00 15.54  ? 115 GLN A C   1 
ATOM   717  O  O   . GLN A 1 115 ? -8.657  -5.091  -2.511  1.00 14.95  ? 115 GLN A O   1 
ATOM   718  C  CB  . GLN A 1 115 ? -7.748  -7.764  -0.793  1.00 15.98  ? 115 GLN A CB  1 
ATOM   719  C  CG  . GLN A 1 115 ? -7.197  -8.063  -2.161  1.00 18.27  ? 115 GLN A CG  1 
ATOM   720  C  CD  . GLN A 1 115 ? -6.542  -9.425  -2.174  1.00 20.71  ? 115 GLN A CD  1 
ATOM   721  O  OE1 . GLN A 1 115 ? -5.480  -9.603  -1.588  1.00 23.89  ? 115 GLN A OE1 1 
ATOM   722  N  NE2 . GLN A 1 115 ? -7.187  -10.398 -2.808  1.00 22.58  ? 115 GLN A NE2 1 
ATOM   723  N  N   . ALA A 1 116 ? -10.405 -6.028  -1.425  1.00 15.22  ? 116 ALA A N   1 
ATOM   724  C  CA  . ALA A 1 116 ? -11.411 -5.551  -2.381  1.00 15.18  ? 116 ALA A CA  1 
ATOM   725  C  C   . ALA A 1 116 ? -11.600 -4.031  -2.353  1.00 14.96  ? 116 ALA A C   1 
ATOM   726  O  O   . ALA A 1 116 ? -12.092 -3.440  -3.311  1.00 15.08  ? 116 ALA A O   1 
ATOM   727  C  CB  . ALA A 1 116 ? -12.749 -6.262  -2.141  1.00 15.51  ? 116 ALA A CB  1 
ATOM   728  N  N   . ARG A 1 117 ? -11.215 -3.399  -1.251  1.00 14.64  ? 117 ARG A N   1 
ATOM   729  C  CA  . ARG A 1 117 ? -11.289 -1.947  -1.129  1.00 14.40  ? 117 ARG A CA  1 
ATOM   730  C  C   . ARG A 1 117 ? -10.395 -1.220  -2.141  1.00 14.61  ? 117 ARG A C   1 
ATOM   731  O  O   . ARG A 1 117 ? -10.593 -0.031  -2.401  1.00 15.51  ? 117 ARG A O   1 
ATOM   732  C  CB  . ARG A 1 117 ? -10.932 -1.485  0.284   1.00 14.18  ? 117 ARG A CB  1 
ATOM   733  C  CG  . ARG A 1 117 ? -11.946 -1.862  1.355   1.00 16.91  ? 117 ARG A CG  1 
ATOM   734  C  CD  . ARG A 1 117 ? -13.280 -1.146  1.170   1.00 20.89  ? 117 ARG A CD  1 
ATOM   735  N  NE  . ARG A 1 117 ? -14.184 -1.409  2.295   1.00 21.67  ? 117 ARG A NE  1 
ATOM   736  C  CZ  . ARG A 1 117 ? -14.391 -0.562  3.293   1.00 23.59  ? 117 ARG A CZ  1 
ATOM   737  N  NH1 . ARG A 1 117 ? -13.767 0.614   3.317   1.00 23.66  ? 117 ARG A NH1 1 
ATOM   738  N  NH2 . ARG A 1 117 ? -15.220 -0.888  4.279   1.00 24.47  ? 117 ARG A NH2 1 
ATOM   739  N  N   . LEU A 1 118 ? -9.409  -1.936  -2.684  1.00 15.13  ? 118 LEU A N   1 
ATOM   740  C  CA  . LEU A 1 118 ? -8.493  -1.361  -3.669  1.00 15.18  ? 118 LEU A CA  1 
ATOM   741  C  C   . LEU A 1 118 ? -9.116  -1.297  -5.061  1.00 15.54  ? 118 LEU A C   1 
ATOM   742  O  O   . LEU A 1 118 ? -8.599  -0.603  -5.952  1.00 15.59  ? 118 LEU A O   1 
ATOM   743  C  CB  . LEU A 1 118 ? -7.222  -2.201  -3.750  1.00 15.57  ? 118 LEU A CB  1 
ATOM   744  C  CG  . LEU A 1 118 ? -6.093  -2.041  -2.728  1.00 17.47  ? 118 LEU A CG  1 
ATOM   745  C  CD1 . LEU A 1 118 ? -6.574  -1.920  -1.310  1.00 20.33  ? 118 LEU A CD1 1 
ATOM   746  C  CD2 . LEU A 1 118 ? -5.103  -3.221  -2.884  1.00 16.23  ? 118 LEU A CD2 1 
ATOM   747  N  N   . ALA A 1 119 ? -10.207 -2.029  -5.256  1.00 15.34  ? 119 ALA A N   1 
ATOM   748  C  CA  . ALA A 1 119 ? -10.699 -2.280  -6.618  1.00 15.93  ? 119 ALA A CA  1 
ATOM   749  C  C   . ALA A 1 119 ? -11.147 -1.021  -7.374  1.00 16.94  ? 119 ALA A C   1 
ATOM   750  O  O   . ALA A 1 119 ? -10.765 -0.839  -8.533  1.00 17.15  ? 119 ALA A O   1 
ATOM   751  C  CB  . ALA A 1 119 ? -11.792 -3.347  -6.612  1.00 16.34  ? 119 ALA A CB  1 
ATOM   752  N  N   . PRO A 1 120 ? -11.962 -0.152  -6.742  1.00 17.62  ? 120 PRO A N   1 
ATOM   753  C  CA  . PRO A 1 120 ? -12.428 1.021   -7.492  1.00 18.25  ? 120 PRO A CA  1 
ATOM   754  C  C   . PRO A 1 120 ? -11.292 1.841   -8.111  1.00 18.61  ? 120 PRO A C   1 
ATOM   755  O  O   . PRO A 1 120 ? -11.335 2.164   -9.305  1.00 17.93  ? 120 PRO A O   1 
ATOM   756  C  CB  . PRO A 1 120 ? -13.203 1.813   -6.436  1.00 18.67  ? 120 PRO A CB  1 
ATOM   757  C  CG  . PRO A 1 120 ? -13.744 0.721   -5.530  1.00 19.18  ? 120 PRO A CG  1 
ATOM   758  C  CD  . PRO A 1 120 ? -12.552 -0.187  -5.386  1.00 18.08  ? 120 PRO A CD  1 
ATOM   759  N  N   . THR A 1 121 ? -10.268 2.144   -7.318  1.00 18.23  ? 121 THR A N   1 
ATOM   760  C  CA  . THR A 1 121 ? -9.147  2.942   -7.808  1.00 18.24  ? 121 THR A CA  1 
ATOM   761  C  C   . THR A 1 121 ? -8.314  2.167   -8.827  1.00 17.58  ? 121 THR A C   1 
ATOM   762  O  O   . THR A 1 121 ? -7.934  2.714   -9.865  1.00 16.57  ? 121 THR A O   1 
ATOM   763  C  CB  . THR A 1 121 ? -8.289  3.457   -6.626  1.00 18.49  ? 121 THR A CB  1 
ATOM   764  O  OG1 . THR A 1 121 ? -9.085  4.365   -5.859  1.00 20.63  ? 121 THR A OG1 1 
ATOM   765  C  CG2 . THR A 1 121 ? -7.066  4.207   -7.123  1.00 19.08  ? 121 THR A CG2 1 
ATOM   766  N  N   . LEU A 1 122 ? -8.037  0.898   -8.539  1.00 16.23  ? 122 LEU A N   1 
ATOM   767  C  CA  . LEU A 1 122 ? -7.264  0.082   -9.481  1.00 16.41  ? 122 LEU A CA  1 
ATOM   768  C  C   . LEU A 1 122 ? -7.952  -0.058  -10.845 1.00 16.55  ? 122 LEU A C   1 
ATOM   769  O  O   . LEU A 1 122 ? -7.279  -0.011  -11.875 1.00 16.82  ? 122 LEU A O   1 
ATOM   770  C  CB  . LEU A 1 122 ? -6.896  -1.274  -8.892  1.00 16.45  ? 122 LEU A CB  1 
ATOM   771  C  CG  . LEU A 1 122 ? -5.788  -1.199  -7.820  1.00 15.71  ? 122 LEU A CG  1 
ATOM   772  C  CD1 . LEU A 1 122 ? -5.549  -2.564  -7.227  1.00 17.05  ? 122 LEU A CD1 1 
ATOM   773  C  CD2 . LEU A 1 122 ? -4.460  -0.651  -8.398  1.00 18.31  ? 122 LEU A CD2 1 
ATOM   774  N  N   . ARG A 1 123 ? -9.282  -0.198  -10.843 1.00 16.25  ? 123 ARG A N   1 
ATOM   775  C  CA  . ARG A 1 123 ? -10.057 -0.252  -12.098 1.00 16.96  ? 123 ARG A CA  1 
ATOM   776  C  C   . ARG A 1 123 ? -9.924  1.044   -12.907 1.00 17.43  ? 123 ARG A C   1 
ATOM   777  O  O   . ARG A 1 123 ? -9.735  0.998   -14.127 1.00 18.37  ? 123 ARG A O   1 
ATOM   778  C  CB  . ARG A 1 123 ? -11.535 -0.545  -11.819 1.00 16.49  ? 123 ARG A CB  1 
ATOM   779  C  CG  . ARG A 1 123 ? -11.771 -1.963  -11.304 1.00 16.82  ? 123 ARG A CG  1 
ATOM   780  C  CD  . ARG A 1 123 ? -13.197 -2.166  -10.801 1.00 15.47  ? 123 ARG A CD  1 
ATOM   781  N  NE  . ARG A 1 123 ? -13.343 -3.460  -10.134 1.00 16.30  ? 123 ARG A NE  1 
ATOM   782  C  CZ  . ARG A 1 123 ? -14.177 -3.699  -9.125  1.00 16.71  ? 123 ARG A CZ  1 
ATOM   783  N  NH1 . ARG A 1 123 ? -14.955 -2.735  -8.647  1.00 16.89  ? 123 ARG A NH1 1 
ATOM   784  N  NH2 . ARG A 1 123 ? -14.220 -4.904  -8.579  1.00 17.77  ? 123 ARG A NH2 1 
ATOM   785  N  N   . LYS A 1 124 ? -10.018 2.182   -12.221 1.00 18.02  ? 124 LYS A N   1 
ATOM   786  C  CA  . LYS A 1 124 ? -9.906  3.494   -12.862 1.00 19.42  ? 124 LYS A CA  1 
ATOM   787  C  C   . LYS A 1 124 ? -8.515  3.690   -13.451 1.00 18.44  ? 124 LYS A C   1 
ATOM   788  O  O   . LYS A 1 124 ? -8.368  4.143   -14.598 1.00 17.90  ? 124 LYS A O   1 
ATOM   789  C  CB  . LYS A 1 124 ? -10.207 4.623   -11.875 1.00 19.59  ? 124 LYS A CB  1 
ATOM   790  C  CG  . LYS A 1 124 ? -11.664 4.746   -11.438 1.00 21.79  ? 124 LYS A CG  1 
ATOM   791  C  CD  . LYS A 1 124 ? -11.822 5.932   -10.475 1.00 22.74  ? 124 LYS A CD  1 
ATOM   792  C  CE  . LYS A 1 124 ? -13.277 6.147   -10.047 1.00 27.51  ? 124 LYS A CE  1 
ATOM   793  N  NZ  . LYS A 1 124 ? -14.107 6.785   -11.117 1.00 30.41  ? 124 LYS A NZ  1 
ATOM   794  N  N   . LYS A 1 125 ? -7.488  3.346   -12.670 1.00 17.58  ? 125 LYS A N   1 
ATOM   795  C  CA  . LYS A 1 125 ? -6.102  3.425   -13.176 1.00 16.97  ? 125 LYS A CA  1 
ATOM   796  C  C   . LYS A 1 125 ? -5.866  2.521   -14.378 1.00 17.09  ? 125 LYS A C   1 
ATOM   797  O  O   . LYS A 1 125 ? -5.326  2.962   -15.397 1.00 16.57  ? 125 LYS A O   1 
ATOM   798  C  CB  . LYS A 1 125 ? -5.093  3.055   -12.089 1.00 16.63  ? 125 LYS A CB  1 
ATOM   799  C  CG  . LYS A 1 125 ? -4.912  4.071   -10.999 1.00 17.78  ? 125 LYS A CG  1 
ATOM   800  C  CD  . LYS A 1 125 ? -3.707  3.655   -10.148 1.00 18.27  ? 125 LYS A CD  1 
ATOM   801  C  CE  . LYS A 1 125 ? -3.393  4.659   -9.055  1.00 20.28  ? 125 LYS A CE  1 
ATOM   802  N  NZ  . LYS A 1 125 ? -2.962  5.980   -9.597  1.00 20.21  ? 125 LYS A NZ  1 
ATOM   803  N  N   . ALA A 1 126 ? -6.254  1.250   -14.258 1.00 16.87  ? 126 ALA A N   1 
ATOM   804  C  CA  . ALA A 1 126 ? -6.096  0.310   -15.353 1.00 17.33  ? 126 ALA A CA  1 
ATOM   805  C  C   . ALA A 1 126 ? -6.740  0.868   -16.631 1.00 17.83  ? 126 ALA A C   1 
ATOM   806  O  O   . ALA A 1 126 ? -6.129  0.841   -17.701 1.00 17.64  ? 126 ALA A O   1 
ATOM   807  C  CB  . ALA A 1 126 ? -6.683  -1.038  -14.991 1.00 17.14  ? 126 ALA A CB  1 
ATOM   808  N  N   . HIS A 1 127 ? -7.952  1.406   -16.504 1.00 18.60  ? 127 HIS A N   1 
ATOM   809  C  CA  . HIS A 1 127 ? -8.644  2.030   -17.650 1.00 19.68  ? 127 HIS A CA  1 
ATOM   810  C  C   . HIS A 1 127 ? -7.881  3.224   -18.218 1.00 19.83  ? 127 HIS A C   1 
ATOM   811  O  O   . HIS A 1 127 ? -7.598  3.259   -19.420 1.00 19.90  ? 127 HIS A O   1 
ATOM   812  C  CB  . HIS A 1 127 ? -10.063 2.474   -17.279 1.00 20.14  ? 127 HIS A CB  1 
ATOM   813  C  CG  . HIS A 1 127 ? -10.754 3.222   -18.381 1.00 21.99  ? 127 HIS A CG  1 
ATOM   814  N  ND1 . HIS A 1 127 ? -11.139 2.616   -19.556 1.00 25.00  ? 127 HIS A ND1 1 
ATOM   815  C  CD2 . HIS A 1 127 ? -11.088 4.530   -18.503 1.00 23.83  ? 127 HIS A CD2 1 
ATOM   816  C  CE1 . HIS A 1 127 ? -11.704 3.512   -20.347 1.00 24.11  ? 127 HIS A CE1 1 
ATOM   817  N  NE2 . HIS A 1 127 ? -11.682 4.682   -19.733 1.00 24.67  ? 127 HIS A NE2 1 
ATOM   818  N  N   . ASN A 1 128 ? -7.573  4.192   -17.353 1.00 19.69  ? 128 ASN A N   1 
ATOM   819  C  CA  A ASN A 1 128 ? -6.877  5.413   -17.763 0.50 19.89  ? 128 ASN A CA  1 
ATOM   820  C  CA  B ASN A 1 128 ? -6.876  5.409   -17.762 0.50 20.09  ? 128 ASN A CA  1 
ATOM   821  C  C   . ASN A 1 128 ? -5.565  5.088   -18.465 1.00 19.98  ? 128 ASN A C   1 
ATOM   822  O  O   . ASN A 1 128 ? -5.253  5.656   -19.513 1.00 19.62  ? 128 ASN A O   1 
ATOM   823  C  CB  A ASN A 1 128 ? -6.629  6.343   -16.566 0.50 19.84  ? 128 ASN A CB  1 
ATOM   824  C  CB  B ASN A 1 128 ? -6.623  6.313   -16.558 0.50 20.19  ? 128 ASN A CB  1 
ATOM   825  C  CG  A ASN A 1 128 ? -7.906  7.022   -16.054 0.50 20.25  ? 128 ASN A CG  1 
ATOM   826  C  CG  B ASN A 1 128 ? -5.987  7.627   -16.943 0.50 21.56  ? 128 ASN A CG  1 
ATOM   827  O  OD1 A ASN A 1 128 ? -8.937  7.044   -16.728 0.50 20.96  ? 128 ASN A OD1 1 
ATOM   828  O  OD1 B ASN A 1 128 ? -6.668  8.565   -17.370 0.50 22.94  ? 128 ASN A OD1 1 
ATOM   829  N  ND2 A ASN A 1 128 ? -7.822  7.597   -14.860 0.50 20.81  ? 128 ASN A ND2 1 
ATOM   830  N  ND2 B ASN A 1 128 ? -4.670  7.712   -16.784 0.50 22.24  ? 128 ASN A ND2 1 
ATOM   831  N  N   . TYR A 1 129 ? -4.805  4.161   -17.891 1.00 19.97  ? 129 TYR A N   1 
ATOM   832  C  CA  . TYR A 1 129 ? -3.521  3.766   -18.467 1.00 20.54  ? 129 TYR A CA  1 
ATOM   833  C  C   . TYR A 1 129 ? -3.659  2.986   -19.780 1.00 21.31  ? 129 TYR A C   1 
ATOM   834  O  O   . TYR A 1 129 ? -2.849  3.160   -20.693 1.00 21.45  ? 129 TYR A O   1 
ATOM   835  C  CB  . TYR A 1 129 ? -2.678  3.009   -17.423 1.00 20.90  ? 129 TYR A CB  1 
ATOM   836  C  CG  . TYR A 1 129 ? -2.320  3.872   -16.224 1.00 20.85  ? 129 TYR A CG  1 
ATOM   837  C  CD1 . TYR A 1 129 ? -2.456  5.257   -16.277 1.00 21.22  ? 129 TYR A CD1 1 
ATOM   838  C  CD2 . TYR A 1 129 ? -1.818  3.308   -15.046 1.00 22.49  ? 129 TYR A CD2 1 
ATOM   839  C  CE1 . TYR A 1 129 ? -2.136  6.064   -15.206 1.00 22.40  ? 129 TYR A CE1 1 
ATOM   840  C  CE2 . TYR A 1 129 ? -1.488  4.123   -13.948 1.00 21.93  ? 129 TYR A CE2 1 
ATOM   841  C  CZ  . TYR A 1 129 ? -1.644  5.499   -14.051 1.00 22.42  ? 129 TYR A CZ  1 
ATOM   842  O  OH  . TYR A 1 129 ? -1.326  6.351   -13.023 1.00 23.87  ? 129 TYR A OH  1 
ATOM   843  N  N   . SER A 1 130 ? -4.684  2.135   -19.879 1.00 21.43  ? 130 SER A N   1 
ATOM   844  C  CA  . SER A 1 130 ? -4.977  1.430   -21.134 1.00 22.04  ? 130 SER A CA  1 
ATOM   845  C  C   . SER A 1 130 ? -5.303  2.414   -22.250 1.00 21.98  ? 130 SER A C   1 
ATOM   846  O  O   . SER A 1 130 ? -4.819  2.265   -23.383 1.00 22.15  ? 130 SER A O   1 
ATOM   847  C  CB  . SER A 1 130 ? -6.130  0.435   -20.946 1.00 22.12  ? 130 SER A CB  1 
ATOM   848  O  OG  . SER A 1 130 ? -5.684  -0.702  -20.220 1.00 24.24  ? 130 SER A OG  1 
ATOM   849  N  N   . GLU A 1 131 ? -6.097  3.432   -21.920 1.00 22.36  ? 131 GLU A N   1 
ATOM   850  C  CA  . GLU A 1 131 ? -6.476  4.464   -22.891 1.00 22.96  ? 131 GLU A CA  1 
ATOM   851  C  C   . GLU A 1 131 ? -5.288  5.281   -23.386 1.00 22.87  ? 131 GLU A C   1 
ATOM   852  O  O   . GLU A 1 131 ? -5.290  5.746   -24.534 1.00 22.31  ? 131 GLU A O   1 
ATOM   853  C  CB  . GLU A 1 131 ? -7.552  5.385   -22.319 1.00 23.64  ? 131 GLU A CB  1 
ATOM   854  C  CG  . GLU A 1 131 ? -8.937  4.740   -22.268 1.00 25.40  ? 131 GLU A CG  1 
ATOM   855  C  CD  . GLU A 1 131 ? -9.441  4.303   -23.653 1.00 29.50  ? 131 GLU A CD  1 
ATOM   856  O  OE1 . GLU A 1 131 ? -9.429  5.129   -24.596 1.00 32.08  ? 131 GLU A OE1 1 
ATOM   857  O  OE2 . GLU A 1 131 ? -9.833  3.132   -23.800 1.00 31.11  ? 131 GLU A OE2 1 
ATOM   858  N  N   . ARG A 1 132 ? -4.273  5.438   -22.536 1.00 21.45  ? 132 ARG A N   1 
ATOM   859  C  CA  . ARG A 1 132 ? -3.080  6.212   -22.887 1.00 21.12  ? 132 ARG A CA  1 
ATOM   860  C  C   . ARG A 1 132 ? -1.952  5.360   -23.492 1.00 21.06  ? 132 ARG A C   1 
ATOM   861  O  O   . ARG A 1 132 ? -0.941  5.893   -23.952 1.00 20.80  ? 132 ARG A O   1 
ATOM   862  C  CB  . ARG A 1 132 ? -2.566  6.977   -21.667 1.00 20.97  ? 132 ARG A CB  1 
ATOM   863  C  CG  . ARG A 1 132 ? -3.456  8.141   -21.232 1.00 21.96  ? 132 ARG A CG  1 
ATOM   864  C  CD  . ARG A 1 132 ? -3.150  8.575   -19.812 1.00 24.07  ? 132 ARG A CD  1 
ATOM   865  N  NE  . ARG A 1 132 ? -1.774  9.033   -19.648 1.00 24.83  ? 132 ARG A NE  1 
ATOM   866  C  CZ  . ARG A 1 132 ? -1.197  9.295   -18.479 1.00 26.59  ? 132 ARG A CZ  1 
ATOM   867  N  NH1 . ARG A 1 132 ? -1.873  9.143   -17.342 1.00 27.59  ? 132 ARG A NH1 1 
ATOM   868  N  NH2 . ARG A 1 132 ? 0.066   9.696   -18.440 1.00 27.31  ? 132 ARG A NH2 1 
ATOM   869  N  N   . GLY A 1 133 ? -2.123  4.042   -23.491 1.00 20.52  ? 133 GLY A N   1 
ATOM   870  C  CA  . GLY A 1 133 ? -1.099  3.143   -24.018 1.00 20.98  ? 133 GLY A CA  1 
ATOM   871  C  C   . GLY A 1 133 ? 0.085   3.005   -23.076 1.00 20.37  ? 133 GLY A C   1 
ATOM   872  O  O   . GLY A 1 133 ? 1.219   2.782   -23.507 1.00 20.79  ? 133 GLY A O   1 
ATOM   873  N  N   . ILE A 1 134 ? -0.179  3.157   -21.781 1.00 19.74  ? 134 ILE A N   1 
ATOM   874  C  CA  . ILE A 1 134 ? 0.850   2.975   -20.746 1.00 19.45  ? 134 ILE A CA  1 
ATOM   875  C  C   . ILE A 1 134 ? 1.079   1.489   -20.472 1.00 19.11  ? 134 ILE A C   1 
ATOM   876  O  O   . ILE A 1 134 ? 0.118   0.702   -20.456 1.00 19.44  ? 134 ILE A O   1 
ATOM   877  C  CB  . ILE A 1 134 ? 0.469   3.747   -19.447 1.00 19.02  ? 134 ILE A CB  1 
ATOM   878  C  CG1 . ILE A 1 134 ? 0.767   5.232   -19.631 1.00 20.55  ? 134 ILE A CG1 1 
ATOM   879  C  CG2 . ILE A 1 134 ? 1.235   3.198   -18.204 1.00 19.06  ? 134 ILE A CG2 1 
ATOM   880  C  CD1 . ILE A 1 134 ? -0.113  6.143   -18.868 1.00 22.77  ? 134 ILE A CD1 1 
ATOM   881  N  N   . ASP A 1 135 ? 2.345   1.106   -20.250 1.00 18.58  ? 135 ASP A N   1 
ATOM   882  C  CA  . ASP A 1 135 ? 2.686   -0.286  -19.963 1.00 18.08  ? 135 ASP A CA  1 
ATOM   883  C  C   . ASP A 1 135 ? 2.464   -0.566  -18.472 1.00 17.07  ? 135 ASP A C   1 
ATOM   884  O  O   . ASP A 1 135 ? 3.323   -0.258  -17.637 1.00 16.33  ? 135 ASP A O   1 
ATOM   885  C  CB  . ASP A 1 135 ? 4.143   -0.611  -20.351 1.00 18.58  ? 135 ASP A CB  1 
ATOM   886  C  CG  . ASP A 1 135 ? 4.476   -2.112  -20.242 1.00 20.23  ? 135 ASP A CG  1 
ATOM   887  O  OD1 . ASP A 1 135 ? 3.656   -2.894  -19.712 1.00 22.00  ? 135 ASP A OD1 1 
ATOM   888  O  OD2 . ASP A 1 135 ? 5.580   -2.517  -20.683 1.00 22.31  ? 135 ASP A OD2 1 
ATOM   889  N  N   . HIS A 1 136 ? 1.309   -1.147  -18.159 1.00 16.29  ? 136 HIS A N   1 
ATOM   890  C  CA  . HIS A 1 136 ? 0.967   -1.513  -16.777 1.00 16.30  ? 136 HIS A CA  1 
ATOM   891  C  C   . HIS A 1 136 ? 2.072   -2.375  -16.166 1.00 15.90  ? 136 HIS A C   1 
ATOM   892  O  O   . HIS A 1 136 ? 2.325   -2.317  -14.956 1.00 15.43  ? 136 HIS A O   1 
ATOM   893  C  CB  . HIS A 1 136 ? -0.347  -2.296  -16.721 1.00 16.62  ? 136 HIS A CB  1 
ATOM   894  C  CG  . HIS A 1 136 ? -1.516  -1.595  -17.343 1.00 18.15  ? 136 HIS A CG  1 
ATOM   895  N  ND1 . HIS A 1 136 ? -1.587  -1.327  -18.694 1.00 20.03  ? 136 HIS A ND1 1 
ATOM   896  C  CD2 . HIS A 1 136 ? -2.682  -1.154  -16.809 1.00 18.64  ? 136 HIS A CD2 1 
ATOM   897  C  CE1 . HIS A 1 136 ? -2.728  -0.711  -18.959 1.00 19.96  ? 136 HIS A CE1 1 
ATOM   898  N  NE2 . HIS A 1 136 ? -3.413  -0.595  -17.834 1.00 18.19  ? 136 HIS A NE2 1 
ATOM   899  N  N   . GLY A 1 137 ? 2.719   -3.179  -17.010 1.00 15.44  ? 137 GLY A N   1 
ATOM   900  C  CA  . GLY A 1 137 ? 3.713   -4.151  -16.562 1.00 15.63  ? 137 GLY A CA  1 
ATOM   901  C  C   . GLY A 1 137 ? 5.040   -3.607  -16.064 1.00 15.37  ? 137 GLY A C   1 
ATOM   902  O  O   . GLY A 1 137 ? 5.906   -4.385  -15.648 1.00 15.25  ? 137 GLY A O   1 
ATOM   903  N  N   . GLU A 1 138 ? 5.214   -2.288  -16.094 1.00 15.45  ? 138 GLU A N   1 
ATOM   904  C  CA  . GLU A 1 138 ? 6.426   -1.672  -15.547 1.00 16.34  ? 138 GLU A CA  1 
ATOM   905  C  C   . GLU A 1 138 ? 6.140   -0.979  -14.212 1.00 16.02  ? 138 GLU A C   1 
ATOM   906  O  O   . GLU A 1 138 ? 7.033   -0.362  -13.620 1.00 16.81  ? 138 GLU A O   1 
ATOM   907  C  CB  . GLU A 1 138 ? 7.051   -0.679  -16.547 1.00 17.48  ? 138 GLU A CB  1 
ATOM   908  C  CG  . GLU A 1 138 ? 7.685   -1.361  -17.777 1.00 21.40  ? 138 GLU A CG  1 
ATOM   909  C  CD  . GLU A 1 138 ? 8.906   -2.221  -17.444 1.00 25.68  ? 138 GLU A CD  1 
ATOM   910  O  OE1 . GLU A 1 138 ? 9.667   -1.873  -16.519 1.00 26.19  ? 138 GLU A OE1 1 
ATOM   911  O  OE2 . GLU A 1 138 ? 9.115   -3.254  -18.121 1.00 30.20  ? 138 GLU A OE2 1 
ATOM   912  N  N   . LEU A 1 139 ? 4.899   -1.104  -13.743 1.00 14.94  ? 139 LEU A N   1 
ATOM   913  C  CA  . LEU A 1 139 ? 4.450   -0.366  -12.562 1.00 14.10  ? 139 LEU A CA  1 
ATOM   914  C  C   . LEU A 1 139 ? 4.288   -1.266  -11.343 1.00 13.67  ? 139 LEU A C   1 
ATOM   915  O  O   . LEU A 1 139 ? 3.685   -2.340  -11.419 1.00 12.86  ? 139 LEU A O   1 
ATOM   916  C  CB  . LEU A 1 139 ? 3.125   0.362   -12.851 1.00 14.57  ? 139 LEU A CB  1 
ATOM   917  C  CG  . LEU A 1 139 ? 3.115   1.396   -13.992 1.00 15.04  ? 139 LEU A CG  1 
ATOM   918  C  CD1 . LEU A 1 139 ? 1.728   2.028   -14.142 1.00 14.62  ? 139 LEU A CD1 1 
ATOM   919  C  CD2 . LEU A 1 139 ? 4.179   2.480   -13.794 1.00 15.23  ? 139 LEU A CD2 1 
ATOM   920  N  N   . ASP A 1 140 ? 4.835   -0.801  -10.230 1.00 12.82  ? 140 ASP A N   1 
ATOM   921  C  CA  . ASP A 1 140 ? 4.696   -1.459  -8.932  1.00 13.21  ? 140 ASP A CA  1 
ATOM   922  C  C   . ASP A 1 140 ? 3.696   -0.684  -8.087  1.00 13.22  ? 140 ASP A C   1 
ATOM   923  O  O   . ASP A 1 140 ? 4.015   0.371   -7.536  1.00 13.63  ? 140 ASP A O   1 
ATOM   924  C  CB  . ASP A 1 140 ? 6.058   -1.499  -8.250  1.00 13.27  ? 140 ASP A CB  1 
ATOM   925  C  CG  . ASP A 1 140 ? 7.113   -2.179  -9.117  1.00 14.55  ? 140 ASP A CG  1 
ATOM   926  O  OD1 . ASP A 1 140 ? 6.895   -3.349  -9.494  1.00 13.51  ? 140 ASP A OD1 1 
ATOM   927  O  OD2 . ASP A 1 140 ? 8.158   -1.551  -9.412  1.00 14.70  ? 140 ASP A OD2 1 
ATOM   928  N  N   . LEU A 1 141 ? 2.470   -1.185  -8.017  1.00 12.66  ? 141 LEU A N   1 
ATOM   929  C  CA  . LEU A 1 141 ? 1.413   -0.464  -7.318  1.00 11.93  ? 141 LEU A CA  1 
ATOM   930  C  C   . LEU A 1 141 ? 1.595   -0.592  -5.811  1.00 11.62  ? 141 LEU A C   1 
ATOM   931  O  O   . LEU A 1 141 ? 1.927   -1.668  -5.310  1.00 11.37  ? 141 LEU A O   1 
ATOM   932  C  CB  . LEU A 1 141 ? 0.030   -0.975  -7.741  1.00 12.35  ? 141 LEU A CB  1 
ATOM   933  C  CG  . LEU A 1 141 ? -0.541  -0.413  -9.064  1.00 14.37  ? 141 LEU A CG  1 
ATOM   934  C  CD1 . LEU A 1 141 ? -1.247  0.881   -8.807  1.00 16.25  ? 141 LEU A CD1 1 
ATOM   935  C  CD2 . LEU A 1 141 ? 0.511   -0.213  -10.174 1.00 16.64  ? 141 LEU A CD2 1 
ATOM   936  N  N   . LEU A 1 142 ? 1.380   0.515   -5.108  1.00 11.28  ? 142 LEU A N   1 
ATOM   937  C  CA  . LEU A 1 142 ? 1.538   0.564   -3.652  1.00 11.17  ? 142 LEU A CA  1 
ATOM   938  C  C   . LEU A 1 142 ? 0.392   1.359   -3.042  1.00 11.31  ? 142 LEU A C   1 
ATOM   939  O  O   . LEU A 1 142 ? 0.307   2.576   -3.228  1.00 11.49  ? 142 LEU A O   1 
ATOM   940  C  CB  . LEU A 1 142 ? 2.884   1.186   -3.267  1.00 10.82  ? 142 LEU A CB  1 
ATOM   941  C  CG  . LEU A 1 142 ? 3.191   1.308   -1.771  1.00 11.52  ? 142 LEU A CG  1 
ATOM   942  C  CD1 . LEU A 1 142 ? 3.158   -0.074  -1.086  1.00 12.02  ? 142 LEU A CD1 1 
ATOM   943  C  CD2 . LEU A 1 142 ? 4.550   1.995   -1.555  1.00 12.15  ? 142 LEU A CD2 1 
ATOM   944  N  N   . ALA A 1 143 ? -0.498  0.657   -2.340  1.00 11.63  ? 143 ALA A N   1 
ATOM   945  C  CA  . ALA A 1 143 ? -1.663  1.292   -1.720  1.00 11.90  ? 143 ALA A CA  1 
ATOM   946  C  C   . ALA A 1 143 ? -1.357  1.611   -0.275  1.00 12.36  ? 143 ALA A C   1 
ATOM   947  O  O   . ALA A 1 143 ? -0.908  0.723   0.460   1.00 12.32  ? 143 ALA A O   1 
ATOM   948  C  CB  . ALA A 1 143 ? -2.874  0.345   -1.771  1.00 12.82  ? 143 ALA A CB  1 
ATOM   949  N  N   . PHE A 1 144 ? -1.597  2.858   0.144   1.00 12.10  ? 144 PHE A N   1 
ATOM   950  C  CA  . PHE A 1 144 ? -1.611  3.169   1.579   1.00 12.32  ? 144 PHE A CA  1 
ATOM   951  C  C   . PHE A 1 144 ? -3.059  3.063   2.049   1.00 12.90  ? 144 PHE A C   1 
ATOM   952  O  O   . PHE A 1 144 ? -3.925  3.826   1.608   1.00 12.52  ? 144 PHE A O   1 
ATOM   953  C  CB  . PHE A 1 144 ? -1.031  4.552   1.887   1.00 12.95  ? 144 PHE A CB  1 
ATOM   954  C  CG  . PHE A 1 144 ? -1.001  4.861   3.358   1.00 12.18  ? 144 PHE A CG  1 
ATOM   955  C  CD1 . PHE A 1 144 ? 0.066   4.420   4.137   1.00 14.67  ? 144 PHE A CD1 1 
ATOM   956  C  CD2 . PHE A 1 144 ? -2.042  5.560   3.964   1.00 15.51  ? 144 PHE A CD2 1 
ATOM   957  C  CE1 . PHE A 1 144 ? 0.103   4.676   5.511   1.00 16.04  ? 144 PHE A CE1 1 
ATOM   958  C  CE2 . PHE A 1 144 ? -2.009  5.823   5.345   1.00 15.14  ? 144 PHE A CE2 1 
ATOM   959  C  CZ  . PHE A 1 144 ? -0.936  5.374   6.111   1.00 15.01  ? 144 PHE A CZ  1 
ATOM   960  N  N   . VAL A 1 145 ? -3.309  2.070   2.893   1.00 13.84  ? 145 VAL A N   1 
ATOM   961  C  CA  . VAL A 1 145 ? -4.647  1.715   3.324   1.00 14.93  ? 145 VAL A CA  1 
ATOM   962  C  C   . VAL A 1 145 ? -4.853  2.122   4.792   1.00 15.59  ? 145 VAL A C   1 
ATOM   963  O  O   . VAL A 1 145 ? -4.148  1.649   5.694   1.00 15.33  ? 145 VAL A O   1 
ATOM   964  C  CB  . VAL A 1 145 ? -4.923  0.196   3.127   1.00 15.37  ? 145 VAL A CB  1 
ATOM   965  C  CG1 . VAL A 1 145 ? -6.394  -0.124  3.441   1.00 16.30  ? 145 VAL A CG1 1 
ATOM   966  C  CG2 . VAL A 1 145 ? -4.598  -0.231  1.704   1.00 16.66  ? 145 VAL A CG2 1 
ATOM   967  N  N   . ASN A 1 146 ? -5.838  2.985   5.021   1.00 16.57  ? 146 ASN A N   1 
ATOM   968  C  CA  . ASN A 1 146 ? -6.093  3.521   6.352   1.00 17.80  ? 146 ASN A CA  1 
ATOM   969  C  C   . ASN A 1 146 ? -7.572  3.850   6.523   1.00 18.71  ? 146 ASN A C   1 
ATOM   970  O  O   . ASN A 1 146 ? -8.058  4.844   6.004   1.00 18.42  ? 146 ASN A O   1 
ATOM   971  C  CB  . ASN A 1 146 ? -5.225  4.755   6.617   1.00 17.78  ? 146 ASN A CB  1 
ATOM   972  C  CG  . ASN A 1 146 ? -5.351  5.251   8.044   1.00 19.72  ? 146 ASN A CG  1 
ATOM   973  O  OD1 . ASN A 1 146 ? -5.283  4.463   8.993   1.00 20.14  ? 146 ASN A OD1 1 
ATOM   974  N  ND2 . ASN A 1 146 ? -5.554  6.552   8.203   1.00 19.92  ? 146 ASN A ND2 1 
ATOM   975  N  N   . LEU A 1 147 ? -8.270  2.993   7.257   1.00 20.09  ? 147 LEU A N   1 
ATOM   976  C  CA  . LEU A 1 147 ? -9.717  3.100   7.415   1.00 21.30  ? 147 LEU A CA  1 
ATOM   977  C  C   . LEU A 1 147 ? -10.018 3.394   8.868   1.00 22.30  ? 147 LEU A C   1 
ATOM   978  O  O   . LEU A 1 147 ? -9.584  2.652   9.741   1.00 22.65  ? 147 LEU A O   1 
ATOM   979  C  CB  . LEU A 1 147 ? -10.399 1.788   7.001   1.00 21.67  ? 147 LEU A CB  1 
ATOM   980  C  CG  . LEU A 1 147 ? -10.042 1.200   5.624   1.00 22.05  ? 147 LEU A CG  1 
ATOM   981  C  CD1 . LEU A 1 147 ? -10.658 -0.182  5.440   1.00 23.10  ? 147 LEU A CD1 1 
ATOM   982  C  CD2 . LEU A 1 147 ? -10.460 2.129   4.484   1.00 23.12  ? 147 LEU A CD2 1 
ATOM   983  N  N   . LYS A 1 148 ? -10.746 4.475   9.138   1.00 23.77  ? 148 LYS A N   1 
ATOM   984  C  CA  . LYS A 1 148 ? -11.127 4.773   10.516  1.00 25.73  ? 148 LYS A CA  1 
ATOM   985  C  C   . LYS A 1 148 ? -12.229 3.811   10.993  1.00 25.45  ? 148 LYS A C   1 
ATOM   986  O  O   . LYS A 1 148 ? -12.309 3.499   12.184  1.00 26.12  ? 148 LYS A O   1 
ATOM   987  C  CB  . LYS A 1 148 ? -11.552 6.240   10.673  1.00 25.96  ? 148 LYS A CB  1 
ATOM   988  C  CG  . LYS A 1 148 ? -11.764 6.665   12.130  1.00 28.09  ? 148 LYS A CG  1 
ATOM   989  C  CD  . LYS A 1 148 ? -12.063 8.152   12.287  1.00 28.24  ? 148 LYS A CD  1 
ATOM   990  C  CE  . LYS A 1 148 ? -12.510 8.499   13.705  1.00 30.70  ? 148 LYS A CE  1 
ATOM   991  N  NZ  . LYS A 1 148 ? -13.747 7.789   14.160  1.00 33.53  ? 148 LYS A NZ  1 
ATOM   992  N  N   . ARG A 1 149 ? -13.043 3.323   10.059  1.00 25.30  ? 149 ARG A N   1 
ATOM   993  C  CA  . ARG A 1 149 ? -14.205 2.484   10.385  1.00 25.63  ? 149 ARG A CA  1 
ATOM   994  C  C   . ARG A 1 149 ? -13.894 0.982   10.448  1.00 24.39  ? 149 ARG A C   1 
ATOM   995  O  O   . ARG A 1 149 ? -14.743 0.180   10.863  1.00 24.43  ? 149 ARG A O   1 
ATOM   996  C  CB  . ARG A 1 149 ? -15.356 2.727   9.392   1.00 26.84  ? 149 ARG A CB  1 
ATOM   997  C  CG  . ARG A 1 149 ? -15.731 4.195   9.152   1.00 30.25  ? 149 ARG A CG  1 
ATOM   998  C  CD  . ARG A 1 149 ? -16.350 4.845   10.375  1.00 35.69  ? 149 ARG A CD  1 
ATOM   999  N  NE  . ARG A 1 149 ? -16.878 6.169   10.053  1.00 39.78  ? 149 ARG A NE  1 
ATOM   1000 C  CZ  . ARG A 1 149 ? -16.278 7.320   10.352  1.00 41.64  ? 149 ARG A CZ  1 
ATOM   1001 N  NH1 . ARG A 1 149 ? -15.122 7.332   11.008  1.00 42.45  ? 149 ARG A NH1 1 
ATOM   1002 N  NH2 . ARG A 1 149 ? -16.848 8.468   10.002  1.00 43.01  ? 149 ARG A NH2 1 
ATOM   1003 N  N   . ALA A 1 150 ? -12.685 0.598   10.035  1.00 22.88  ? 150 ALA A N   1 
ATOM   1004 C  CA  . ALA A 1 150 ? -12.338 -0.814  9.964   1.00 21.83  ? 150 ALA A CA  1 
ATOM   1005 C  C   . ALA A 1 150 ? -10.913 -1.133  10.424  1.00 21.07  ? 150 ALA A C   1 
ATOM   1006 O  O   . ALA A 1 150 ? -10.015 -0.296  10.355  1.00 21.17  ? 150 ALA A O   1 
ATOM   1007 C  CB  . ALA A 1 150 ? -12.608 -1.370  8.550   1.00 21.65  ? 150 ALA A CB  1 
ATOM   1008 N  N   . VAL A 1 151 ? -10.737 -2.348  10.925  1.00 20.48  ? 151 VAL A N   1 
ATOM   1009 C  CA  . VAL A 1 151 ? -9.415  -2.873  11.272  1.00 20.19  ? 151 VAL A CA  1 
ATOM   1010 C  C   . VAL A 1 151 ? -9.323  -4.252  10.616  1.00 18.99  ? 151 VAL A C   1 
ATOM   1011 O  O   . VAL A 1 151 ? -10.302 -4.988  10.621  1.00 18.75  ? 151 VAL A O   1 
ATOM   1012 C  CB  . VAL A 1 151 ? -9.217  -2.967  12.816  1.00 20.21  ? 151 VAL A CB  1 
ATOM   1013 C  CG1 . VAL A 1 151 ? -9.161  -1.583  13.434  1.00 22.67  ? 151 VAL A CG1 1 
ATOM   1014 C  CG2 . VAL A 1 151 ? -10.338 -3.758  13.467  1.00 21.55  ? 151 VAL A CG2 1 
ATOM   1015 N  N   . PRO A 1 152 ? -8.170  -4.602  10.016  1.00 18.03  ? 152 PRO A N   1 
ATOM   1016 C  CA  . PRO A 1 152 ? -8.122  -5.921  9.353   1.00 17.25  ? 152 PRO A CA  1 
ATOM   1017 C  C   . PRO A 1 152 ? -8.306  -7.070  10.327  1.00 17.13  ? 152 PRO A C   1 
ATOM   1018 O  O   . PRO A 1 152 ? -7.863  -6.992  11.478  1.00 18.17  ? 152 PRO A O   1 
ATOM   1019 C  CB  . PRO A 1 152 ? -6.710  -5.966  8.763   1.00 17.30  ? 152 PRO A CB  1 
ATOM   1020 C  CG  . PRO A 1 152 ? -6.308  -4.520  8.643   1.00 18.26  ? 152 PRO A CG  1 
ATOM   1021 C  CD  . PRO A 1 152 ? -6.898  -3.876  9.863   1.00 18.30  ? 152 PRO A CD  1 
ATOM   1022 N  N   . ASP A 1 153 ? -8.972  -8.121  9.873   1.00 16.45  ? 153 ASP A N   1 
ATOM   1023 C  CA  . ASP A 1 153 ? -9.029  -9.353  10.634  1.00 16.21  ? 153 ASP A CA  1 
ATOM   1024 C  C   . ASP A 1 153 ? -7.847  -10.205 10.185  1.00 15.09  ? 153 ASP A C   1 
ATOM   1025 O  O   . ASP A 1 153 ? -7.890  -10.839 9.131   1.00 14.45  ? 153 ASP A O   1 
ATOM   1026 C  CB  . ASP A 1 153 ? -10.346 -10.081 10.407  1.00 16.77  ? 153 ASP A CB  1 
ATOM   1027 C  CG  . ASP A 1 153 ? -10.509 -11.280 11.314  1.00 19.41  ? 153 ASP A CG  1 
ATOM   1028 O  OD1 . ASP A 1 153 ? -9.483  -11.780 11.851  1.00 19.87  ? 153 ASP A OD1 1 
ATOM   1029 O  OD2 . ASP A 1 153 ? -11.669 -11.740 11.472  1.00 22.16  ? 153 ASP A OD2 1 
ATOM   1030 N  N   . PHE A 1 154 ? -6.783  -10.189 10.979  1.00 14.99  ? 154 PHE A N   1 
ATOM   1031 C  CA  . PHE A 1 154 ? -5.556  -10.876 10.616  1.00 15.89  ? 154 PHE A CA  1 
ATOM   1032 C  C   . PHE A 1 154 ? -5.645  -12.405 10.748  1.00 16.17  ? 154 PHE A C   1 
ATOM   1033 O  O   . PHE A 1 154 ? -4.719  -13.133 10.364  1.00 16.80  ? 154 PHE A O   1 
ATOM   1034 C  CB  . PHE A 1 154 ? -4.372  -10.283 11.408  1.00 16.23  ? 154 PHE A CB  1 
ATOM   1035 C  CG  . PHE A 1 154 ? -4.081  -8.837  11.065  1.00 16.93  ? 154 PHE A CG  1 
ATOM   1036 C  CD1 . PHE A 1 154 ? -4.298  -7.820  12.000  1.00 18.74  ? 154 PHE A CD1 1 
ATOM   1037 C  CD2 . PHE A 1 154 ? -3.612  -8.495  9.801   1.00 18.10  ? 154 PHE A CD2 1 
ATOM   1038 C  CE1 . PHE A 1 154 ? -4.026  -6.488  11.685  1.00 18.24  ? 154 PHE A CE1 1 
ATOM   1039 C  CE2 . PHE A 1 154 ? -3.352  -7.171  9.466   1.00 17.77  ? 154 PHE A CE2 1 
ATOM   1040 C  CZ  . PHE A 1 154 ? -3.558  -6.162  10.408  1.00 17.35  ? 154 PHE A CZ  1 
ATOM   1041 N  N   . ASN A 1 155 ? -6.773  -12.890 11.259  1.00 16.15  ? 155 ASN A N   1 
ATOM   1042 C  CA  . ASN A 1 155 ? -7.011  -14.331 11.338  1.00 17.20  ? 155 ASN A CA  1 
ATOM   1043 C  C   . ASN A 1 155 ? -7.590  -14.921 10.062  1.00 17.69  ? 155 ASN A C   1 
ATOM   1044 O  O   . ASN A 1 155 ? -7.823  -16.134 9.986   1.00 18.11  ? 155 ASN A O   1 
ATOM   1045 C  CB  . ASN A 1 155 ? -7.913  -14.659 12.526  1.00 17.54  ? 155 ASN A CB  1 
ATOM   1046 C  CG  . ASN A 1 155 ? -7.271  -14.300 13.849  1.00 17.20  ? 155 ASN A CG  1 
ATOM   1047 O  OD1 . ASN A 1 155 ? -6.045  -14.306 13.980  1.00 18.39  ? 155 ASN A OD1 1 
ATOM   1048 N  ND2 . ASN A 1 155 ? -8.092  -13.959 14.828  1.00 17.30  ? 155 ASN A ND2 1 
ATOM   1049 N  N   . THR A 1 156 ? -7.812  -14.059 9.073   1.00 17.50  ? 156 THR A N   1 
ATOM   1050 C  CA  . THR A 1 156 ? -8.396  -14.452 7.794   1.00 18.17  ? 156 THR A CA  1 
ATOM   1051 C  C   . THR A 1 156 ? -7.315  -14.402 6.707   1.00 18.41  ? 156 THR A C   1 
ATOM   1052 O  O   . THR A 1 156 ? -6.431  -13.538 6.736   1.00 17.78  ? 156 THR A O   1 
ATOM   1053 C  CB  . THR A 1 156 ? -9.603  -13.561 7.422   1.00 18.16  ? 156 THR A CB  1 
ATOM   1054 O  OG1 . THR A 1 156 ? -9.171  -12.201 7.240   1.00 18.39  ? 156 THR A OG1 1 
ATOM   1055 C  CG2 . THR A 1 156 ? -10.647 -13.591 8.540   1.00 18.26  ? 156 THR A CG2 1 
ATOM   1056 N  N   . PRO A 1 157 ? -7.354  -15.355 5.766   1.00 18.89  ? 157 PRO A N   1 
ATOM   1057 C  CA  . PRO A 1 157 ? -6.332  -15.411 4.723   1.00 19.00  ? 157 PRO A CA  1 
ATOM   1058 C  C   . PRO A 1 157 ? -6.595  -14.463 3.542   1.00 19.04  ? 157 PRO A C   1 
ATOM   1059 O  O   . PRO A 1 157 ? -7.743  -14.198 3.225   1.00 18.53  ? 157 PRO A O   1 
ATOM   1060 C  CB  . PRO A 1 157 ? -6.400  -16.865 4.254   1.00 19.10  ? 157 PRO A CB  1 
ATOM   1061 C  CG  . PRO A 1 157 ? -7.789  -17.301 4.525   1.00 20.07  ? 157 PRO A CG  1 
ATOM   1062 C  CD  . PRO A 1 157 ? -8.337  -16.449 5.652   1.00 19.54  ? 157 PRO A CD  1 
ATOM   1063 N  N   . PHE A 1 158 ? -5.530  -13.964 2.913   1.00 19.69  ? 158 PHE A N   1 
ATOM   1064 C  CA  . PHE A 1 158 ? -5.682  -13.174 1.684   1.00 19.96  ? 158 PHE A CA  1 
ATOM   1065 C  C   . PHE A 1 158 ? -5.925  -14.079 0.484   1.00 20.41  ? 158 PHE A C   1 
ATOM   1066 O  O   . PHE A 1 158 ? -5.092  -14.949 0.194   1.00 21.37  ? 158 PHE A O   1 
ATOM   1067 C  CB  . PHE A 1 158 ? -4.447  -12.312 1.434   1.00 19.63  ? 158 PHE A CB  1 
ATOM   1068 C  CG  . PHE A 1 158 ? -4.378  -11.106 2.300   1.00 19.28  ? 158 PHE A CG  1 
ATOM   1069 C  CD1 . PHE A 1 158 ? -3.871  -11.192 3.599   1.00 18.46  ? 158 PHE A CD1 1 
ATOM   1070 C  CD2 . PHE A 1 158 ? -4.835  -9.876  1.830   1.00 19.30  ? 158 PHE A CD2 1 
ATOM   1071 C  CE1 . PHE A 1 158 ? -3.805  -10.071 4.413   1.00 18.30  ? 158 PHE A CE1 1 
ATOM   1072 C  CE2 . PHE A 1 158 ? -4.769  -8.741  2.644   1.00 18.16  ? 158 PHE A CE2 1 
ATOM   1073 C  CZ  . PHE A 1 158 ? -4.252  -8.835  3.931   1.00 18.41  ? 158 PHE A CZ  1 
ATOM   1074 N  N   . PRO A 1 159 ? -7.061  -13.885 -0.216  1.00 20.47  ? 159 PRO A N   1 
ATOM   1075 C  CA  . PRO A 1 159 ? -7.318  -14.700 -1.394  1.00 20.64  ? 159 PRO A CA  1 
ATOM   1076 C  C   . PRO A 1 159 ? -6.417  -14.252 -2.546  1.00 20.68  ? 159 PRO A C   1 
ATOM   1077 O  O   . PRO A 1 159 ? -5.901  -13.124 -2.512  1.00 19.78  ? 159 PRO A O   1 
ATOM   1078 C  CB  . PRO A 1 159 ? -8.785  -14.401 -1.704  1.00 21.02  ? 159 PRO A CB  1 
ATOM   1079 C  CG  . PRO A 1 159 ? -9.003  -13.032 -1.203  1.00 20.69  ? 159 PRO A CG  1 
ATOM   1080 C  CD  . PRO A 1 159 ? -8.146  -12.913 0.025   1.00 20.23  ? 159 PRO A CD  1 
ATOM   1081 N  N   . PRO A 1 160 ? -6.194  -15.133 -3.543  1.00 20.96  ? 160 PRO A N   1 
ATOM   1082 C  CA  . PRO A 1 160 ? -5.453  -14.714 -4.732  1.00 21.18  ? 160 PRO A CA  1 
ATOM   1083 C  C   . PRO A 1 160 ? -6.029  -13.422 -5.309  1.00 20.73  ? 160 PRO A C   1 
ATOM   1084 O  O   . PRO A 1 160 ? -7.246  -13.305 -5.432  1.00 20.97  ? 160 PRO A O   1 
ATOM   1085 C  CB  . PRO A 1 160 ? -5.679  -15.873 -5.714  1.00 21.16  ? 160 PRO A CB  1 
ATOM   1086 C  CG  . PRO A 1 160 ? -5.874  -17.065 -4.840  1.00 22.21  ? 160 PRO A CG  1 
ATOM   1087 C  CD  . PRO A 1 160 ? -6.607  -16.547 -3.621  1.00 21.36  ? 160 PRO A CD  1 
ATOM   1088 N  N   . PRO A 1 161 ? -5.161  -12.441 -5.624  1.00 20.18  ? 161 PRO A N   1 
ATOM   1089 C  CA  . PRO A 1 161 ? -5.593  -11.163 -6.177  1.00 20.27  ? 161 PRO A CA  1 
ATOM   1090 C  C   . PRO A 1 161 ? -5.819  -11.222 -7.690  1.00 20.51  ? 161 PRO A C   1 
ATOM   1091 O  O   . PRO A 1 161 ? -5.170  -10.495 -8.452  1.00 20.02  ? 161 PRO A O   1 
ATOM   1092 C  CB  . PRO A 1 161 ? -4.424  -10.231 -5.838  1.00 20.10  ? 161 PRO A CB  1 
ATOM   1093 C  CG  . PRO A 1 161 ? -3.237  -11.109 -5.884  1.00 19.72  ? 161 PRO A CG  1 
ATOM   1094 C  CD  . PRO A 1 161 ? -3.701  -12.481 -5.423  1.00 20.53  ? 161 PRO A CD  1 
ATOM   1095 N  N   . THR A 1 162 ? -6.768  -12.056 -8.107  1.00 20.78  ? 162 THR A N   1 
ATOM   1096 C  CA  . THR A 1 162 ? -6.943  -12.377 -9.536  1.00 20.87  ? 162 THR A CA  1 
ATOM   1097 C  C   . THR A 1 162 ? -7.329  -11.177 -10.409 1.00 20.01  ? 162 THR A C   1 
ATOM   1098 O  O   . THR A 1 162 ? -6.811  -11.017 -11.515 1.00 19.42  ? 162 THR A O   1 
ATOM   1099 C  CB  . THR A 1 162 ? -7.953  -13.521 -9.744  1.00 21.62  ? 162 THR A CB  1 
ATOM   1100 O  OG1 . THR A 1 162 ? -9.226  -13.127 -9.233  1.00 24.02  ? 162 THR A OG1 1 
ATOM   1101 C  CG2 . THR A 1 162 ? -7.494  -14.798 -9.018  1.00 22.92  ? 162 THR A CG2 1 
ATOM   1102 N  N   . GLU A 1 163 ? -8.235  -10.333 -9.917  1.00 18.97  ? 163 GLU A N   1 
ATOM   1103 C  CA  . GLU A 1 163 ? -8.659  -9.182  -10.703 1.00 18.74  ? 163 GLU A CA  1 
ATOM   1104 C  C   . GLU A 1 163 ? -7.472  -8.257  -10.931 1.00 18.08  ? 163 GLU A C   1 
ATOM   1105 O  O   . GLU A 1 163 ? -7.313  -7.689  -12.006 1.00 18.03  ? 163 GLU A O   1 
ATOM   1106 C  CB  . GLU A 1 163 ? -9.806  -8.417  -10.041 1.00 19.21  ? 163 GLU A CB  1 
ATOM   1107 C  CG  . GLU A 1 163 ? -10.385 -7.338  -10.962 1.00 18.49  ? 163 GLU A CG  1 
ATOM   1108 C  CD  . GLU A 1 163 ? -11.441 -6.447  -10.327 1.00 19.25  ? 163 GLU A CD  1 
ATOM   1109 O  OE1 . GLU A 1 163 ? -12.044 -6.819  -9.301  1.00 21.19  ? 163 GLU A OE1 1 
ATOM   1110 O  OE2 . GLU A 1 163 ? -11.672 -5.357  -10.880 1.00 19.07  ? 163 GLU A OE2 1 
ATOM   1111 N  N   . TYR A 1 164 ? -6.632  -8.114  -9.911  1.00 17.32  ? 164 TYR A N   1 
ATOM   1112 C  CA  . TYR A 1 164 ? -5.533  -7.160  -9.993  1.00 16.75  ? 164 TYR A CA  1 
ATOM   1113 C  C   . TYR A 1 164 ? -4.386  -7.719  -10.834 1.00 16.18  ? 164 TYR A C   1 
ATOM   1114 O  O   . TYR A 1 164 ? -3.740  -6.982  -11.580 1.00 15.90  ? 164 TYR A O   1 
ATOM   1115 C  CB  . TYR A 1 164 ? -5.066  -6.739  -8.591  1.00 17.20  ? 164 TYR A CB  1 
ATOM   1116 C  CG  . TYR A 1 164 ? -6.196  -6.277  -7.680  1.00 16.63  ? 164 TYR A CG  1 
ATOM   1117 C  CD1 . TYR A 1 164 ? -7.335  -5.616  -8.192  1.00 17.20  ? 164 TYR A CD1 1 
ATOM   1118 C  CD2 . TYR A 1 164 ? -6.143  -6.511  -6.317  1.00 16.14  ? 164 TYR A CD2 1 
ATOM   1119 C  CE1 . TYR A 1 164 ? -8.371  -5.202  -7.350  1.00 18.11  ? 164 TYR A CE1 1 
ATOM   1120 C  CE2 . TYR A 1 164 ? -7.174  -6.097  -5.467  1.00 17.48  ? 164 TYR A CE2 1 
ATOM   1121 C  CZ  . TYR A 1 164 ? -8.282  -5.455  -5.988  1.00 17.95  ? 164 TYR A CZ  1 
ATOM   1122 O  OH  . TYR A 1 164 ? -9.284  -5.067  -5.131  1.00 18.08  ? 164 TYR A OH  1 
ATOM   1123 N  N   . LEU A 1 165 ? -4.155  -9.022  -10.719 1.00 16.26  ? 165 LEU A N   1 
ATOM   1124 C  CA  . LEU A 1 165 ? -3.232  -9.724  -11.626 1.00 16.82  ? 165 LEU A CA  1 
ATOM   1125 C  C   . LEU A 1 165 ? -3.638  -9.501  -13.085 1.00 17.27  ? 165 LEU A C   1 
ATOM   1126 O  O   . LEU A 1 165 ? -2.803  -9.154  -13.923 1.00 17.00  ? 165 LEU A O   1 
ATOM   1127 C  CB  . LEU A 1 165 ? -3.190  -11.216 -11.318 1.00 17.29  ? 165 LEU A CB  1 
ATOM   1128 C  CG  . LEU A 1 165 ? -2.368  -11.678 -10.109 1.00 18.60  ? 165 LEU A CG  1 
ATOM   1129 C  CD1 . LEU A 1 165 ? -2.776  -13.084 -9.691  1.00 20.21  ? 165 LEU A CD1 1 
ATOM   1130 C  CD2 . LEU A 1 165 ? -0.878  -11.620 -10.437 1.00 20.67  ? 165 LEU A CD2 1 
ATOM   1131 N  N   . ARG A 1 166 ? -4.926  -9.672  -13.375 1.00 17.75  ? 166 ARG A N   1 
ATOM   1132 C  CA  . ARG A 1 166 ? -5.444  -9.486  -14.736 1.00 18.75  ? 166 ARG A CA  1 
ATOM   1133 C  C   . ARG A 1 166 ? -5.290  -8.054  -15.286 1.00 18.24  ? 166 ARG A C   1 
ATOM   1134 O  O   . ARG A 1 166 ? -5.266  -7.853  -16.499 1.00 18.66  ? 166 ARG A O   1 
ATOM   1135 C  CB  . ARG A 1 166 ? -6.898  -9.981  -14.847 1.00 19.46  ? 166 ARG A CB  1 
ATOM   1136 C  CG  . ARG A 1 166 ? -7.009  -11.512 -14.826 1.00 23.40  ? 166 ARG A CG  1 
ATOM   1137 C  CD  . ARG A 1 166 ? -8.324  -12.010 -15.419 1.00 29.91  ? 166 ARG A CD  1 
ATOM   1138 N  NE  . ARG A 1 166 ? -9.461  -11.727 -14.546 1.00 34.51  ? 166 ARG A NE  1 
ATOM   1139 C  CZ  . ARG A 1 166 ? -9.902  -12.540 -13.589 1.00 37.44  ? 166 ARG A CZ  1 
ATOM   1140 N  NH1 . ARG A 1 166 ? -9.311  -13.714 -13.369 1.00 38.19  ? 166 ARG A NH1 1 
ATOM   1141 N  NH2 . ARG A 1 166 ? -10.940 -12.178 -12.846 1.00 39.28  ? 166 ARG A NH2 1 
ATOM   1142 N  N   . GLN A 1 167 ? -5.166  -7.065  -14.403 1.00 17.83  ? 167 GLN A N   1 
ATOM   1143 C  CA  . GLN A 1 167 ? -4.984  -5.660  -14.825 1.00 17.46  ? 167 GLN A CA  1 
ATOM   1144 C  C   . GLN A 1 167 ? -3.585  -5.370  -15.387 1.00 17.36  ? 167 GLN A C   1 
ATOM   1145 O  O   . GLN A 1 167 ? -3.365  -4.324  -16.026 1.00 17.97  ? 167 GLN A O   1 
ATOM   1146 C  CB  . GLN A 1 167 ? -5.334  -4.697  -13.679 1.00 17.11  ? 167 GLN A CB  1 
ATOM   1147 C  CG  . GLN A 1 167 ? -6.835  -4.643  -13.350 1.00 16.93  ? 167 GLN A CG  1 
ATOM   1148 C  CD  . GLN A 1 167 ? -7.140  -3.962  -12.024 1.00 17.57  ? 167 GLN A CD  1 
ATOM   1149 O  OE1 . GLN A 1 167 ? -6.245  -3.758  -11.188 1.00 17.55  ? 167 GLN A OE1 1 
ATOM   1150 N  NE2 . GLN A 1 167 ? -8.418  -3.607  -11.820 1.00 17.91  ? 167 GLN A NE2 1 
ATOM   1151 N  N   . GLY A 1 168 ? -2.651  -6.285  -15.131 1.00 16.95  ? 168 GLY A N   1 
ATOM   1152 C  CA  . GLY A 1 168 ? -1.331  -6.278  -15.769 1.00 16.21  ? 168 GLY A CA  1 
ATOM   1153 C  C   . GLY A 1 168 ? -0.188  -5.591  -15.045 1.00 15.98  ? 168 GLY A C   1 
ATOM   1154 O  O   . GLY A 1 168 ? 0.919   -5.511  -15.586 1.00 16.00  ? 168 GLY A O   1 
ATOM   1155 N  N   . TRP A 1 169 ? -0.427  -5.102  -13.827 1.00 14.60  ? 169 TRP A N   1 
ATOM   1156 C  CA  . TRP A 1 169 ? 0.645   -4.487  -13.018 1.00 14.20  ? 169 TRP A CA  1 
ATOM   1157 C  C   . TRP A 1 169 ? 1.814   -5.441  -12.788 1.00 13.72  ? 169 TRP A C   1 
ATOM   1158 O  O   . TRP A 1 169 ? 1.628   -6.654  -12.710 1.00 13.12  ? 169 TRP A O   1 
ATOM   1159 C  CB  . TRP A 1 169 ? 0.120   -4.051  -11.634 1.00 14.40  ? 169 TRP A CB  1 
ATOM   1160 C  CG  . TRP A 1 169 ? -1.231  -3.442  -11.651 1.00 14.79  ? 169 TRP A CG  1 
ATOM   1161 C  CD1 . TRP A 1 169 ? -2.375  -3.951  -11.081 1.00 15.64  ? 169 TRP A CD1 1 
ATOM   1162 C  CD2 . TRP A 1 169 ? -1.610  -2.215  -12.282 1.00 14.51  ? 169 TRP A CD2 1 
ATOM   1163 N  NE1 . TRP A 1 169 ? -3.432  -3.095  -11.305 1.00 15.17  ? 169 TRP A NE1 1 
ATOM   1164 C  CE2 . TRP A 1 169 ? -2.995  -2.033  -12.051 1.00 14.77  ? 169 TRP A CE2 1 
ATOM   1165 C  CE3 . TRP A 1 169 ? -0.917  -1.249  -13.028 1.00 15.44  ? 169 TRP A CE3 1 
ATOM   1166 C  CZ2 . TRP A 1 169 ? -3.691  -0.925  -12.527 1.00 14.54  ? 169 TRP A CZ2 1 
ATOM   1167 C  CZ3 . TRP A 1 169 ? -1.612  -0.155  -13.501 1.00 15.10  ? 169 TRP A CZ3 1 
ATOM   1168 C  CH2 . TRP A 1 169 ? -2.988  -0.002  -13.249 1.00 15.85  ? 169 TRP A CH2 1 
ATOM   1169 N  N   . ARG A 1 170 ? 3.020   -4.889  -12.632 1.00 13.14  ? 170 ARG A N   1 
ATOM   1170 C  CA  . ARG A 1 170 ? 4.180   -5.720  -12.315 1.00 12.82  ? 170 ARG A CA  1 
ATOM   1171 C  C   . ARG A 1 170 ? 4.103   -6.308  -10.899 1.00 12.81  ? 170 ARG A C   1 
ATOM   1172 O  O   . ARG A 1 170 ? 4.516   -7.446  -10.654 1.00 12.96  ? 170 ARG A O   1 
ATOM   1173 C  CB  . ARG A 1 170 ? 5.471   -4.922  -12.459 1.00 12.62  ? 170 ARG A CB  1 
ATOM   1174 C  CG  . ARG A 1 170 ? 6.697   -5.824  -12.303 1.00 13.50  ? 170 ARG A CG  1 
ATOM   1175 C  CD  . ARG A 1 170 ? 7.948   -5.164  -12.799 1.00 15.18  ? 170 ARG A CD  1 
ATOM   1176 N  NE  . ARG A 1 170 ? 8.354   -4.034  -11.967 1.00 16.76  ? 170 ARG A NE  1 
ATOM   1177 C  CZ  . ARG A 1 170 ? 9.399   -3.269  -12.255 1.00 18.53  ? 170 ARG A CZ  1 
ATOM   1178 N  NH1 . ARG A 1 170 ? 10.112  -3.522  -13.351 1.00 19.35  ? 170 ARG A NH1 1 
ATOM   1179 N  NH2 . ARG A 1 170 ? 9.725   -2.252  -11.469 1.00 19.69  ? 170 ARG A NH2 1 
ATOM   1180 N  N   . SER A 1 171 ? 3.571   -5.513  -9.978  1.00 12.18  ? 171 SER A N   1 
ATOM   1181 C  CA  . SER A 1 171 ? 3.429   -5.913  -8.581  1.00 11.80  ? 171 SER A CA  1 
ATOM   1182 C  C   . SER A 1 171 ? 2.366   -5.044  -7.917  1.00 11.65  ? 171 SER A C   1 
ATOM   1183 O  O   . SER A 1 171 ? 1.991   -3.989  -8.437  1.00 11.38  ? 171 SER A O   1 
ATOM   1184 C  CB  . SER A 1 171 ? 4.773   -5.793  -7.836  1.00 11.89  ? 171 SER A CB  1 
ATOM   1185 O  OG  . SER A 1 171 ? 5.131   -4.434  -7.604  1.00 13.27  ? 171 SER A OG  1 
ATOM   1186 N  N   . LEU A 1 172 ? 1.864   -5.518  -6.780  1.00 11.72  ? 172 LEU A N   1 
ATOM   1187 C  CA  . LEU A 1 172 ? 0.884   -4.764  -6.008  1.00 11.51  ? 172 LEU A CA  1 
ATOM   1188 C  C   . LEU A 1 172 ? 1.171   -5.066  -4.561  1.00 11.49  ? 172 LEU A C   1 
ATOM   1189 O  O   . LEU A 1 172 ? 1.279   -6.230  -4.179  1.00 11.10  ? 172 LEU A O   1 
ATOM   1190 C  CB  . LEU A 1 172 ? -0.539  -5.190  -6.358  1.00 11.63  ? 172 LEU A CB  1 
ATOM   1191 C  CG  . LEU A 1 172 ? -1.688  -4.612  -5.509  1.00 11.08  ? 172 LEU A CG  1 
ATOM   1192 C  CD1 . LEU A 1 172 ? -1.748  -3.079  -5.582  1.00 10.28  ? 172 LEU A CD1 1 
ATOM   1193 C  CD2 . LEU A 1 172 ? -3.004  -5.212  -5.945  1.00 12.40  ? 172 LEU A CD2 1 
ATOM   1194 N  N   . SER A 1 173 ? 1.285   -4.002  -3.779  1.00 11.77  ? 173 SER A N   1 
ATOM   1195 C  CA  . SER A 1 173 ? 1.558   -4.094  -2.354  1.00 12.02  ? 173 SER A CA  1 
ATOM   1196 C  C   . SER A 1 173 ? 0.641   -3.143  -1.605  1.00 12.44  ? 173 SER A C   1 
ATOM   1197 O  O   . SER A 1 173 ? 0.151   -2.164  -2.178  1.00 12.18  ? 173 SER A O   1 
ATOM   1198 C  CB  . SER A 1 173 ? 3.016   -3.747  -2.060  1.00 12.46  ? 173 SER A CB  1 
ATOM   1199 O  OG  . SER A 1 173 ? 3.907   -4.564  -2.801  1.00 12.94  ? 173 SER A OG  1 
HETATM 1200 N  N   . MSE A 1 174 ? 0.414   -3.445  -0.324  1.00 12.83  ? 174 MSE A N   1 
HETATM 1201 C  CA  . MSE A 1 174 ? -0.342  -2.575  0.577   1.00 14.06  ? 174 MSE A CA  1 
HETATM 1202 C  C   . MSE A 1 174 ? 0.476   -2.254  1.821   1.00 13.12  ? 174 MSE A C   1 
HETATM 1203 O  O   . MSE A 1 174 ? 1.248   -3.080  2.317   1.00 12.08  ? 174 MSE A O   1 
HETATM 1204 C  CB  . MSE A 1 174 ? -1.631  -3.249  1.057   1.00 14.00  ? 174 MSE A CB  1 
HETATM 1205 C  CG  . MSE A 1 174 ? -2.654  -3.629  0.007   1.00 17.48  ? 174 MSE A CG  1 
HETATM 1206 SE SE  . MSE A 1 174 ? -4.038  -4.531  0.833   1.00 18.35  ? 174 MSE A SE  1 
HETATM 1207 C  CE  . MSE A 1 174 ? -3.226  -5.940  1.487   1.00 23.55  ? 174 MSE A CE  1 
ATOM   1208 N  N   . VAL A 1 175 ? 0.283   -1.053  2.333   1.00 12.58  ? 175 VAL A N   1 
ATOM   1209 C  CA  . VAL A 1 175 ? 0.852   -0.680  3.626   1.00 12.82  ? 175 VAL A CA  1 
ATOM   1210 C  C   . VAL A 1 175 ? -0.148  0.216   4.345   1.00 13.25  ? 175 VAL A C   1 
ATOM   1211 O  O   . VAL A 1 175 ? -0.861  0.989   3.722   1.00 13.30  ? 175 VAL A O   1 
ATOM   1212 C  CB  . VAL A 1 175 ? 2.240   0.008   3.482   1.00 13.03  ? 175 VAL A CB  1 
ATOM   1213 C  CG1 . VAL A 1 175 ? 2.139   1.345   2.727   1.00 12.68  ? 175 VAL A CG1 1 
ATOM   1214 C  CG2 . VAL A 1 175 ? 2.901   0.219   4.868   1.00 13.56  ? 175 VAL A CG2 1 
ATOM   1215 N  N   . GLY A 1 176 ? -0.213  0.085   5.664   1.00 13.67  ? 176 GLY A N   1 
ATOM   1216 C  CA  . GLY A 1 176 ? -1.021  0.984   6.476   1.00 13.96  ? 176 GLY A CA  1 
ATOM   1217 C  C   . GLY A 1 176 ? -0.433  1.026   7.868   1.00 14.19  ? 176 GLY A C   1 
ATOM   1218 O  O   . GLY A 1 176 ? 0.591   0.408   8.125   1.00 14.25  ? 176 GLY A O   1 
ATOM   1219 N  N   . PRO A 1 177 ? -1.080  1.758   8.784   1.00 14.95  ? 177 PRO A N   1 
ATOM   1220 C  CA  . PRO A 1 177 ? -0.526  1.825   10.132  1.00 15.40  ? 177 PRO A CA  1 
ATOM   1221 C  C   . PRO A 1 177 ? -0.422  0.452   10.810  1.00 15.83  ? 177 PRO A C   1 
ATOM   1222 O  O   . PRO A 1 177 ? 0.457   0.250   11.656  1.00 17.34  ? 177 PRO A O   1 
ATOM   1223 C  CB  . PRO A 1 177 ? -1.499  2.761   10.868  1.00 15.68  ? 177 PRO A CB  1 
ATOM   1224 C  CG  . PRO A 1 177 ? -2.162  3.574   9.749   1.00 15.94  ? 177 PRO A CG  1 
ATOM   1225 C  CD  . PRO A 1 177 ? -2.288  2.583   8.622   1.00 15.42  ? 177 PRO A CD  1 
ATOM   1226 N  N   . THR A 1 178 ? -1.270  -0.499  10.425  1.00 15.14  ? 178 THR A N   1 
ATOM   1227 C  CA  . THR A 1 178 ? -1.287  -1.797  11.120  1.00 15.89  ? 178 THR A CA  1 
ATOM   1228 C  C   . THR A 1 178 ? -0.509  -2.926  10.445  1.00 15.13  ? 178 THR A C   1 
ATOM   1229 O  O   . THR A 1 178 ? -0.229  -3.935  11.085  1.00 15.60  ? 178 THR A O   1 
ATOM   1230 C  CB  . THR A 1 178 ? -2.717  -2.308  11.367  1.00 15.67  ? 178 THR A CB  1 
ATOM   1231 O  OG1 . THR A 1 178 ? -3.379  -2.496  10.109  1.00 18.50  ? 178 THR A OG1 1 
ATOM   1232 C  CG2 . THR A 1 178 ? -3.508  -1.297  12.209  1.00 17.58  ? 178 THR A CG2 1 
ATOM   1233 N  N   . PHE A 1 179 ? -0.177  -2.778  9.163   1.00 14.46  ? 179 PHE A N   1 
ATOM   1234 C  CA  . PHE A 1 179 ? 0.411   -3.911  8.434   1.00 13.85  ? 179 PHE A CA  1 
ATOM   1235 C  C   . PHE A 1 179 ? 0.998   -3.505  7.092   1.00 13.00  ? 179 PHE A C   1 
ATOM   1236 O  O   . PHE A 1 179 ? 0.748   -2.408  6.607   1.00 12.21  ? 179 PHE A O   1 
ATOM   1237 C  CB  . PHE A 1 179 ? -0.642  -5.005  8.209   1.00 15.12  ? 179 PHE A CB  1 
ATOM   1238 C  CG  . PHE A 1 179 ? -1.524  -4.759  7.013   1.00 17.31  ? 179 PHE A CG  1 
ATOM   1239 C  CD1 . PHE A 1 179 ? -1.310  -5.463  5.828   1.00 19.83  ? 179 PHE A CD1 1 
ATOM   1240 C  CD2 . PHE A 1 179 ? -2.536  -3.809  7.062   1.00 19.55  ? 179 PHE A CD2 1 
ATOM   1241 C  CE1 . PHE A 1 179 ? -2.110  -5.238  4.711   1.00 21.88  ? 179 PHE A CE1 1 
ATOM   1242 C  CE2 . PHE A 1 179 ? -3.354  -3.571  5.939   1.00 22.24  ? 179 PHE A CE2 1 
ATOM   1243 C  CZ  . PHE A 1 179 ? -3.133  -4.286  4.765   1.00 21.64  ? 179 PHE A CZ  1 
ATOM   1244 N  N   . ALA A 1 180 ? 1.782   -4.411  6.510   1.00 12.29  ? 180 ALA A N   1 
ATOM   1245 C  CA  . ALA A 1 180 ? 2.214   -4.305  5.113   1.00 11.15  ? 180 ALA A CA  1 
ATOM   1246 C  C   . ALA A 1 180 ? 2.179   -5.696  4.493   1.00 11.62  ? 180 ALA A C   1 
ATOM   1247 O  O   . ALA A 1 180 ? 2.369   -6.710  5.180   1.00 11.50  ? 180 ALA A O   1 
ATOM   1248 C  CB  . ALA A 1 180 ? 3.598   -3.715  5.027   1.00 11.57  ? 180 ALA A CB  1 
ATOM   1249 N  N   . ARG A 1 181 ? 1.896   -5.752  3.197   1.00 11.33  ? 181 ARG A N   1 
ATOM   1250 C  CA  . ARG A 1 181 ? 1.904   -7.019  2.489   1.00 11.72  ? 181 ARG A CA  1 
ATOM   1251 C  C   . ARG A 1 181 ? 2.168   -6.784  1.010   1.00 11.59  ? 181 ARG A C   1 
ATOM   1252 O  O   . ARG A 1 181 ? 1.577   -5.889  0.402   1.00 11.94  ? 181 ARG A O   1 
ATOM   1253 C  CB  . ARG A 1 181 ? 0.564   -7.745  2.662   1.00 12.11  ? 181 ARG A CB  1 
ATOM   1254 C  CG  . ARG A 1 181 ? 0.488   -9.077  1.915   1.00 12.23  ? 181 ARG A CG  1 
ATOM   1255 C  CD  . ARG A 1 181 ? -0.879  -9.741  2.112   1.00 13.64  ? 181 ARG A CD  1 
ATOM   1256 N  NE  . ARG A 1 181 ? -0.991  -10.965 1.321   1.00 17.47  ? 181 ARG A NE  1 
ATOM   1257 C  CZ  . ARG A 1 181 ? -0.661  -12.182 1.758   1.00 17.95  ? 181 ARG A CZ  1 
ATOM   1258 N  NH1 . ARG A 1 181 ? -0.230  -12.368 3.002   1.00 18.37  ? 181 ARG A NH1 1 
ATOM   1259 N  NH2 . ARG A 1 181 ? -0.782  -13.227 0.950   1.00 17.37  ? 181 ARG A NH2 1 
ATOM   1260 N  N   . VAL A 1 182 ? 3.059   -7.590  0.448   1.00 11.44  ? 182 VAL A N   1 
ATOM   1261 C  CA  . VAL A 1 182 ? 3.206   -7.663  -1.007  1.00 12.18  ? 182 VAL A CA  1 
ATOM   1262 C  C   . VAL A 1 182 ? 2.161   -8.679  -1.491  1.00 12.23  ? 182 VAL A C   1 
ATOM   1263 O  O   . VAL A 1 182 ? 2.229   -9.868  -1.134  1.00 13.24  ? 182 VAL A O   1 
ATOM   1264 C  CB  . VAL A 1 182 ? 4.642   -8.113  -1.403  1.00 11.52  ? 182 VAL A CB  1 
ATOM   1265 C  CG1 . VAL A 1 182 ? 4.764   -8.254  -2.927  1.00 13.09  ? 182 VAL A CG1 1 
ATOM   1266 C  CG2 . VAL A 1 182 ? 5.683   -7.124  -0.861  1.00 14.26  ? 182 VAL A CG2 1 
ATOM   1267 N  N   . LEU A 1 183 ? 1.176   -8.212  -2.265  1.00 12.67  ? 183 LEU A N   1 
ATOM   1268 C  CA  . LEU A 1 183 ? 0.095   -9.093  -2.744  1.00 13.08  ? 183 LEU A CA  1 
ATOM   1269 C  C   . LEU A 1 183 ? 0.546   -9.996  -3.877  1.00 13.69  ? 183 LEU A C   1 
ATOM   1270 O  O   . LEU A 1 183 ? 0.214   -11.182 -3.893  1.00 13.45  ? 183 LEU A O   1 
ATOM   1271 C  CB  . LEU A 1 183 ? -1.150  -8.307  -3.172  1.00 13.41  ? 183 LEU A CB  1 
ATOM   1272 C  CG  . LEU A 1 183 ? -1.839  -7.461  -2.097  1.00 14.84  ? 183 LEU A CG  1 
ATOM   1273 C  CD1 . LEU A 1 183 ? -3.176  -6.946  -2.607  1.00 15.37  ? 183 LEU A CD1 1 
ATOM   1274 C  CD2 . LEU A 1 183 ? -2.047  -8.270  -0.813  1.00 18.26  ? 183 LEU A CD2 1 
ATOM   1275 N  N   . PHE A 1 184 ? 1.281   -9.426  -4.830  1.00 13.23  ? 184 PHE A N   1 
ATOM   1276 C  CA  . PHE A 1 184 ? 1.909   -10.205 -5.891  1.00 13.81  ? 184 PHE A CA  1 
ATOM   1277 C  C   . PHE A 1 184 ? 3.069   -9.433  -6.485  1.00 13.84  ? 184 PHE A C   1 
ATOM   1278 O  O   . PHE A 1 184 ? 3.133   -8.212  -6.379  1.00 13.52  ? 184 PHE A O   1 
ATOM   1279 C  CB  . PHE A 1 184 ? 0.899   -10.633 -6.982  1.00 13.68  ? 184 PHE A CB  1 
ATOM   1280 C  CG  . PHE A 1 184 ? 0.416   -9.509  -7.885  1.00 13.95  ? 184 PHE A CG  1 
ATOM   1281 C  CD1 . PHE A 1 184 ? 1.167   -9.102  -8.992  1.00 14.26  ? 184 PHE A CD1 1 
ATOM   1282 C  CD2 . PHE A 1 184 ? -0.826  -8.913  -7.667  1.00 13.17  ? 184 PHE A CD2 1 
ATOM   1283 C  CE1 . PHE A 1 184 ? 0.708   -8.089  -9.839  1.00 13.97  ? 184 PHE A CE1 1 
ATOM   1284 C  CE2 . PHE A 1 184 ? -1.304  -7.911  -8.512  1.00 14.45  ? 184 PHE A CE2 1 
ATOM   1285 C  CZ  . PHE A 1 184 ? -0.538  -7.494  -9.601  1.00 13.43  ? 184 PHE A CZ  1 
ATOM   1286 N  N   . ALA A 1 185 ? 4.000   -10.156 -7.105  1.00 14.53  ? 185 ALA A N   1 
ATOM   1287 C  CA  . ALA A 1 185 ? 5.112   -9.511  -7.787  1.00 15.41  ? 185 ALA A CA  1 
ATOM   1288 C  C   . ALA A 1 185 ? 5.632   -10.455 -8.852  1.00 16.40  ? 185 ALA A C   1 
ATOM   1289 O  O   . ALA A 1 185 ? 5.972   -11.607 -8.550  1.00 16.61  ? 185 ALA A O   1 
ATOM   1290 C  CB  . ALA A 1 185 ? 6.206   -9.151  -6.811  1.00 15.25  ? 185 ALA A CB  1 
ATOM   1291 N  N   . HIS A 1 186 ? 5.638   -9.982  -10.097 1.00 17.41  ? 186 HIS A N   1 
ATOM   1292 C  CA  . HIS A 1 186 ? 6.103   -10.791 -11.220 1.00 19.24  ? 186 HIS A CA  1 
ATOM   1293 C  C   . HIS A 1 186 ? 7.619   -10.954 -11.199 1.00 20.01  ? 186 HIS A C   1 
ATOM   1294 O  O   . HIS A 1 186 ? 8.328   -10.210 -10.527 1.00 19.76  ? 186 HIS A O   1 
ATOM   1295 C  CB  . HIS A 1 186 ? 5.666   -10.187 -12.552 1.00 19.50  ? 186 HIS A CB  1 
ATOM   1296 C  CG  . HIS A 1 186 ? 4.225   -10.410 -12.875 1.00 21.39  ? 186 HIS A CG  1 
ATOM   1297 N  ND1 . HIS A 1 186 ? 3.761   -11.576 -13.454 1.00 23.46  ? 186 HIS A ND1 1 
ATOM   1298 C  CD2 . HIS A 1 186 ? 3.146   -9.607  -12.726 1.00 21.48  ? 186 HIS A CD2 1 
ATOM   1299 C  CE1 . HIS A 1 186 ? 2.456   -11.480 -13.639 1.00 24.01  ? 186 HIS A CE1 1 
ATOM   1300 N  NE2 . HIS A 1 186 ? 2.059   -10.297 -13.203 1.00 22.88  ? 186 HIS A NE2 1 
ATOM   1301 N  N   . SER A 1 187 ? 8.112   -11.922 -11.968 1.00 21.71  ? 187 SER A N   1 
ATOM   1302 C  CA  . SER A 1 187 ? 9.541   -12.242 -11.992 1.00 23.41  ? 187 SER A CA  1 
ATOM   1303 C  C   . SER A 1 187 ? 10.458  -11.039 -12.237 1.00 23.43  ? 187 SER A C   1 
ATOM   1304 O  O   . SER A 1 187 ? 11.584  -11.000 -11.726 1.00 24.77  ? 187 SER A O   1 
ATOM   1305 C  CB  . SER A 1 187 ? 9.813   -13.354 -13.015 1.00 23.49  ? 187 SER A CB  1 
ATOM   1306 O  OG  . SER A 1 187 ? 9.552   -12.897 -14.333 1.00 26.28  ? 187 SER A OG  1 
ATOM   1307 N  N   . GLY A 1 188 ? 9.975   -10.062 -13.002 1.00 23.73  ? 188 GLY A N   1 
ATOM   1308 C  CA  . GLY A 1 188 ? 10.726  -8.836  -13.294 1.00 23.62  ? 188 GLY A CA  1 
ATOM   1309 C  C   . GLY A 1 188 ? 10.748  -7.776  -12.204 1.00 22.96  ? 188 GLY A C   1 
ATOM   1310 O  O   . GLY A 1 188 ? 11.507  -6.809  -12.289 1.00 22.84  ? 188 GLY A O   1 
ATOM   1311 N  N   . ALA A 1 189 ? 9.920   -7.955  -11.176 1.00 22.52  ? 189 ALA A N   1 
ATOM   1312 C  CA  . ALA A 1 189 ? 9.838   -7.013  -10.060 1.00 22.19  ? 189 ALA A CA  1 
ATOM   1313 C  C   . ALA A 1 189 ? 11.127  -7.033  -9.242  1.00 22.31  ? 189 ALA A C   1 
ATOM   1314 O  O   . ALA A 1 189 ? 11.809  -8.062  -9.198  1.00 22.20  ? 189 ALA A O   1 
ATOM   1315 C  CB  . ALA A 1 189 ? 8.633   -7.339  -9.175  1.00 21.80  ? 189 ALA A CB  1 
ATOM   1316 N  N   . PRO A 1 190 ? 11.485  -5.890  -8.627  1.00 22.72  ? 190 PRO A N   1 
ATOM   1317 C  CA  . PRO A 1 190 ? 12.620  -5.840  -7.708  1.00 22.63  ? 190 PRO A CA  1 
ATOM   1318 C  C   . PRO A 1 190 ? 12.646  -7.013  -6.742  1.00 22.35  ? 190 PRO A C   1 
ATOM   1319 O  O   . PRO A 1 190 ? 11.600  -7.460  -6.263  1.00 21.80  ? 190 PRO A O   1 
ATOM   1320 C  CB  . PRO A 1 190 ? 12.369  -4.546  -6.940  1.00 23.20  ? 190 PRO A CB  1 
ATOM   1321 C  CG  . PRO A 1 190 ? 11.740  -3.660  -7.944  1.00 23.17  ? 190 PRO A CG  1 
ATOM   1322 C  CD  . PRO A 1 190 ? 10.865  -4.557  -8.787  1.00 22.96  ? 190 PRO A CD  1 
ATOM   1323 N  N   . GLU A 1 191 ? 13.843  -7.507  -6.449  1.00 22.22  ? 191 GLU A N   1 
ATOM   1324 C  CA  . GLU A 1 191 ? 13.976  -8.685  -5.604  1.00 22.92  ? 191 GLU A CA  1 
ATOM   1325 C  C   . GLU A 1 191 ? 13.374  -8.500  -4.207  1.00 21.74  ? 191 GLU A C   1 
ATOM   1326 O  O   . GLU A 1 191 ? 12.821  -9.455  -3.649  1.00 21.26  ? 191 GLU A O   1 
ATOM   1327 C  CB  . GLU A 1 191 ? 15.442  -9.109  -5.530  1.00 23.63  ? 191 GLU A CB  1 
ATOM   1328 C  CG  . GLU A 1 191 ? 15.684  -10.390 -4.770  1.00 27.64  ? 191 GLU A CG  1 
ATOM   1329 C  CD  . GLU A 1 191 ? 17.102  -10.469 -4.258  1.00 32.17  ? 191 GLU A CD  1 
ATOM   1330 O  OE1 . GLU A 1 191 ? 17.644  -9.412  -3.866  1.00 35.78  ? 191 GLU A OE1 1 
ATOM   1331 O  OE2 . GLU A 1 191 ? 17.672  -11.580 -4.244  1.00 34.71  ? 191 GLU A OE2 1 
ATOM   1332 N  N   . PHE A 1 192 ? 13.447  -7.286  -3.654  1.00 21.41  ? 192 PHE A N   1 
ATOM   1333 C  CA  . PHE A 1 192 ? 12.890  -7.031  -2.323  1.00 21.13  ? 192 PHE A CA  1 
ATOM   1334 C  C   . PHE A 1 192 ? 11.375  -7.238  -2.260  1.00 20.76  ? 192 PHE A C   1 
ATOM   1335 O  O   . PHE A 1 192 ? 10.843  -7.621  -1.226  1.00 20.93  ? 192 PHE A O   1 
ATOM   1336 C  CB  . PHE A 1 192 ? 13.326  -5.675  -1.726  1.00 21.03  ? 192 PHE A CB  1 
ATOM   1337 C  CG  . PHE A 1 192 ? 12.709  -4.464  -2.389  1.00 20.62  ? 192 PHE A CG  1 
ATOM   1338 C  CD1 . PHE A 1 192 ? 11.457  -3.988  -1.985  1.00 20.98  ? 192 PHE A CD1 1 
ATOM   1339 C  CD2 . PHE A 1 192 ? 13.397  -3.776  -3.389  1.00 20.88  ? 192 PHE A CD2 1 
ATOM   1340 C  CE1 . PHE A 1 192 ? 10.884  -2.861  -2.596  1.00 20.04  ? 192 PHE A CE1 1 
ATOM   1341 C  CE2 . PHE A 1 192 ? 12.836  -2.637  -4.001  1.00 20.74  ? 192 PHE A CE2 1 
ATOM   1342 C  CZ  . PHE A 1 192 ? 11.578  -2.184  -3.606  1.00 20.04  ? 192 PHE A CZ  1 
ATOM   1343 N  N   . LEU A 1 193 ? 10.689  -7.009  -3.376  1.00 20.31  ? 193 LEU A N   1 
ATOM   1344 C  CA  . LEU A 1 193 ? 9.268   -7.339  -3.458  1.00 19.76  ? 193 LEU A CA  1 
ATOM   1345 C  C   . LEU A 1 193 ? 9.041   -8.854  -3.493  1.00 19.50  ? 193 LEU A C   1 
ATOM   1346 O  O   . LEU A 1 193 ? 8.259   -9.392  -2.716  1.00 18.73  ? 193 LEU A O   1 
ATOM   1347 C  CB  . LEU A 1 193 ? 8.623   -6.655  -4.671  1.00 19.90  ? 193 LEU A CB  1 
ATOM   1348 C  CG  . LEU A 1 193 ? 8.534   -5.130  -4.555  1.00 19.13  ? 193 LEU A CG  1 
ATOM   1349 C  CD1 . LEU A 1 193 ? 8.030   -4.516  -5.857  1.00 20.05  ? 193 LEU A CD1 1 
ATOM   1350 C  CD2 . LEU A 1 193 ? 7.642   -4.716  -3.374  1.00 18.42  ? 193 LEU A CD2 1 
ATOM   1351 N  N   . ARG A 1 194 ? 9.749   -9.535  -4.392  1.00 19.34  ? 194 ARG A N   1 
ATOM   1352 C  CA  . ARG A 1 194 ? 9.600   -10.977 -4.553  1.00 19.43  ? 194 ARG A CA  1 
ATOM   1353 C  C   . ARG A 1 194 ? 9.941   -11.745 -3.281  1.00 19.14  ? 194 ARG A C   1 
ATOM   1354 O  O   . ARG A 1 194 ? 9.266   -12.719 -2.936  1.00 18.81  ? 194 ARG A O   1 
ATOM   1355 C  CB  . ARG A 1 194 ? 10.425  -11.458 -5.746  1.00 19.62  ? 194 ARG A CB  1 
ATOM   1356 C  CG  . ARG A 1 194 ? 9.727   -11.101 -7.063  1.00 21.99  ? 194 ARG A CG  1 
ATOM   1357 C  CD  . ARG A 1 194 ? 10.418  -11.677 -8.286  1.00 26.47  ? 194 ARG A CD  1 
ATOM   1358 N  NE  . ARG A 1 194 ? 11.726  -11.062 -8.483  1.00 30.32  ? 194 ARG A NE  1 
ATOM   1359 C  CZ  . ARG A 1 194 ? 12.879  -11.662 -8.195  1.00 32.66  ? 194 ARG A CZ  1 
ATOM   1360 N  NH1 . ARG A 1 194 ? 12.883  -12.900 -7.708  1.00 33.64  ? 194 ARG A NH1 1 
ATOM   1361 N  NH2 . ARG A 1 194 ? 14.023  -11.027 -8.392  1.00 33.70  ? 194 ARG A NH2 1 
ATOM   1362 N  N   . ALA A 1 195 ? 10.954  -11.254 -2.569  1.00 19.10  ? 195 ALA A N   1 
ATOM   1363 C  CA  . ALA A 1 195 ? 11.414  -11.856 -1.312  1.00 19.45  ? 195 ALA A CA  1 
ATOM   1364 C  C   . ALA A 1 195 ? 10.366  -11.852 -0.199  1.00 19.11  ? 195 ALA A C   1 
ATOM   1365 O  O   . ALA A 1 195 ? 10.442  -12.651 0.737   1.00 19.13  ? 195 ALA A O   1 
ATOM   1366 C  CB  . ALA A 1 195 ? 12.672  -11.154 -0.832  1.00 19.89  ? 195 ALA A CB  1 
ATOM   1367 N  N   . ASN A 1 196 ? 9.378   -10.971 -0.314  1.00 18.83  ? 196 ASN A N   1 
ATOM   1368 C  CA  . ASN A 1 196 ? 8.377   -10.796 0.728   1.00 18.44  ? 196 ASN A CA  1 
ATOM   1369 C  C   . ASN A 1 196 ? 6.976   -11.340 0.405   1.00 17.92  ? 196 ASN A C   1 
ATOM   1370 O  O   . ASN A 1 196 ? 6.028   -11.058 1.093   1.00 18.10  ? 196 ASN A O   1 
ATOM   1371 C  CB  . ASN A 1 196 ? 8.315   -9.335  1.151   1.00 18.61  ? 196 ASN A CB  1 
ATOM   1372 C  CG  . ASN A 1 196 ? 9.504   -8.938  1.979   1.00 19.17  ? 196 ASN A CG  1 
ATOM   1373 O  OD1 . ASN A 1 196 ? 9.559   -9.231  3.161   1.00 20.28  ? 196 ASN A OD1 1 
ATOM   1374 N  ND2 . ASN A 1 196 ? 10.478  -8.314  1.353   1.00 18.93  ? 196 ASN A ND2 1 
ATOM   1375 N  N   . LEU A 1 197 ? 6.867   -12.110 -0.669  1.00 17.60  ? 197 LEU A N   1 
ATOM   1376 C  CA  . LEU A 1 197 ? 5.633   -12.815 -0.967  1.00 17.99  ? 197 LEU A CA  1 
ATOM   1377 C  C   . LEU A 1 197 ? 5.307   -13.843 0.108   1.00 18.44  ? 197 LEU A C   1 
ATOM   1378 O  O   . LEU A 1 197 ? 6.197   -14.422 0.694   1.00 19.72  ? 197 LEU A O   1 
ATOM   1379 C  CB  . LEU A 1 197 ? 5.713   -13.490 -2.328  1.00 17.80  ? 197 LEU A CB  1 
ATOM   1380 C  CG  . LEU A 1 197 ? 5.799   -12.562 -3.531  1.00 17.66  ? 197 LEU A CG  1 
ATOM   1381 C  CD1 . LEU A 1 197 ? 6.184   -13.348 -4.778  1.00 16.91  ? 197 LEU A CD1 1 
ATOM   1382 C  CD2 . LEU A 1 197 ? 4.482   -11.832 -3.717  1.00 17.23  ? 197 LEU A CD2 1 
ATOM   1383 N  N   . GLY A 1 198 ? 4.020   -14.068 0.340   1.00 18.74  ? 198 GLY A N   1 
ATOM   1384 C  CA  . GLY A 1 198 ? 3.563   -15.174 1.156   1.00 19.70  ? 198 GLY A CA  1 
ATOM   1385 C  C   . GLY A 1 198 ? 3.471   -14.879 2.646   1.00 20.00  ? 198 GLY A C   1 
ATOM   1386 O  O   . GLY A 1 198 ? 3.418   -15.780 3.460   1.00 20.03  ? 198 GLY A O   1 
ATOM   1387 N  N   . ARG A 1 199 ? 3.466   -13.597 2.980   1.00 20.61  ? 199 ARG A N   1 
ATOM   1388 C  CA  . ARG A 1 199 ? 3.570   -13.169 4.364   1.00 21.01  ? 199 ARG A CA  1 
ATOM   1389 C  C   . ARG A 1 199 ? 2.961   -11.801 4.530   1.00 19.52  ? 199 ARG A C   1 
ATOM   1390 O  O   . ARG A 1 199 ? 2.900   -11.042 3.589   1.00 19.18  ? 199 ARG A O   1 
ATOM   1391 C  CB  . ARG A 1 199 ? 5.015   -13.176 4.851   1.00 21.36  ? 199 ARG A CB  1 
ATOM   1392 C  CG  . ARG A 1 199 ? 5.841   -11.958 4.508   1.00 23.79  ? 199 ARG A CG  1 
ATOM   1393 C  CD  . ARG A 1 199 ? 7.347   -12.175 4.617   1.00 24.53  ? 199 ARG A CD  1 
ATOM   1394 N  NE  . ARG A 1 199 ? 8.017   -11.134 5.387   1.00 31.55  ? 199 ARG A NE  1 
ATOM   1395 C  CZ  . ARG A 1 199 ? 9.297   -11.163 5.747   1.00 32.36  ? 199 ARG A CZ  1 
ATOM   1396 N  NH1 . ARG A 1 199 ? 9.829   -10.181 6.464   1.00 32.62  ? 199 ARG A NH1 1 
ATOM   1397 N  NH2 . ARG A 1 199 ? 10.050  -12.172 5.380   1.00 34.04  ? 199 ARG A NH2 1 
ATOM   1398 N  N   . SER A 1 200 ? 2.504   -11.524 5.734   1.00 17.74  ? 200 SER A N   1 
ATOM   1399 C  CA  . SER A 1 200 ? 2.058   -10.199 6.106   1.00 16.41  ? 200 SER A CA  1 
ATOM   1400 C  C   . SER A 1 200 ? 2.902   -9.718  7.279   1.00 15.66  ? 200 SER A C   1 
ATOM   1401 O  O   . SER A 1 200 ? 3.283   -10.497 8.135   1.00 15.10  ? 200 SER A O   1 
ATOM   1402 C  CB  . SER A 1 200 ? 0.578   -10.229 6.484   1.00 17.02  ? 200 SER A CB  1 
ATOM   1403 O  OG  . SER A 1 200 ? -0.253  -10.420 5.356   1.00 17.90  ? 200 SER A OG  1 
ATOM   1404 N  N   . ILE A 1 201 ? 3.198   -8.424  7.287   1.00 14.69  ? 201 ILE A N   1 
ATOM   1405 C  CA  . ILE A 1 201 ? 3.875   -7.831  8.433   1.00 14.74  ? 201 ILE A CA  1 
ATOM   1406 C  C   . ILE A 1 201 ? 2.891   -7.081  9.325   1.00 14.41  ? 201 ILE A C   1 
ATOM   1407 O  O   . ILE A 1 201 ? 2.234   -6.137  8.886   1.00 13.50  ? 201 ILE A O   1 
ATOM   1408 C  CB  . ILE A 1 201 ? 4.994   -6.882  7.966   1.00 15.06  ? 201 ILE A CB  1 
ATOM   1409 C  CG1 . ILE A 1 201 ? 5.790   -7.517  6.824   1.00 18.69  ? 201 ILE A CG1 1 
ATOM   1410 C  CG2 . ILE A 1 201 ? 5.909   -6.525  9.127   1.00 16.31  ? 201 ILE A CG2 1 
ATOM   1411 C  CD1 . ILE A 1 201 ? 6.418   -8.847  7.184   1.00 22.02  ? 201 ILE A CD1 1 
ATOM   1412 N  N   . LEU A 1 202 ? 2.815   -7.480  10.577  1.00 14.10  ? 202 LEU A N   1 
ATOM   1413 C  CA  . LEU A 1 202 ? 1.897   -6.838  11.491  1.00 16.53  ? 202 LEU A CA  1 
ATOM   1414 C  C   . LEU A 1 202 ? 2.648   -5.940  12.441  1.00 16.90  ? 202 LEU A C   1 
ATOM   1415 O  O   . LEU A 1 202 ? 3.518   -6.399  13.157  1.00 17.64  ? 202 LEU A O   1 
ATOM   1416 C  CB  . LEU A 1 202 ? 1.139   -7.877  12.296  1.00 15.94  ? 202 LEU A CB  1 
ATOM   1417 C  CG  . LEU A 1 202 ? -0.153  -8.446  11.739  1.00 18.93  ? 202 LEU A CG  1 
ATOM   1418 C  CD1 . LEU A 1 202 ? 0.038   -9.001  10.355  1.00 21.75  ? 202 LEU A CD1 1 
ATOM   1419 C  CD2 . LEU A 1 202 ? -0.724  -9.477  12.697  1.00 18.92  ? 202 LEU A CD2 1 
ATOM   1420 N  N   . PHE A 1 203 ? 2.276   -4.670  12.447  1.00 17.30  ? 203 PHE A N   1 
ATOM   1421 C  CA  . PHE A 1 203 ? 2.889   -3.708  13.325  1.00 18.57  ? 203 PHE A CA  1 
ATOM   1422 C  C   . PHE A 1 203 ? 2.221   -3.681  14.678  1.00 18.95  ? 203 PHE A C   1 
ATOM   1423 O  O   . PHE A 1 203 ? 1.007   -3.594  14.766  1.00 18.16  ? 203 PHE A O   1 
ATOM   1424 C  CB  . PHE A 1 203 ? 2.814   -2.318  12.730  1.00 18.96  ? 203 PHE A CB  1 
ATOM   1425 C  CG  . PHE A 1 203 ? 3.548   -2.181  11.451  1.00 21.38  ? 203 PHE A CG  1 
ATOM   1426 C  CD1 . PHE A 1 203 ? 2.920   -1.683  10.338  1.00 23.20  ? 203 PHE A CD1 1 
ATOM   1427 C  CD2 . PHE A 1 203 ? 4.862   -2.527  11.362  1.00 23.41  ? 203 PHE A CD2 1 
ATOM   1428 C  CE1 . PHE A 1 203 ? 3.583   -1.541  9.166   1.00 24.37  ? 203 PHE A CE1 1 
ATOM   1429 C  CE2 . PHE A 1 203 ? 5.524   -2.386  10.183  1.00 25.56  ? 203 PHE A CE2 1 
ATOM   1430 C  CZ  . PHE A 1 203 ? 4.876   -1.896  9.092   1.00 24.19  ? 203 PHE A CZ  1 
ATOM   1431 N  N   . ASP A 1 204 ? 3.032   -3.710  15.724  1.00 18.85  ? 204 ASP A N   1 
ATOM   1432 C  CA  . ASP A 1 204 ? 2.608   -3.189  17.011  1.00 20.19  ? 204 ASP A CA  1 
ATOM   1433 C  C   . ASP A 1 204 ? 2.124   -1.748  16.924  1.00 20.83  ? 204 ASP A C   1 
ATOM   1434 O  O   . ASP A 1 204 ? 2.572   -0.990  16.084  1.00 21.01  ? 204 ASP A O   1 
ATOM   1435 C  CB  . ASP A 1 204 ? 3.725   -3.285  18.033  1.00 20.00  ? 204 ASP A CB  1 
ATOM   1436 C  CG  . ASP A 1 204 ? 4.148   -4.699  18.305  1.00 21.10  ? 204 ASP A CG  1 
ATOM   1437 O  OD1 . ASP A 1 204 ? 3.593   -5.609  17.676  1.00 23.15  ? 204 ASP A OD1 1 
ATOM   1438 O  OD2 . ASP A 1 204 ? 5.026   -4.982  19.138  1.00 22.97  ? 204 ASP A OD2 1 
ATOM   1439 N  N   . ALA A 1 205 ? 1.201   -1.383  17.798  1.00 22.28  ? 205 ALA A N   1 
ATOM   1440 C  CA  . ALA A 1 205 ? 0.740   -0.012  17.843  1.00 23.17  ? 205 ALA A CA  1 
ATOM   1441 C  C   . ALA A 1 205 ? 1.919   0.951   17.883  1.00 23.76  ? 205 ALA A C   1 
ATOM   1442 O  O   . ALA A 1 205 ? 2.834   0.783   18.665  1.00 24.36  ? 205 ALA A O   1 
ATOM   1443 C  CB  . ALA A 1 205 ? -0.169  0.202   19.009  1.00 23.38  ? 205 ALA A CB  1 
ATOM   1444 N  N   . GLY A 1 206 ? 1.880   1.953   17.012  1.00 24.55  ? 206 GLY A N   1 
ATOM   1445 C  CA  . GLY A 1 206 ? 2.915   2.994   16.977  1.00 25.12  ? 206 GLY A CA  1 
ATOM   1446 C  C   . GLY A 1 206 ? 4.119   2.718   16.086  1.00 25.76  ? 206 GLY A C   1 
ATOM   1447 O  O   . GLY A 1 206 ? 4.917   3.625   15.807  1.00 26.37  ? 206 GLY A O   1 
ATOM   1448 N  N   . VAL A 1 207 ? 4.260   1.476   15.630  1.00 25.35  ? 207 VAL A N   1 
ATOM   1449 C  CA  . VAL A 1 207 ? 5.459   1.077   14.885  1.00 25.52  ? 207 VAL A CA  1 
ATOM   1450 C  C   . VAL A 1 207 ? 5.331   1.362   13.383  1.00 26.28  ? 207 VAL A C   1 
ATOM   1451 O  O   . VAL A 1 207 ? 6.327   1.678   12.708  1.00 25.94  ? 207 VAL A O   1 
ATOM   1452 C  CB  . VAL A 1 207 ? 5.817   -0.406  15.143  1.00 25.42  ? 207 VAL A CB  1 
ATOM   1453 C  CG1 . VAL A 1 207 ? 7.093   -0.799  14.422  1.00 24.87  ? 207 VAL A CG1 1 
ATOM   1454 C  CG2 . VAL A 1 207 ? 5.964   -0.653  16.636  1.00 24.77  ? 207 VAL A CG2 1 
ATOM   1455 N  N   . GLY A 1 208 ? 4.108   1.250   12.876  1.00 26.98  ? 208 GLY A N   1 
ATOM   1456 C  CA  . GLY A 1 208 ? 3.837   1.402   11.451  1.00 28.47  ? 208 GLY A CA  1 
ATOM   1457 C  C   . GLY A 1 208 ? 4.095   2.799   10.925  1.00 29.69  ? 208 GLY A C   1 
ATOM   1458 O  O   . GLY A 1 208 ? 4.648   2.966   9.832   1.00 30.10  ? 208 GLY A O   1 
ATOM   1459 N  N   . LEU A 1 209 ? 3.705   3.801   11.709  1.00 30.53  ? 209 LEU A N   1 
ATOM   1460 C  CA  . LEU A 1 209 ? 3.806   5.196   11.288  1.00 31.40  ? 209 LEU A CA  1 
ATOM   1461 C  C   . LEU A 1 209 ? 5.161   5.789   11.649  1.00 31.89  ? 209 LEU A C   1 
ATOM   1462 O  O   . LEU A 1 209 ? 5.541   6.837   11.124  1.00 32.42  ? 209 LEU A O   1 
ATOM   1463 C  CB  . LEU A 1 209 ? 2.685   6.030   11.917  1.00 31.71  ? 209 LEU A CB  1 
ATOM   1464 C  CG  . LEU A 1 209 ? 1.227   5.661   11.606  1.00 32.30  ? 209 LEU A CG  1 
ATOM   1465 C  CD1 . LEU A 1 209 ? 0.282   6.539   12.415  1.00 32.78  ? 209 LEU A CD1 1 
ATOM   1466 C  CD2 . LEU A 1 209 ? 0.920   5.770   10.115  1.00 32.34  ? 209 LEU A CD2 1 
HETATM 1467 O  O   . HOH B 2 .   ? 4.319   -3.213  -5.212  1.00 13.74  ? 210 HOH A O   1 
HETATM 1468 O  O   . HOH B 2 .   ? 4.463   -9.210  2.217   1.00 17.62  ? 211 HOH A O   1 
HETATM 1469 O  O   . HOH B 2 .   ? -9.564  6.983   6.615   1.00 19.50  ? 212 HOH A O   1 
HETATM 1470 O  O   . HOH B 2 .   ? -0.104  -8.683  -13.531 1.00 21.05  ? 213 HOH A O   1 
HETATM 1471 O  O   . HOH B 2 .   ? -10.312 -13.214 3.916   1.00 17.04  ? 214 HOH A O   1 
HETATM 1472 O  O   . HOH B 2 .   ? -8.271  1.118   10.840  1.00 18.10  ? 215 HOH A O   1 
HETATM 1473 O  O   . HOH B 2 .   ? 1.409   8.386   -11.223 1.00 22.62  ? 216 HOH A O   1 
HETATM 1474 O  O   . HOH B 2 .   ? 3.301   -13.116 -6.920  1.00 22.20  ? 217 HOH A O   1 
HETATM 1475 O  O   . HOH B 2 .   ? -4.605  2.008   13.084  1.00 18.82  ? 218 HOH A O   1 
HETATM 1476 O  O   . HOH B 2 .   ? -7.370  3.543   24.002  1.00 22.16  ? 219 HOH A O   1 
HETATM 1477 O  O   . HOH B 2 .   ? 8.050   7.070   -16.401 1.00 22.91  ? 220 HOH A O   1 
HETATM 1478 O  O   . HOH B 2 .   ? 17.099  4.295   -6.333  1.00 26.18  ? 221 HOH A O   1 
HETATM 1479 O  O   . HOH B 2 .   ? -3.880  -11.410 -2.137  1.00 26.06  ? 222 HOH A O   1 
HETATM 1480 O  O   . HOH B 2 .   ? -13.837 2.142   -10.617 1.00 23.62  ? 223 HOH A O   1 
HETATM 1481 O  O   . HOH B 2 .   ? 1.101   -5.891  -18.314 1.00 24.71  ? 224 HOH A O   1 
HETATM 1482 O  O   . HOH B 2 .   ? 1.571   -6.866  19.231  1.00 27.26  ? 225 HOH A O   1 
HETATM 1483 O  O   . HOH B 2 .   ? -14.828 -4.725  0.965   1.00 30.23  ? 226 HOH A O   1 
HETATM 1484 O  O   . HOH B 2 .   ? 19.801  8.772   4.172   1.00 28.20  ? 227 HOH A O   1 
HETATM 1485 O  O   . HOH B 2 .   ? 15.058  2.942   -10.487 1.00 29.20  ? 228 HOH A O   1 
HETATM 1486 O  O   . HOH B 2 .   ? 5.662   9.552   9.984   1.00 22.25  ? 229 HOH A O   1 
HETATM 1487 O  O   . HOH B 2 .   ? 15.505  6.705   -7.724  1.00 29.49  ? 230 HOH A O   1 
HETATM 1488 O  O   . HOH B 2 .   ? -12.188 2.205   1.485   1.00 29.41  ? 231 HOH A O   1 
HETATM 1489 O  O   . HOH B 2 .   ? -4.155  -12.344 7.710   1.00 27.08  ? 232 HOH A O   1 
HETATM 1490 O  O   . HOH B 2 .   ? -10.127 2.001   -4.307  1.00 24.14  ? 233 HOH A O   1 
HETATM 1491 O  O   . HOH B 2 .   ? 12.112  -1.484  9.751   1.00 25.77  ? 234 HOH A O   1 
HETATM 1492 O  O   . HOH B 2 .   ? 15.885  -5.592  -4.853  1.00 26.45  ? 235 HOH A O   1 
HETATM 1493 O  O   . HOH B 2 .   ? 9.790   -0.450  -14.318 1.00 22.59  ? 236 HOH A O   1 
HETATM 1494 O  O   . HOH B 2 .   ? -4.901  7.964   -4.402  1.00 23.11  ? 237 HOH A O   1 
HETATM 1495 O  O   . HOH B 2 .   ? -13.789 0.446   20.771  1.00 31.07  ? 238 HOH A O   1 
HETATM 1496 O  O   . HOH B 2 .   ? -0.497  7.588   -8.060  1.00 21.69  ? 239 HOH A O   1 
HETATM 1497 O  O   . HOH B 2 .   ? 12.661  2.638   -11.319 1.00 19.89  ? 240 HOH A O   1 
HETATM 1498 O  O   . HOH B 2 .   ? -1.413  -11.970 -1.665  1.00 20.45  ? 241 HOH A O   1 
HETATM 1499 O  O   . HOH B 2 .   ? -1.140  8.288   -24.886 1.00 22.45  ? 242 HOH A O   1 
HETATM 1500 O  O   . HOH B 2 .   ? 1.632   0.653   14.109  1.00 25.43  ? 243 HOH A O   1 
HETATM 1501 O  O   . HOH B 2 .   ? 14.535  0.414   6.209   1.00 25.15  ? 244 HOH A O   1 
HETATM 1502 O  O   . HOH B 2 .   ? -10.202 -8.026  -4.895  1.00 29.38  ? 245 HOH A O   1 
HETATM 1503 O  O   . HOH B 2 .   ? 6.730   1.204   8.599   1.00 27.54  ? 246 HOH A O   1 
HETATM 1504 O  O   . HOH B 2 .   ? -10.869 -4.974  -13.290 1.00 29.49  ? 247 HOH A O   1 
HETATM 1505 O  O   . HOH B 2 .   ? 5.189   5.681   -17.862 1.00 41.40  ? 248 HOH A O   1 
HETATM 1506 O  O   . HOH B 2 .   ? 12.903  -2.069  -13.113 1.00 30.65  ? 249 HOH A O   1 
HETATM 1507 O  O   . HOH B 2 .   ? 1.937   -12.569 -0.825  1.00 27.89  ? 250 HOH A O   1 
HETATM 1508 O  O   . HOH B 2 .   ? 7.552   -0.481  -20.853 1.00 30.48  ? 251 HOH A O   1 
HETATM 1509 O  O   . HOH B 2 .   ? -10.300 -9.708  -2.302  1.00 28.74  ? 252 HOH A O   1 
HETATM 1510 O  O   . HOH B 2 .   ? 17.337  2.865   5.649   1.00 29.71  ? 253 HOH A O   1 
HETATM 1511 O  O   . HOH B 2 .   ? 4.650   2.921   -20.125 1.00 23.13  ? 254 HOH A O   1 
HETATM 1512 O  O   . HOH B 2 .   ? -10.756 -0.884  -15.574 1.00 25.08  ? 255 HOH A O   1 
HETATM 1513 O  O   . HOH B 2 .   ? 15.110  11.830  -2.554  1.00 33.27  ? 256 HOH A O   1 
HETATM 1514 O  O   . HOH B 2 .   ? -0.975  -1.240  14.717  1.00 25.00  ? 257 HOH A O   1 
HETATM 1515 O  O   . HOH B 2 .   ? -1.881  -12.503 6.275   1.00 24.23  ? 258 HOH A O   1 
HETATM 1516 O  O   . HOH B 2 .   ? 5.621   -7.011  -15.493 1.00 32.12  ? 259 HOH A O   1 
HETATM 1517 O  O   . HOH B 2 .   ? 12.916  -7.565  2.775   1.00 25.95  ? 260 HOH A O   1 
HETATM 1518 O  O   . HOH B 2 .   ? 20.910  2.562   -0.448  1.00 31.20  ? 261 HOH A O   1 
HETATM 1519 O  O   . HOH B 2 .   ? 2.970   -0.790  20.919  1.00 33.57  ? 262 HOH A O   1 
HETATM 1520 O  O   . HOH B 2 .   ? -15.546 0.088   -9.870  1.00 23.61  ? 263 HOH A O   1 
HETATM 1521 O  O   . HOH B 2 .   ? 22.431  5.049   -2.164  1.00 30.26  ? 264 HOH A O   1 
HETATM 1522 O  O   . HOH B 2 .   ? -1.028  -5.126  13.577  1.00 28.52  ? 265 HOH A O   1 
HETATM 1523 O  O   . HOH B 2 .   ? -14.695 -3.949  -4.436  1.00 29.05  ? 266 HOH A O   1 
HETATM 1524 O  O   . HOH B 2 .   ? -9.038  -7.182  -14.070 1.00 31.47  ? 267 HOH A O   1 
HETATM 1525 O  O   . HOH B 2 .   ? 1.961   -6.756  15.766  1.00 25.34  ? 268 HOH A O   1 
HETATM 1526 O  O   . HOH B 2 .   ? -12.329 -7.347  -6.544  1.00 32.21  ? 269 HOH A O   1 
HETATM 1527 O  O   . HOH B 2 .   ? -5.261  2.186   10.478  1.00 24.17  ? 270 HOH A O   1 
HETATM 1528 O  O   . HOH B 2 .   ? 6.137   11.837  -9.422  1.00 25.21  ? 271 HOH A O   1 
HETATM 1529 O  O   . HOH B 2 .   ? -0.868  9.503   -5.786  1.00 28.40  ? 272 HOH A O   1 
HETATM 1530 O  O   . HOH B 2 .   ? -9.869  -15.695 1.444   1.00 33.30  ? 273 HOH A O   1 
HETATM 1531 O  O   . HOH B 2 .   ? -10.127 -9.189  -15.097 1.00 34.95  ? 274 HOH A O   1 
HETATM 1532 O  O   . HOH B 2 .   ? 7.944   -8.425  -14.745 1.00 34.00  ? 275 HOH A O   1 
HETATM 1533 O  O   . HOH B 2 .   ? 4.565   2.258   -17.352 1.00 31.83  ? 276 HOH A O   1 
HETATM 1534 O  O   . HOH B 2 .   ? 0.171   10.732  -8.733  1.00 35.03  ? 277 HOH A O   1 
HETATM 1535 O  O   . HOH B 2 .   ? 6.178   -13.498 -13.586 1.00 26.84  ? 278 HOH A O   1 
HETATM 1536 O  O   . HOH B 2 .   ? -9.478  10.957  10.031  1.00 37.40  ? 279 HOH A O   1 
HETATM 1537 O  O   . HOH B 2 .   ? -4.933  7.472   -10.763 1.00 29.93  ? 280 HOH A O   1 
HETATM 1538 O  O   . HOH B 2 .   ? -11.850 -6.934  26.590  1.00 35.74  ? 281 HOH A O   1 
HETATM 1539 O  O   . HOH B 2 .   ? 4.614   17.842  -4.186  1.00 35.29  ? 282 HOH A O   1 
HETATM 1540 O  O   . HOH B 2 .   ? -12.099 1.909   -1.148  1.00 25.18  ? 283 HOH A O   1 
HETATM 1541 O  O   . HOH B 2 .   ? 18.161  -1.346  -0.356  1.00 30.27  ? 284 HOH A O   1 
HETATM 1542 O  O   . HOH B 2 .   ? 10.670  -8.707  5.558   1.00 28.41  ? 285 HOH A O   1 
HETATM 1543 O  O   . HOH B 2 .   ? -15.635 -6.548  14.375  1.00 33.81  ? 286 HOH A O   1 
HETATM 1544 O  O   . HOH B 2 .   ? 6.703   13.258  -11.757 1.00 37.28  ? 287 HOH A O   1 
HETATM 1545 O  O   . HOH B 2 .   ? 16.739  -3.226  -6.221  1.00 51.75  ? 288 HOH A O   1 
HETATM 1546 O  O   . HOH B 2 .   ? 10.088  -5.666  -15.429 1.00 25.83  ? 289 HOH A O   1 
HETATM 1547 O  O   . HOH B 2 .   ? -10.131 2.311   13.296  1.00 35.97  ? 290 HOH A O   1 
HETATM 1548 O  O   . HOH B 2 .   ? 4.849   17.218  3.286   1.00 29.98  ? 291 HOH A O   1 
HETATM 1549 O  O   . HOH B 2 .   ? -5.508  -3.433  -17.653 1.00 34.74  ? 292 HOH A O   1 
HETATM 1550 O  O   . HOH B 2 .   ? -0.028  -3.473  19.511  1.00 30.84  ? 293 HOH A O   1 
HETATM 1551 O  O   . HOH B 2 .   ? -5.021  10.730  16.945  1.00 40.07  ? 294 HOH A O   1 
HETATM 1552 O  O   . HOH B 2 .   ? 16.787  -1.662  7.080   1.00 37.16  ? 295 HOH A O   1 
HETATM 1553 O  O   . HOH B 2 .   ? 13.641  12.443  -0.312  1.00 32.72  ? 296 HOH A O   1 
HETATM 1554 O  O   . HOH B 2 .   ? -8.874  4.273   -3.213  1.00 35.66  ? 297 HOH A O   1 
HETATM 1555 O  O   . HOH B 2 .   ? -3.496  7.724   -7.394  1.00 34.46  ? 298 HOH A O   1 
HETATM 1556 O  O   . HOH B 2 .   ? -4.643  -17.778 10.801  1.00 28.53  ? 299 HOH A O   1 
HETATM 1557 O  O   . HOH B 2 .   ? -17.166 -2.232  -6.771  1.00 31.10  ? 300 HOH A O   1 
HETATM 1558 O  O   . HOH B 2 .   ? 8.019   -0.162  10.535  1.00 32.41  ? 301 HOH A O   1 
HETATM 1559 O  O   . HOH B 2 .   ? -1.993  9.501   -8.048  1.00 21.21  ? 302 HOH A O   1 
HETATM 1560 O  O   . HOH B 2 .   ? -22.474 10.104  13.074  1.00 40.65  ? 303 HOH A O   1 
HETATM 1561 O  O   . HOH B 2 .   ? -14.760 -1.281  -2.260  1.00 29.42  ? 304 HOH A O   1 
HETATM 1562 O  O   . HOH B 2 .   ? 7.403   -13.796 -8.556  1.00 33.24  ? 305 HOH A O   1 
HETATM 1563 O  O   . HOH B 2 .   ? 21.320  1.739   2.149   1.00 41.28  ? 306 HOH A O   1 
HETATM 1564 O  O   . HOH B 2 .   ? 16.720  -2.819  -1.968  1.00 36.63  ? 307 HOH A O   1 
HETATM 1565 O  O   . HOH B 2 .   ? -11.770 -6.630  29.576  1.00 39.39  ? 308 HOH A O   1 
HETATM 1566 O  O   . HOH B 2 .   ? -7.998  -9.037  -7.153  1.00 30.49  ? 309 HOH A O   1 
HETATM 1567 O  O   . HOH B 2 .   ? 14.375  5.709   8.745   1.00 26.88  ? 310 HOH A O   1 
HETATM 1568 O  O   . HOH B 2 .   ? -13.440 2.241   -13.330 1.00 32.84  ? 311 HOH A O   1 
HETATM 1569 O  O   . HOH B 2 .   ? 20.092  5.875   5.353   1.00 31.28  ? 312 HOH A O   1 
HETATM 1570 O  O   . HOH B 2 .   ? 15.490  2.493   7.562   1.00 29.96  ? 313 HOH A O   1 
HETATM 1571 O  O   . HOH B 2 .   ? -9.512  -3.143  -14.656 1.00 43.47  ? 314 HOH A O   1 
HETATM 1572 O  O   . HOH B 2 .   ? 14.348  11.269  -12.221 1.00 49.59  ? 315 HOH A O   1 
HETATM 1573 O  O   . HOH B 2 .   ? -4.043  -4.059  30.007  1.00 45.62  ? 316 HOH A O   1 
HETATM 1574 O  O   . HOH B 2 .   ? 2.730   -8.033  -15.777 1.00 35.45  ? 317 HOH A O   1 
HETATM 1575 O  O   . HOH B 2 .   ? -14.154 6.635   22.275  1.00 52.43  ? 318 HOH A O   1 
HETATM 1576 O  O   . HOH B 2 .   ? 12.123  14.609  -0.633  1.00 48.85  ? 319 HOH A O   1 
HETATM 1577 O  O   . HOH B 2 .   ? -1.590  -0.340  -22.227 1.00 41.09  ? 320 HOH A O   1 
HETATM 1578 O  O   . HOH B 2 .   ? 0.013   4.767   17.238  1.00 30.72  ? 321 HOH A O   1 
HETATM 1579 O  O   . HOH B 2 .   ? 14.047  -0.901  8.527   1.00 39.29  ? 322 HOH A O   1 
HETATM 1580 O  O   . HOH B 2 .   ? -3.112  -15.297 9.948   1.00 32.39  ? 323 HOH A O   1 
HETATM 1581 O  O   . HOH B 2 .   ? 7.343   2.519   -17.331 1.00 31.76  ? 324 HOH A O   1 
HETATM 1582 O  O   . HOH B 2 .   ? -2.766  -3.527  15.107  1.00 35.21  ? 325 HOH A O   1 
HETATM 1583 O  O   . HOH B 2 .   ? -3.677  -6.642  29.665  1.00 48.21  ? 326 HOH A O   1 
HETATM 1584 O  O   . HOH B 2 .   ? -0.262  13.322  12.420  1.00 44.74  ? 327 HOH A O   1 
HETATM 1585 O  O   . HOH B 2 .   ? 23.648  7.358   -1.834  1.00 43.28  ? 328 HOH A O   1 
HETATM 1586 O  O   . HOH B 2 .   ? -9.441  7.341   -0.514  1.00 42.67  ? 329 HOH A O   1 
HETATM 1587 O  O   . HOH B 2 .   ? 17.686  -4.847  6.605   1.00 39.69  ? 330 HOH A O   1 
HETATM 1588 O  O   . HOH B 2 .   ? -12.329 -14.252 12.053  1.00 35.36  ? 331 HOH A O   1 
HETATM 1589 O  O   . HOH B 2 .   ? -6.523  0.093   12.174  1.00 34.34  ? 332 HOH A O   1 
HETATM 1590 O  O   . HOH B 2 .   ? 7.089   -6.446  -18.510 1.00 47.26  ? 333 HOH A O   1 
HETATM 1591 O  O   . HOH B 2 .   ? -8.367  -6.733  -16.492 1.00 43.81  ? 334 HOH A O   1 
HETATM 1592 O  O   . HOH B 2 .   ? -15.011 5.437   -13.686 1.00 38.96  ? 335 HOH A O   1 
HETATM 1593 O  O   . HOH B 2 .   ? -17.224 -0.822  25.634  1.00 36.66  ? 336 HOH A O   1 
HETATM 1594 O  O   . HOH B 2 .   ? -6.836  8.060   -20.000 1.00 35.29  ? 337 HOH A O   1 
HETATM 1595 O  O   . HOH B 2 .   ? -14.437 1.825   5.886   1.00 33.52  ? 338 HOH A O   1 
HETATM 1596 O  O   . HOH B 2 .   ? 1.646   12.230  -20.593 1.00 45.00  ? 339 HOH A O   1 
HETATM 1597 O  O   . HOH B 2 .   ? -21.056 12.815  13.472  1.00 30.97  ? 340 HOH A O   1 
HETATM 1598 O  O   . HOH B 2 .   ? 17.129  -5.061  -0.675  1.00 37.70  ? 341 HOH A O   1 
HETATM 1599 O  O   . HOH B 2 .   ? -13.089 0.764   -15.344 1.00 31.89  ? 342 HOH A O   1 
HETATM 1600 O  O   . HOH B 2 .   ? 3.611   -14.083 -10.963 1.00 49.63  ? 343 HOH A O   1 
HETATM 1601 O  O   . HOH B 2 .   ? -13.112 3.832   -15.164 1.00 43.61  ? 344 HOH A O   1 
HETATM 1602 O  O   . HOH B 2 .   ? -13.651 -11.528 9.587   1.00 37.06  ? 345 HOH A O   1 
HETATM 1603 O  O   . HOH B 2 .   ? -14.601 -13.927 13.811  1.00 39.13  ? 346 HOH A O   1 
HETATM 1604 O  O   . HOH B 2 .   ? 0.735   4.211   19.701  1.00 43.34  ? 347 HOH A O   1 
HETATM 1605 O  O   . HOH B 2 .   ? 11.975  -14.802 0.941   1.00 37.21  ? 348 HOH A O   1 
HETATM 1606 O  O   . HOH B 2 .   ? -3.255  -3.258  32.141  1.00 45.99  ? 349 HOH A O   1 
HETATM 1607 O  O   . HOH B 2 .   ? 19.897  -5.280  5.260   1.00 40.70  ? 350 HOH A O   1 
HETATM 1608 O  O   . HOH B 2 .   ? -7.782  -1.930  -18.767 1.00 41.68  ? 351 HOH A O   1 
HETATM 1609 O  O   . HOH B 2 .   ? -14.860 2.709   -19.503 1.00 37.85  ? 352 HOH A O   1 
HETATM 1610 O  O   . HOH B 2 .   ? -16.479 0.257   6.533   1.00 47.19  ? 353 HOH A O   1 
HETATM 1611 O  O   . HOH B 2 .   ? -2.546  9.307   -10.619 1.00 37.98  ? 354 HOH A O   1 
HETATM 1612 O  O   . HOH B 2 .   ? 7.767   -16.545 -0.030  1.00 35.40  ? 355 HOH A O   1 
HETATM 1613 O  O   . HOH B 2 .   ? 15.790  -7.590  6.533   1.00 110.86 ? 356 HOH A O   1 
HETATM 1614 O  O   . HOH B 2 .   ? -6.277  7.513   -8.667  1.00 31.64  ? 357 HOH A O   1 
HETATM 1615 O  O   . HOH B 2 .   ? 22.383  -0.911  2.357   1.00 44.20  ? 358 HOH A O   1 
HETATM 1616 O  O   . HOH B 2 .   ? -6.140  -6.082  23.797  1.00 44.61  ? 359 HOH A O   1 
HETATM 1617 O  O   . HOH B 2 .   ? 1.545   16.945  6.964   1.00 38.00  ? 360 HOH A O   1 
HETATM 1618 O  O   . HOH B 2 .   ? -13.422 -10.832 13.374  1.00 45.26  ? 361 HOH A O   1 
HETATM 1619 O  O   . HOH B 2 .   ? -5.665  7.664   -26.139 1.00 39.68  ? 362 HOH A O   1 
HETATM 1620 O  O   . HOH B 2 .   ? -14.408 2.778   19.328  1.00 39.22  ? 363 HOH A O   1 
HETATM 1621 O  O   . HOH B 2 .   ? -0.473  -3.411  -20.275 1.00 46.73  ? 364 HOH A O   1 
HETATM 1622 O  O   . HOH B 2 .   ? 17.705  -11.458 -7.306  1.00 47.71  ? 365 HOH A O   1 
HETATM 1623 O  O   . HOH B 2 .   ? -8.045  11.613  -1.587  1.00 50.93  ? 366 HOH A O   1 
HETATM 1624 O  O   . HOH B 2 .   ? 15.947  5.413   -9.939  1.00 40.30  ? 367 HOH A O   1 
HETATM 1625 O  O   . HOH B 2 .   ? 13.194  -8.361  6.183   0.50 41.72  ? 368 HOH A O   1 
HETATM 1626 O  O   . HOH B 2 .   ? -9.803  -11.938 -5.269  1.00 40.75  ? 369 HOH A O   1 
HETATM 1627 O  O   . HOH B 2 .   ? -8.259  -3.859  -16.838 1.00 39.65  ? 370 HOH A O   1 
HETATM 1628 O  O   . HOH B 2 .   ? 21.737  -1.240  -3.734  1.00 44.78  ? 371 HOH A O   1 
HETATM 1629 O  O   . HOH B 2 .   ? -12.185 -14.876 5.167   1.00 38.51  ? 372 HOH A O   1 
HETATM 1630 O  O   . HOH B 2 .   ? 3.493   11.901  -8.245  1.00 29.65  ? 373 HOH A O   1 
HETATM 1631 O  O   . HOH B 2 .   ? 16.664  -6.485  4.135   1.00 43.90  ? 374 HOH A O   1 
HETATM 1632 O  O   . HOH B 2 .   ? -2.828  -7.062  17.335  1.00 40.96  ? 375 HOH A O   1 
HETATM 1633 O  O   . HOH B 2 .   ? -10.991 -6.734  17.786  1.00 40.63  ? 376 HOH A O   1 
HETATM 1634 O  O   . HOH B 2 .   ? -19.274 -0.937  14.414  1.00 45.26  ? 377 HOH A O   1 
HETATM 1635 O  O   . HOH B 2 .   ? -13.899 2.340   -17.285 1.00 36.55  ? 378 HOH A O   1 
HETATM 1636 O  O   . HOH B 2 .   ? 16.255  -6.073  1.596   1.00 47.25  ? 379 HOH A O   1 
HETATM 1637 O  O   . HOH B 2 .   ? 22.088  -2.290  4.584   1.00 51.41  ? 380 HOH A O   1 
HETATM 1638 O  O   . HOH B 2 .   ? 19.044  -5.941  3.120   1.00 32.60  ? 381 HOH A O   1 
HETATM 1639 O  O   . HOH B 2 .   ? 16.053  -6.266  -7.489  1.00 41.94  ? 382 HOH A O   1 
HETATM 1640 O  O   . HOH B 2 .   ? -13.913 -4.525  25.714  1.00 39.36  ? 383 HOH A O   1 
HETATM 1641 O  O   . HOH B 2 .   ? -6.781  9.805   -22.102 1.00 34.85  ? 384 HOH A O   1 
HETATM 1642 O  O   . HOH B 2 .   ? 18.337  -5.938  9.097   1.00 45.07  ? 385 HOH A O   1 
HETATM 1643 O  O   . HOH B 2 .   ? 19.646  4.198   -5.634  1.00 33.10  ? 386 HOH A O   1 
HETATM 1644 O  O   . HOH B 2 .   ? 21.114  1.925   -5.823  1.00 50.58  ? 387 HOH A O   1 
HETATM 1645 O  O   . HOH B 2 .   ? -12.966 4.442   18.160  1.00 48.48  ? 388 HOH A O   1 
HETATM 1646 O  O   . HOH B 2 .   ? 15.626  -3.945  -9.269  1.00 59.39  ? 389 HOH A O   1 
HETATM 1647 O  O   . HOH B 2 .   ? -3.749  -0.596  8.666   1.00 42.29  ? 390 HOH A O   1 
HETATM 1648 O  O   . HOH B 2 .   ? -13.854 -6.557  16.847  1.00 45.54  ? 391 HOH A O   1 
HETATM 1649 O  O   . HOH B 2 .   ? 9.285   -14.471 4.754   1.00 32.23  ? 392 HOH A O   1 
HETATM 1650 O  O   . HOH B 2 .   ? -3.283  11.459  -7.657  1.00 36.95  ? 393 HOH A O   1 
HETATM 1651 O  O   . HOH B 2 .   ? -7.041  0.569   8.723   1.00 30.98  ? 394 HOH A O   1 
HETATM 1652 O  O   . HOH B 2 .   ? 1.654   19.790  -2.840  1.00 48.61  ? 395 HOH A O   1 
HETATM 1653 O  O   . HOH B 2 .   ? 13.749  14.329  -4.673  1.00 47.95  ? 396 HOH A O   1 
HETATM 1654 O  O   . HOH B 2 .   ? -4.073  13.128  15.261  1.00 52.87  ? 397 HOH A O   1 
HETATM 1655 O  O   . HOH B 2 .   ? -16.946 -0.998  8.774   1.00 43.74  ? 398 HOH A O   1 
HETATM 1656 O  O   . HOH B 2 .   ? 11.485  15.248  -5.804  1.00 48.77  ? 399 HOH A O   1 
HETATM 1657 O  O   . HOH B 2 .   ? 3.179   13.007  -16.331 1.00 44.58  ? 400 HOH A O   1 
# 
